data_8QU8
#
_entry.id   8QU8
#
_cell.length_a   1.00
_cell.length_b   1.00
_cell.length_c   1.00
_cell.angle_alpha   90.00
_cell.angle_beta   90.00
_cell.angle_gamma   90.00
#
_symmetry.space_group_name_H-M   'P 1'
#
loop_
_entity.id
_entity.type
_entity.pdbx_description
1 polymer 'von Hippel-Lindau disease tumor suppressor'
2 polymer Elongin-B
3 polymer Elongin-C
4 polymer Cullin-2
5 polymer 'E3 ubiquitin-protein ligase RBX1, N-terminally processed'
6 polymer 'GTPase KRas'
7 non-polymer 'ZINC ION'
8 non-polymer "GUANOSINE-5'-DIPHOSPHATE"
9 non-polymer (2S,4R)-1-[(2S)-2-[4-[4-[(3S)-4-[4-[5-[(4S)-2-azanyl-3-cyano-4-methyl-6,7-dihydro-5H-1-benzothiophen-4-yl]-1,2,4-oxadiazol-3-yl]pyrimidin-2-yl]-3-methyl-1,4-diazepan-1-yl]butoxy]-1,2,3-triazol-1-yl]-3-methyl-butanoyl]-N-[(1R)-1-[4-(4-methyl-1,3-thiazol-5-yl)phenyl]-2-oxidanyl-ethyl]-4-oxidanyl-pyrrolidine-2-carboxamide
#
loop_
_entity_poly.entity_id
_entity_poly.type
_entity_poly.pdbx_seq_one_letter_code
_entity_poly.pdbx_strand_id
1 'polypeptide(L)'
;PRRAENWDEAEVGAEEAGVEEYGPEEDGGEESGAEESGPEESGPEELGAEEEMEAGRPRPVLRSVNSREPSQVIFCNRSP
RVVLPVWLNFDGEPQPYPTLPPGTGRRIHSYRGHLWLFRDAGTHDGLLVNQTELFVPSLNVDGQPIFANITLPVYTLKER
CLQVVRSLVKPENYRRLDIVRSLYEDLEDHPNVQKDLERLTQERIAHQRMGD
;
A
2 'polypeptide(L)'
;DVFLMIRRHKTTIFTDAKESSTVFELKRIVEGILKRPPDEQRLYKDDQLLDDGKTLGECGFTSQTARPQAPATVGLAFRA
DDTFEALCIEPFSSPPELPDVMKPQDSGSSANEQAVQ
;
B
3 'polypeptide(L)'
;DGEEKTYGGCEGPDAMYVKLISSDGHEFIVKREHALTSGTIKAMLSGPGQFAENETNEVNFREIPSHVLSKVCMYFTYKV
RYTNSSTEIPEFPIAPEIALELLMAANFLDC
;
C
4 'polypeptide(L)'
;SLKPRVVDFDETWNKLLTTIKAVVMLEYVERATWNDRFSDIYALCVAYPEPLGERLYTETKIFLENHVRHLHKRVLESEE
QVLVMYHRYWEEYSKGADYMDCLYRYLNTQFIKKNKLTEADLQYGYGGVDMNEPLMEIGELALDMWRKLMVEPLQAILIR
MLLREIKNDRGGEDPNQKVIHGVINSFVHVEQYKKKFPLKFYQEIFESPFLTETGEYYKQEASNLLQESNCSQYMEKVLG
RLKDEEIRCRKYLHPSSYTKVIHECQQRMVADHLQFLHAECHNIIRQEKKNDMANMYVLLRAVSTGLPHMIQELQNHIHD
EGLRATSNLTQENMPTLFVESVLEVHGKFVQLINTVLNGDQHFMSALDKALTSVVNYREPKSVCKAPELLAKYCDNLLKK
SAKGMTENEVEDRLTSFITVFKYIDDKDVFQKFYARMLAKRLIHGLSMSMDSEEAMINKLKQACGYEFTSKLHRMYTDMS
VSADLNNKFNNFIKNQDTVIDLGISFQIYVLQAGAWPLTQAPSSTFAIPQELEKSVQMFELFYSQHFSGRKLTWLHYLCT
GEVKMNYLGKPYVAMVTTYQMAVLLAFNNSETVSYKELQDSTQMNEKELTKTIKSLLDVKMINHDSEKEDIDAESSFSLN
MNFSSKRTKFKITTSMQKDTPQEMEQTRSAVDEDRKMYLQAAIVRIMKARKVLRHNALIQEVISQSRARFNPSISMIKKC
IEVLIDKQYIERSQASADEYSYVA
;
D
5 'polypeptide(L)'
;AAAMDVDTPSGTNSGAGKKRFEVKKWNAVALWAWDIVVDNCAICRNHIMDLCIECQANQASATSEECTVAWGVCNHAFHF
HCISRWLKTRQVCPLDNREWEFQKYGH
;
E
6 'polypeptide(L)'
;GMTEYKLVVVGAVGVGKSALTIQLIQNHFVDEYDPTIEDSYRKQVVIDGETCLLDILDTAGQEEYSAMRDQYMRTGEGFL
CVFAINNTKSFEDIHHYREQIKRVKDSEDVPMVLVGNKSDLPSRTVDTKQAQDLARSYGIPFIETSAKTRQGVDDAFYTL
VREIRKHKEK
;
F
#
loop_
_chem_comp.id
_chem_comp.type
_chem_comp.name
_chem_comp.formula
GDP RNA linking GUANOSINE-5'-DIPHOSPHATE 'C10 H15 N5 O11 P2'
WYL non-polymer (2S,4R)-1-[(2S)-2-[4-[4-[(3S)-4-[4-[5-[(4S)-2-azanyl-3-cyano-4-methyl-6,7-dihydro-5H-1-benzothiophen-4-yl]-1,2,4-oxadiazol-3-yl]pyrimidin-2-yl]-3-methyl-1,4-diazepan-1-yl]butoxy]-1,2,3-triazol-1-yl]-3-methyl-butanoyl]-N-[(1R)-1-[4-(4-methyl-1,3-thiazol-5-yl)phenyl]-2-oxidanyl-ethyl]-4-oxidanyl-pyrrolidine-2-carboxamide 'C50 H62 N14 O6 S2'
ZN non-polymer 'ZINC ION' 'Zn 2'
#
# COMPACT_ATOMS: atom_id res chain seq x y z
N VAL A 65 -14.14 22.45 -5.29
CA VAL A 65 -15.20 21.53 -5.72
C VAL A 65 -16.29 21.44 -4.67
N ASN A 66 -17.42 20.87 -5.04
CA ASN A 66 -18.56 20.70 -4.14
C ASN A 66 -18.43 19.38 -3.41
N SER A 67 -18.24 19.44 -2.09
CA SER A 67 -18.10 18.25 -1.27
C SER A 67 -18.64 18.55 0.13
N ARG A 68 -18.94 17.48 0.86
CA ARG A 68 -19.43 17.63 2.22
C ARG A 68 -18.35 18.23 3.11
N GLU A 69 -18.78 18.88 4.20
CA GLU A 69 -17.90 19.63 5.08
C GLU A 69 -18.07 19.16 6.52
N PRO A 70 -17.58 17.95 6.85
CA PRO A 70 -17.59 17.47 8.24
C PRO A 70 -16.34 17.89 9.00
N SER A 71 -15.99 19.17 8.92
CA SER A 71 -14.75 19.66 9.53
C SER A 71 -14.89 21.13 9.88
N GLN A 72 -14.08 21.56 10.85
CA GLN A 72 -14.01 22.96 11.23
C GLN A 72 -12.60 23.25 11.72
N VAL A 73 -12.17 24.51 11.59
CA VAL A 73 -10.82 24.91 11.92
C VAL A 73 -10.87 26.15 12.82
N ILE A 74 -9.77 26.39 13.53
CA ILE A 74 -9.63 27.53 14.41
C ILE A 74 -8.55 28.45 13.85
N PHE A 75 -8.86 29.74 13.72
CA PHE A 75 -7.93 30.74 13.22
C PHE A 75 -7.41 31.55 14.40
N CYS A 76 -6.21 31.20 14.87
CA CYS A 76 -5.55 31.91 15.96
C CYS A 76 -4.23 32.49 15.43
N ASN A 77 -4.04 33.78 15.64
CA ASN A 77 -2.88 34.49 15.12
C ASN A 77 -1.96 34.89 16.26
N ARG A 78 -0.66 34.64 16.09
CA ARG A 78 0.35 35.04 17.05
C ARG A 78 1.13 36.28 16.59
N SER A 79 1.01 36.67 15.33
CA SER A 79 1.76 37.81 14.83
C SER A 79 1.20 39.11 15.38
N PRO A 80 2.05 40.10 15.66
CA PRO A 80 1.53 41.39 16.15
C PRO A 80 0.62 42.10 15.17
N ARG A 81 0.86 41.96 13.87
CA ARG A 81 0.08 42.70 12.89
C ARG A 81 -1.29 42.04 12.67
N VAL A 82 -2.22 42.84 12.15
CA VAL A 82 -3.57 42.36 11.88
C VAL A 82 -3.53 41.39 10.70
N VAL A 83 -4.37 40.35 10.77
CA VAL A 83 -4.40 39.28 9.78
C VAL A 83 -5.70 39.37 8.99
N LEU A 84 -5.58 39.41 7.67
CA LEU A 84 -6.74 39.38 6.78
C LEU A 84 -6.70 38.10 5.96
N PRO A 85 -7.51 37.10 6.27
CA PRO A 85 -7.46 35.84 5.53
C PRO A 85 -8.21 35.93 4.20
N VAL A 86 -7.66 35.24 3.20
CA VAL A 86 -8.31 35.07 1.91
C VAL A 86 -8.38 33.59 1.61
N TRP A 87 -9.57 33.10 1.26
CA TRP A 87 -9.83 31.68 1.08
C TRP A 87 -10.16 31.41 -0.38
N LEU A 88 -9.54 30.37 -0.93
CA LEU A 88 -9.73 29.99 -2.33
C LEU A 88 -10.93 29.06 -2.44
N ASN A 89 -11.91 29.45 -3.23
CA ASN A 89 -13.09 28.62 -3.48
C ASN A 89 -12.83 27.73 -4.70
N PHE A 90 -13.88 27.06 -5.18
CA PHE A 90 -13.74 26.23 -6.37
C PHE A 90 -13.45 27.07 -7.61
N ASP A 91 -13.90 28.34 -7.61
CA ASP A 91 -13.62 29.21 -8.76
C ASP A 91 -12.16 29.64 -8.78
N GLY A 92 -11.54 29.82 -7.62
CA GLY A 92 -10.16 30.25 -7.55
C GLY A 92 -9.94 31.72 -7.32
N GLU A 93 -10.99 32.48 -6.99
CA GLU A 93 -10.87 33.92 -6.80
C GLU A 93 -10.96 34.22 -5.31
N PRO A 94 -9.85 34.51 -4.64
CA PRO A 94 -9.92 34.79 -3.20
C PRO A 94 -10.72 36.06 -2.92
N GLN A 95 -11.45 36.04 -1.80
CA GLN A 95 -12.32 37.15 -1.46
C GLN A 95 -11.97 37.71 -0.08
N PRO A 96 -12.13 39.01 0.13
CA PRO A 96 -11.80 39.60 1.43
C PRO A 96 -12.73 39.12 2.53
N TYR A 97 -12.20 39.09 3.74
CA TYR A 97 -12.93 38.66 4.92
C TYR A 97 -12.62 39.64 6.05
N PRO A 98 -13.49 39.72 7.05
CA PRO A 98 -13.23 40.63 8.17
C PRO A 98 -11.91 40.32 8.87
N THR A 99 -11.21 41.38 9.25
CA THR A 99 -9.87 41.22 9.82
C THR A 99 -9.93 40.66 11.22
N LEU A 100 -8.96 39.79 11.54
CA LEU A 100 -8.83 39.21 12.88
C LEU A 100 -7.98 40.12 13.75
N PRO A 101 -8.49 40.56 14.91
CA PRO A 101 -7.67 41.37 15.81
C PRO A 101 -6.49 40.57 16.34
N PRO A 102 -5.37 41.23 16.64
CA PRO A 102 -4.19 40.49 17.10
C PRO A 102 -4.43 39.80 18.43
N GLY A 103 -3.80 38.63 18.58
CA GLY A 103 -3.91 37.88 19.82
C GLY A 103 -5.31 37.42 20.17
N THR A 104 -6.05 36.93 19.18
CA THR A 104 -7.41 36.46 19.36
C THR A 104 -7.59 35.14 18.62
N GLY A 105 -8.82 34.62 18.66
CA GLY A 105 -9.14 33.39 17.97
C GLY A 105 -10.63 33.30 17.71
N ARG A 106 -10.98 32.61 16.62
CA ARG A 106 -12.37 32.47 16.22
C ARG A 106 -12.63 31.03 15.79
N ARG A 107 -13.80 30.52 16.17
CA ARG A 107 -14.23 29.19 15.74
C ARG A 107 -14.94 29.32 14.39
N ILE A 108 -14.47 28.56 13.41
CA ILE A 108 -14.99 28.68 12.05
C ILE A 108 -15.03 27.30 11.40
N HIS A 109 -15.96 27.12 10.47
CA HIS A 109 -16.05 25.90 9.69
C HIS A 109 -15.20 26.06 8.42
N SER A 110 -15.24 25.08 7.53
CA SER A 110 -14.50 25.15 6.29
C SER A 110 -14.91 24.00 5.38
N TYR A 111 -14.78 24.22 4.07
CA TYR A 111 -14.81 23.14 3.10
C TYR A 111 -13.66 22.18 3.35
N ARG A 112 -13.92 20.90 3.13
CA ARG A 112 -12.87 19.90 3.26
C ARG A 112 -11.92 19.97 2.07
N GLY A 113 -10.62 20.00 2.35
CA GLY A 113 -9.63 20.02 1.30
C GLY A 113 -9.63 21.26 0.43
N HIS A 114 -9.70 22.45 1.03
CA HIS A 114 -9.69 23.70 0.29
C HIS A 114 -8.65 24.65 0.89
N LEU A 115 -7.90 25.32 0.01
CA LEU A 115 -6.76 26.11 0.44
C LEU A 115 -7.20 27.38 1.15
N TRP A 116 -6.38 27.85 2.08
CA TRP A 116 -6.57 29.10 2.79
C TRP A 116 -5.27 29.89 2.79
N LEU A 117 -5.37 31.19 2.51
CA LEU A 117 -4.21 32.07 2.47
C LEU A 117 -4.40 33.21 3.45
N PHE A 118 -3.39 33.47 4.27
CA PHE A 118 -3.43 34.49 5.31
C PHE A 118 -2.48 35.61 4.92
N ARG A 119 -2.99 36.84 4.91
CA ARG A 119 -2.22 37.99 4.48
C ARG A 119 -2.50 39.18 5.39
N ASP A 120 -1.56 40.11 5.41
CA ASP A 120 -1.73 41.34 6.19
C ASP A 120 -2.84 42.19 5.58
N ALA A 121 -3.61 42.84 6.46
CA ALA A 121 -4.69 43.71 5.98
C ALA A 121 -4.15 45.01 5.43
N GLY A 122 -3.12 45.58 6.06
CA GLY A 122 -2.61 46.87 5.66
C GLY A 122 -1.73 46.86 4.43
N THR A 123 -0.58 46.19 4.52
CA THR A 123 0.40 46.21 3.44
C THR A 123 0.56 44.85 2.75
N HIS A 124 -0.29 43.87 3.08
CA HIS A 124 -0.39 42.61 2.34
C HIS A 124 0.93 41.82 2.38
N ASP A 125 1.45 41.60 3.57
CA ASP A 125 2.69 40.85 3.72
C ASP A 125 2.42 39.34 3.77
N GLY A 126 3.50 38.56 3.75
CA GLY A 126 3.38 37.13 3.83
C GLY A 126 3.25 36.62 5.25
N LEU A 127 2.42 35.60 5.42
CA LEU A 127 2.20 34.97 6.70
C LEU A 127 2.24 33.46 6.53
N LEU A 128 2.82 32.78 7.53
CA LEU A 128 3.02 31.34 7.50
C LEU A 128 2.15 30.69 8.56
N VAL A 129 1.52 29.57 8.22
CA VAL A 129 0.69 28.80 9.13
C VAL A 129 1.15 27.35 9.09
N ASN A 130 1.31 26.74 10.27
CA ASN A 130 1.82 25.37 10.41
C ASN A 130 3.11 25.17 9.62
N GLN A 131 3.95 26.20 9.58
CA GLN A 131 5.19 26.19 8.79
C GLN A 131 4.92 25.91 7.32
N THR A 132 3.76 26.31 6.83
CA THR A 132 3.37 26.09 5.44
C THR A 132 2.63 27.31 4.92
N GLU A 133 2.63 27.47 3.60
CA GLU A 133 1.93 28.60 2.99
C GLU A 133 0.43 28.31 2.85
N LEU A 134 0.08 27.10 2.43
CA LEU A 134 -1.31 26.72 2.23
C LEU A 134 -1.86 26.01 3.47
N PHE A 135 -3.18 26.08 3.63
CA PHE A 135 -3.87 25.43 4.73
C PHE A 135 -4.99 24.57 4.17
N VAL A 136 -4.96 23.27 4.49
CA VAL A 136 -5.93 22.32 4.00
C VAL A 136 -6.65 21.69 5.18
N PRO A 137 -7.97 21.86 5.30
CA PRO A 137 -8.70 21.20 6.39
C PRO A 137 -8.73 19.69 6.20
N SER A 138 -8.81 18.99 7.33
CA SER A 138 -8.86 17.54 7.33
C SER A 138 -10.09 17.07 8.10
N LEU A 139 -10.43 15.80 7.89
CA LEU A 139 -11.58 15.23 8.58
C LEU A 139 -11.35 15.23 10.09
N ASN A 140 -12.42 15.49 10.84
CA ASN A 140 -12.30 15.58 12.28
C ASN A 140 -11.93 14.23 12.88
N VAL A 141 -11.07 14.28 13.90
CA VAL A 141 -10.62 13.09 14.61
C VAL A 141 -11.18 13.15 16.03
N ASP A 142 -11.79 12.05 16.47
CA ASP A 142 -12.35 11.81 17.81
C ASP A 142 -12.86 13.08 18.48
N GLY A 143 -13.68 13.85 17.76
CA GLY A 143 -14.34 15.00 18.33
C GLY A 143 -13.43 16.15 18.71
N GLN A 144 -12.22 16.20 18.18
CA GLN A 144 -11.29 17.28 18.50
C GLN A 144 -11.11 18.20 17.31
N PRO A 145 -11.55 19.47 17.39
CA PRO A 145 -11.32 20.40 16.29
C PRO A 145 -9.84 20.63 16.06
N ILE A 146 -9.48 20.83 14.79
CA ILE A 146 -8.09 21.07 14.43
C ILE A 146 -7.77 22.55 14.62
N PHE A 147 -6.53 22.82 15.06
CA PHE A 147 -6.10 24.17 15.40
C PHE A 147 -5.04 24.63 14.41
N ALA A 148 -5.17 25.88 13.96
CA ALA A 148 -4.21 26.52 13.08
C ALA A 148 -3.65 27.77 13.74
N ASN A 149 -2.33 27.86 13.82
CA ASN A 149 -1.65 28.98 14.47
C ASN A 149 -0.82 29.75 13.46
N ILE A 150 -1.02 31.07 13.42
CA ILE A 150 -0.38 31.95 12.44
C ILE A 150 0.84 32.59 13.09
N THR A 151 1.98 32.50 12.42
CA THR A 151 3.23 33.06 12.92
C THR A 151 3.87 33.95 11.86
N LEU A 152 4.68 34.90 12.31
CA LEU A 152 5.40 35.78 11.39
C LEU A 152 6.51 35.00 10.71
N PRO A 153 6.61 35.06 9.38
CA PRO A 153 7.73 34.38 8.70
C PRO A 153 9.04 35.11 8.96
N VAL A 154 10.13 34.37 8.75
CA VAL A 154 11.48 34.91 8.93
C VAL A 154 11.86 35.70 7.68
N TYR A 155 11.58 36.99 7.68
CA TYR A 155 11.86 37.84 6.52
C TYR A 155 13.35 38.10 6.39
N THR A 156 13.81 38.23 5.14
CA THR A 156 15.16 38.69 4.88
C THR A 156 15.26 40.20 5.11
N LEU A 157 16.48 40.66 5.36
CA LEU A 157 16.68 42.09 5.65
C LEU A 157 16.25 42.96 4.48
N LYS A 158 16.57 42.54 3.25
CA LYS A 158 16.14 43.31 2.09
C LYS A 158 14.63 43.38 2.01
N GLU A 159 13.94 42.27 2.28
CA GLU A 159 12.48 42.28 2.28
C GLU A 159 11.94 42.99 3.52
N ARG A 160 12.53 42.73 4.69
CA ARG A 160 12.05 43.35 5.92
C ARG A 160 12.24 44.86 5.92
N CYS A 161 13.39 45.32 5.42
CA CYS A 161 13.68 46.75 5.44
C CYS A 161 12.81 47.51 4.45
N LEU A 162 12.45 46.89 3.32
CA LEU A 162 11.58 47.56 2.36
C LEU A 162 10.20 47.82 2.96
N GLN A 163 9.74 46.96 3.88
CA GLN A 163 8.47 47.18 4.54
C GLN A 163 8.50 48.46 5.38
N VAL A 164 9.62 48.69 6.08
CA VAL A 164 9.76 49.92 6.86
C VAL A 164 9.78 51.13 5.93
N VAL A 165 10.52 51.04 4.83
CA VAL A 165 10.61 52.16 3.90
C VAL A 165 9.27 52.44 3.24
N ARG A 166 8.55 51.38 2.84
CA ARG A 166 7.28 51.57 2.15
C ARG A 166 6.26 52.27 3.03
N SER A 167 6.19 51.90 4.31
CA SER A 167 5.24 52.53 5.22
C SER A 167 5.56 54.00 5.41
N LEU A 168 6.84 54.34 5.56
CA LEU A 168 7.23 55.72 5.83
C LEU A 168 7.17 56.59 4.58
N VAL A 169 7.48 56.04 3.42
CA VAL A 169 7.62 56.83 2.20
C VAL A 169 6.30 56.86 1.45
N LYS A 170 5.88 58.07 1.06
CA LYS A 170 4.65 58.25 0.31
C LYS A 170 4.80 57.57 -1.05
N PRO A 171 3.82 56.75 -1.47
CA PRO A 171 4.00 55.98 -2.72
C PRO A 171 4.28 56.81 -3.97
N GLU A 172 4.07 58.13 -3.95
CA GLU A 172 4.45 58.96 -5.08
C GLU A 172 5.73 59.76 -4.84
N ASN A 173 6.59 59.29 -3.92
CA ASN A 173 7.82 60.02 -3.59
C ASN A 173 9.02 59.08 -3.52
N TYR A 174 9.02 58.00 -4.32
CA TYR A 174 10.19 57.12 -4.33
C TYR A 174 11.39 57.78 -4.98
N ARG A 175 11.20 58.44 -6.12
CA ARG A 175 12.32 58.91 -6.93
C ARG A 175 13.17 59.95 -6.21
N ARG A 176 12.64 60.62 -5.20
CA ARG A 176 13.40 61.62 -4.48
C ARG A 176 14.43 61.01 -3.53
N LEU A 177 14.28 59.73 -3.20
CA LEU A 177 15.23 59.07 -2.32
C LEU A 177 16.58 58.90 -3.02
N ASP A 178 17.67 59.02 -2.25
CA ASP A 178 19.02 58.89 -2.79
C ASP A 178 19.54 57.49 -2.46
N ILE A 179 19.13 56.52 -3.28
CA ILE A 179 19.55 55.14 -3.16
C ILE A 179 20.03 54.66 -4.54
N VAL A 180 20.39 53.38 -4.60
CA VAL A 180 20.87 52.82 -5.86
C VAL A 180 19.72 52.72 -6.87
N ARG A 181 20.09 52.61 -8.14
CA ARG A 181 19.09 52.58 -9.21
C ARG A 181 18.25 51.32 -9.15
N SER A 182 18.87 50.18 -8.82
CA SER A 182 18.15 48.91 -8.87
C SER A 182 17.05 48.84 -7.83
N LEU A 183 17.27 49.41 -6.64
CA LEU A 183 16.30 49.32 -5.56
C LEU A 183 15.03 50.11 -5.84
N TYR A 184 15.02 50.98 -6.85
CA TYR A 184 13.80 51.72 -7.16
C TYR A 184 12.68 50.79 -7.61
N GLU A 185 13.01 49.82 -8.47
CA GLU A 185 12.00 48.87 -8.93
C GLU A 185 11.52 47.97 -7.80
N ASP A 186 12.43 47.52 -6.95
CA ASP A 186 12.05 46.65 -5.84
C ASP A 186 11.15 47.38 -4.85
N LEU A 187 11.47 48.64 -4.56
CA LEU A 187 10.64 49.41 -3.62
C LEU A 187 9.23 49.63 -4.18
N GLU A 188 9.13 49.93 -5.47
CA GLU A 188 7.82 50.13 -6.09
C GLU A 188 7.03 48.84 -6.23
N ASP A 189 7.68 47.68 -6.14
CA ASP A 189 7.02 46.38 -6.30
C ASP A 189 6.24 46.09 -5.02
N HIS A 190 5.02 46.63 -4.95
CA HIS A 190 4.15 46.34 -3.82
C HIS A 190 3.68 44.89 -3.88
N PRO A 191 3.56 44.23 -2.73
CA PRO A 191 3.01 42.86 -2.73
C PRO A 191 1.59 42.84 -3.27
N ASN A 192 1.28 41.78 -4.02
CA ASN A 192 -0.02 41.64 -4.66
C ASN A 192 -0.45 40.18 -4.60
N VAL A 193 -1.74 39.96 -4.35
CA VAL A 193 -2.25 38.61 -4.12
C VAL A 193 -2.11 37.76 -5.38
N GLN A 194 -2.41 38.33 -6.55
CA GLN A 194 -2.30 37.57 -7.80
C GLN A 194 -0.85 37.18 -8.06
N LYS A 195 0.10 38.06 -7.72
CA LYS A 195 1.51 37.69 -7.79
C LYS A 195 1.81 36.57 -6.80
N ASP A 196 1.25 36.65 -5.59
CA ASP A 196 1.56 35.68 -4.55
C ASP A 196 1.14 34.27 -4.95
N LEU A 197 -0.04 34.12 -5.54
CA LEU A 197 -0.52 32.79 -5.89
C LEU A 197 0.10 32.29 -7.20
N GLU A 198 0.74 33.17 -7.97
CA GLU A 198 1.43 32.74 -9.18
C GLU A 198 2.63 31.85 -8.87
N ARG A 199 3.36 32.17 -7.79
CA ARG A 199 4.55 31.42 -7.42
C ARG A 199 4.23 30.15 -6.63
N LEU A 200 2.95 29.80 -6.50
CA LEU A 200 2.55 28.56 -5.84
C LEU A 200 1.93 27.54 -6.78
N THR A 201 1.69 27.90 -8.04
CA THR A 201 1.09 26.96 -8.98
C THR A 201 2.02 25.78 -9.27
N GLN A 202 3.31 26.04 -9.39
CA GLN A 202 4.27 24.98 -9.68
C GLN A 202 4.37 23.99 -8.52
N GLU A 203 4.68 22.75 -8.85
CA GLU A 203 4.81 21.67 -7.86
C GLU A 203 3.56 21.52 -7.01
N ASP B 1 17.91 31.55 27.68
CA ASP B 1 18.78 31.72 26.52
C ASP B 1 19.03 33.20 26.26
N VAL B 2 19.62 33.88 27.24
CA VAL B 2 19.91 35.30 27.13
C VAL B 2 21.09 35.51 26.20
N PHE B 3 20.97 36.51 25.32
CA PHE B 3 22.02 36.86 24.37
C PHE B 3 22.71 38.13 24.85
N LEU B 4 24.02 38.07 25.00
CA LEU B 4 24.81 39.16 25.57
C LEU B 4 25.72 39.76 24.51
N MET B 5 26.38 40.86 24.89
CA MET B 5 27.30 41.55 24.00
C MET B 5 28.45 42.09 24.85
N ILE B 6 29.64 41.55 24.65
CA ILE B 6 30.83 41.95 25.40
C ILE B 6 31.62 42.94 24.55
N ARG B 7 31.79 44.16 25.05
CA ARG B 7 32.46 45.22 24.32
C ARG B 7 33.61 45.76 25.15
N ARG B 8 34.81 45.77 24.56
CA ARG B 8 35.97 46.42 25.16
C ARG B 8 36.60 47.33 24.11
N HIS B 9 36.71 48.62 24.42
CA HIS B 9 37.24 49.60 23.49
C HIS B 9 36.50 49.54 22.16
N LYS B 10 37.08 48.84 21.18
CA LYS B 10 36.45 48.64 19.89
C LYS B 10 36.03 47.20 19.62
N THR B 11 36.58 46.24 20.35
CA THR B 11 36.23 44.84 20.14
C THR B 11 34.84 44.54 20.66
N THR B 12 34.06 43.81 19.86
CA THR B 12 32.70 43.41 20.22
C THR B 12 32.56 41.91 20.03
N ILE B 13 31.87 41.26 20.98
CA ILE B 13 31.69 39.81 20.97
C ILE B 13 30.19 39.52 21.03
N PHE B 14 29.74 38.60 20.18
CA PHE B 14 28.34 38.17 20.15
C PHE B 14 28.29 36.70 20.57
N THR B 15 27.78 36.45 21.77
CA THR B 15 27.67 35.10 22.31
C THR B 15 26.29 34.92 22.95
N ASP B 16 26.01 33.70 23.39
CA ASP B 16 24.76 33.37 24.06
C ASP B 16 25.06 32.55 25.30
N ALA B 17 24.14 32.60 26.26
CA ALA B 17 24.31 31.89 27.52
C ALA B 17 22.95 31.64 28.15
N LYS B 18 22.93 30.74 29.11
CA LYS B 18 21.73 30.40 29.88
C LYS B 18 21.75 31.14 31.22
N GLU B 19 20.55 31.27 31.80
CA GLU B 19 20.46 31.90 33.12
C GLU B 19 21.12 31.05 34.19
N SER B 20 21.19 29.73 34.00
CA SER B 20 21.87 28.86 34.93
C SER B 20 23.38 29.02 34.89
N SER B 21 23.91 29.65 33.83
CA SER B 21 25.34 29.87 33.72
C SER B 21 25.78 30.95 34.72
N THR B 22 27.09 31.04 34.92
CA THR B 22 27.66 31.95 35.89
C THR B 22 28.69 32.85 35.23
N VAL B 23 29.13 33.85 36.00
CA VAL B 23 30.15 34.79 35.53
C VAL B 23 31.46 34.05 35.28
N PHE B 24 31.75 33.01 36.07
CA PHE B 24 32.95 32.21 35.81
C PHE B 24 32.86 31.51 34.46
N GLU B 25 31.69 30.96 34.13
CA GLU B 25 31.51 30.33 32.82
C GLU B 25 31.62 31.35 31.70
N LEU B 26 31.07 32.56 31.91
CA LEU B 26 31.21 33.60 30.91
C LEU B 26 32.68 33.98 30.69
N LYS B 27 33.44 34.09 31.78
CA LYS B 27 34.86 34.37 31.66
C LYS B 27 35.58 33.26 30.92
N ARG B 28 35.21 32.00 31.21
CA ARG B 28 35.81 30.87 30.50
C ARG B 28 35.52 30.95 29.01
N ILE B 29 34.28 31.32 28.63
CA ILE B 29 33.94 31.33 27.22
C ILE B 29 34.59 32.50 26.50
N VAL B 30 34.81 33.63 27.18
CA VAL B 30 35.50 34.73 26.50
C VAL B 30 37.01 34.51 26.48
N GLU B 31 37.54 33.68 27.40
CA GLU B 31 38.96 33.40 27.41
C GLU B 31 39.40 32.72 26.12
N GLY B 32 38.63 31.75 25.64
CA GLY B 32 39.00 31.02 24.44
C GLY B 32 39.03 31.88 23.19
N ILE B 33 38.40 33.05 23.24
CA ILE B 33 38.39 33.98 22.11
C ILE B 33 39.46 35.07 22.28
N LEU B 34 39.62 35.60 23.49
CA LEU B 34 40.53 36.71 23.72
C LEU B 34 41.96 36.28 24.05
N LYS B 35 42.20 34.99 24.27
CA LYS B 35 43.54 34.46 24.56
C LYS B 35 44.18 35.19 25.75
N ARG B 36 43.41 35.27 26.84
CA ARG B 36 43.87 35.91 28.07
C ARG B 36 43.34 35.08 29.23
N PRO B 37 44.15 34.84 30.26
CA PRO B 37 43.68 34.06 31.41
C PRO B 37 42.48 34.72 32.08
N PRO B 38 41.51 33.93 32.55
CA PRO B 38 40.27 34.51 33.07
C PRO B 38 40.37 35.09 34.47
N ASP B 39 41.45 34.82 35.20
CA ASP B 39 41.54 35.29 36.57
C ASP B 39 41.58 36.81 36.64
N GLU B 40 42.33 37.45 35.73
CA GLU B 40 42.47 38.89 35.78
C GLU B 40 41.24 39.62 35.26
N GLN B 41 40.61 39.10 34.20
CA GLN B 41 39.51 39.81 33.56
C GLN B 41 38.29 39.90 34.47
N ARG B 42 37.58 41.01 34.38
CA ARG B 42 36.38 41.25 35.17
C ARG B 42 35.32 41.89 34.29
N LEU B 43 34.06 41.71 34.69
CA LEU B 43 32.92 42.21 33.95
C LEU B 43 32.22 43.31 34.76
N TYR B 44 31.39 44.08 34.06
CA TYR B 44 30.71 45.22 34.66
C TYR B 44 29.27 45.29 34.18
N LYS B 45 28.43 45.95 34.98
CA LYS B 45 27.06 46.28 34.63
C LYS B 45 26.87 47.79 34.51
N ASP B 46 27.95 48.49 34.09
CA ASP B 46 27.96 49.94 33.89
C ASP B 46 27.87 50.69 35.22
N ASP B 47 27.73 49.97 36.33
CA ASP B 47 27.72 50.61 37.64
C ASP B 47 28.66 49.94 38.63
N GLN B 48 28.76 48.60 38.60
CA GLN B 48 29.64 47.89 39.51
C GLN B 48 29.96 46.53 38.92
N LEU B 49 31.07 45.95 39.38
CA LEU B 49 31.52 44.65 38.87
C LEU B 49 30.62 43.53 39.39
N LEU B 50 30.71 42.38 38.73
CA LEU B 50 29.94 41.20 39.08
C LEU B 50 30.85 40.17 39.72
N ASP B 51 30.45 39.67 40.89
CA ASP B 51 31.22 38.65 41.58
C ASP B 51 31.04 37.29 40.92
N ASP B 52 32.03 36.43 41.10
CA ASP B 52 31.98 35.10 40.51
C ASP B 52 30.89 34.24 41.14
N GLY B 53 30.66 34.40 42.44
CA GLY B 53 29.66 33.58 43.12
C GLY B 53 28.25 33.81 42.60
N LYS B 54 27.91 35.06 42.32
CA LYS B 54 26.57 35.38 41.84
C LYS B 54 26.34 34.78 40.45
N THR B 55 25.17 34.19 40.26
CA THR B 55 24.81 33.59 38.98
C THR B 55 24.21 34.65 38.05
N LEU B 56 23.94 34.24 36.81
CA LEU B 56 23.43 35.19 35.83
C LEU B 56 22.02 35.65 36.13
N GLY B 57 21.22 34.80 36.79
CA GLY B 57 19.84 35.15 37.07
C GLY B 57 19.69 36.29 38.07
N GLU B 58 20.51 36.29 39.12
CA GLU B 58 20.32 37.23 40.22
C GLU B 58 20.88 38.62 39.94
N CYS B 59 21.71 38.78 38.91
CA CYS B 59 22.28 40.08 38.60
C CYS B 59 21.44 40.87 37.60
N GLY B 60 20.30 40.34 37.16
CA GLY B 60 19.45 41.04 36.23
C GLY B 60 19.29 40.32 34.91
N PHE B 61 19.46 41.05 33.80
CA PHE B 61 19.36 40.50 32.46
C PHE B 61 17.98 39.90 32.20
N THR B 62 17.84 38.58 32.41
CA THR B 62 16.63 37.82 32.14
C THR B 62 16.27 37.82 30.65
N SER B 63 15.41 36.90 30.25
CA SER B 63 15.11 36.73 28.83
C SER B 63 14.33 37.90 28.25
N GLN B 64 13.47 38.53 29.05
CA GLN B 64 12.65 39.62 28.53
C GLN B 64 13.49 40.81 28.10
N THR B 65 14.45 41.21 28.94
CA THR B 65 15.30 42.34 28.59
C THR B 65 16.36 41.96 27.57
N ALA B 66 16.91 40.76 27.66
CA ALA B 66 17.98 40.29 26.78
C ALA B 66 17.35 39.45 25.67
N ARG B 67 17.21 40.03 24.50
CA ARG B 67 16.62 39.38 23.33
C ARG B 67 17.56 39.54 22.15
N PRO B 68 17.48 38.63 21.16
CA PRO B 68 18.37 38.75 20.00
C PRO B 68 18.21 40.07 19.25
N GLN B 69 17.01 40.64 19.22
CA GLN B 69 16.82 41.91 18.53
C GLN B 69 17.59 43.03 19.22
N ALA B 70 17.55 43.07 20.55
CA ALA B 70 18.23 44.11 21.34
C ALA B 70 19.01 43.44 22.46
N PRO B 71 20.15 42.82 22.15
CA PRO B 71 20.94 42.18 23.20
C PRO B 71 21.53 43.20 24.17
N ALA B 72 21.68 42.76 25.42
CA ALA B 72 22.25 43.62 26.45
C ALA B 72 23.76 43.75 26.26
N THR B 73 24.30 44.86 26.75
CA THR B 73 25.72 45.16 26.64
C THR B 73 26.41 44.94 27.97
N VAL B 74 27.50 44.18 27.95
CA VAL B 74 28.29 43.88 29.14
C VAL B 74 29.71 44.38 28.92
N GLY B 75 30.19 45.20 29.84
CA GLY B 75 31.55 45.70 29.75
C GLY B 75 32.58 44.68 30.16
N LEU B 76 33.83 44.96 29.79
CA LEU B 76 34.94 44.08 30.15
C LEU B 76 36.20 44.92 30.24
N ALA B 77 37.05 44.59 31.22
CA ALA B 77 38.30 45.31 31.42
C ALA B 77 39.40 44.31 31.73
N PHE B 78 40.63 44.69 31.41
CA PHE B 78 41.80 43.86 31.65
C PHE B 78 42.53 44.32 32.91
N ARG B 79 43.04 43.37 33.68
CA ARG B 79 43.68 43.62 34.96
C ARG B 79 45.08 43.01 34.99
N ALA B 80 45.85 43.26 33.94
CA ALA B 80 47.17 42.64 33.82
C ALA B 80 48.25 43.44 34.55
N ASP B 81 48.41 44.72 34.21
CA ASP B 81 49.56 45.49 34.70
C ASP B 81 49.20 46.20 36.00
N ASP B 82 48.70 45.43 36.96
CA ASP B 82 48.58 45.83 38.36
C ASP B 82 47.80 47.13 38.58
N THR B 83 47.19 47.66 37.53
CA THR B 83 46.46 48.93 37.60
C THR B 83 45.24 48.85 36.70
N PHE B 84 44.07 49.08 37.30
CA PHE B 84 42.83 49.05 36.53
C PHE B 84 42.74 50.27 35.62
N GLU B 85 42.04 50.09 34.49
CA GLU B 85 41.79 51.17 33.55
C GLU B 85 40.30 51.43 33.44
N ALA B 86 39.94 52.68 33.18
CA ALA B 86 38.55 53.05 33.08
C ALA B 86 37.89 52.36 31.88
N LEU B 87 36.61 52.03 32.03
CA LEU B 87 35.87 51.38 30.97
C LEU B 87 35.71 52.32 29.77
N CYS B 88 36.35 51.97 28.66
CA CYS B 88 36.27 52.77 27.43
C CYS B 88 35.21 52.12 26.54
N ILE B 89 33.97 52.60 26.68
CA ILE B 89 32.87 52.04 25.89
C ILE B 89 33.07 52.32 24.41
N GLU B 90 33.46 53.54 24.06
CA GLU B 90 33.65 53.97 22.68
C GLU B 90 32.40 53.66 21.84
N PRO B 91 31.33 54.43 22.02
CA PRO B 91 30.08 54.12 21.30
C PRO B 91 30.23 54.27 19.79
N PHE B 92 29.31 53.64 19.08
CA PHE B 92 29.34 53.62 17.63
C PHE B 92 29.10 55.00 17.05
N SER B 93 29.31 55.13 15.75
CA SER B 93 29.14 56.40 15.06
C SER B 93 27.69 56.84 15.06
N SER B 94 27.48 58.15 15.10
CA SER B 94 26.14 58.69 15.11
C SER B 94 25.49 58.52 13.74
N PRO B 95 24.22 58.11 13.68
CA PRO B 95 23.55 57.99 12.39
C PRO B 95 23.35 59.35 11.76
N PRO B 96 23.28 59.42 10.43
CA PRO B 96 23.11 60.72 9.75
C PRO B 96 21.69 61.25 9.94
N GLU B 97 21.51 62.51 9.58
CA GLU B 97 20.20 63.13 9.65
C GLU B 97 19.23 62.44 8.70
N LEU B 98 18.01 62.21 9.16
CA LEU B 98 17.06 61.43 8.39
C LEU B 98 16.61 62.19 7.14
N PRO B 99 16.39 61.47 6.03
CA PRO B 99 16.00 62.13 4.77
C PRO B 99 14.58 62.66 4.79
N ASP B 100 14.08 63.06 3.62
CA ASP B 100 12.76 63.68 3.45
C ASP B 100 11.64 62.90 4.14
N VAL B 101 11.88 61.65 4.52
CA VAL B 101 10.87 60.76 5.08
C VAL B 101 10.26 61.25 6.40
N MET B 102 10.76 62.34 6.98
CA MET B 102 10.28 62.72 8.31
C MET B 102 8.82 63.14 8.30
N LYS B 103 8.26 63.46 7.13
CA LYS B 103 6.88 63.91 6.98
C LYS B 103 6.60 65.16 7.82
N MET C 16 36.05 28.72 13.85
CA MET C 16 34.78 28.69 14.57
C MET C 16 34.18 30.09 14.69
N TYR C 17 35.02 31.08 14.95
CA TYR C 17 34.59 32.47 15.10
C TYR C 17 35.28 33.31 14.04
N VAL C 18 34.48 33.96 13.19
CA VAL C 18 35.01 34.88 12.19
C VAL C 18 35.14 36.27 12.82
N LYS C 19 35.90 37.12 12.15
CA LYS C 19 36.15 38.48 12.62
C LYS C 19 35.77 39.47 11.53
N LEU C 20 34.99 40.49 11.90
CA LEU C 20 34.52 41.50 10.98
C LEU C 20 35.04 42.87 11.41
N ILE C 21 35.47 43.67 10.44
CA ILE C 21 36.02 45.00 10.69
C ILE C 21 35.24 46.01 9.87
N SER C 22 34.79 47.09 10.51
CA SER C 22 34.05 48.14 9.83
C SER C 22 35.02 49.22 9.33
N SER C 23 34.46 50.22 8.65
CA SER C 23 35.28 51.30 8.11
C SER C 23 35.93 52.13 9.22
N ASP C 24 35.17 52.41 10.29
CA ASP C 24 35.70 53.23 11.37
C ASP C 24 36.86 52.53 12.09
N GLY C 25 36.74 51.23 12.31
CA GLY C 25 37.79 50.48 12.97
C GLY C 25 37.26 49.51 14.00
N HIS C 26 35.93 49.51 14.21
CA HIS C 26 35.33 48.61 15.17
C HIS C 26 35.48 47.15 14.72
N GLU C 27 35.67 46.26 15.68
CA GLU C 27 35.90 44.85 15.41
C GLU C 27 34.76 44.03 16.01
N PHE C 28 34.18 43.16 15.19
CA PHE C 28 33.06 42.32 15.61
C PHE C 28 33.44 40.86 15.44
N ILE C 29 33.14 40.05 16.45
CA ILE C 29 33.40 38.61 16.43
C ILE C 29 32.07 37.89 16.56
N VAL C 30 31.72 37.10 15.53
CA VAL C 30 30.50 36.33 15.51
C VAL C 30 30.82 34.91 15.08
N LYS C 31 29.87 34.00 15.31
CA LYS C 31 30.07 32.61 14.95
C LYS C 31 30.13 32.44 13.44
N ARG C 32 30.90 31.44 13.01
CA ARG C 32 31.04 31.17 11.57
C ARG C 32 29.70 30.79 10.95
N GLU C 33 28.93 29.95 11.62
CA GLU C 33 27.61 29.58 11.10
C GLU C 33 26.68 30.79 11.06
N HIS C 34 26.76 31.65 12.08
CA HIS C 34 25.94 32.87 12.09
C HIS C 34 26.29 33.77 10.92
N ALA C 35 27.58 33.92 10.61
CA ALA C 35 28.01 34.79 9.53
C ALA C 35 27.94 34.13 8.17
N LEU C 36 27.68 32.82 8.10
CA LEU C 36 27.64 32.10 6.84
C LEU C 36 26.30 32.18 6.14
N THR C 37 25.32 32.85 6.74
CA THR C 37 24.02 33.00 6.10
C THR C 37 24.02 34.02 4.97
N SER C 38 25.10 34.78 4.81
CA SER C 38 25.21 35.80 3.77
C SER C 38 26.08 35.28 2.63
N GLY C 39 25.57 35.41 1.40
CA GLY C 39 26.29 34.88 0.25
C GLY C 39 27.63 35.53 0.02
N THR C 40 27.70 36.85 0.22
CA THR C 40 28.96 37.56 0.02
C THR C 40 30.03 37.10 1.01
N ILE C 41 29.66 36.96 2.29
CA ILE C 41 30.62 36.49 3.28
C ILE C 41 31.01 35.04 3.00
N LYS C 42 30.05 34.22 2.59
CA LYS C 42 30.38 32.84 2.24
C LYS C 42 31.36 32.78 1.08
N ALA C 43 31.16 33.61 0.06
CA ALA C 43 32.08 33.65 -1.08
C ALA C 43 33.45 34.15 -0.66
N MET C 44 33.50 35.17 0.20
CA MET C 44 34.78 35.69 0.66
C MET C 44 35.55 34.64 1.44
N LEU C 45 34.87 33.90 2.31
CA LEU C 45 35.54 32.85 3.08
C LEU C 45 35.98 31.70 2.18
N SER C 46 35.13 31.29 1.24
CA SER C 46 35.45 30.19 0.34
C SER C 46 35.95 30.75 -1.00
N GLY C 47 37.17 31.27 -0.96
CA GLY C 47 37.78 31.86 -2.13
C GLY C 47 39.04 31.15 -2.56
N PRO C 48 40.19 31.84 -2.45
CA PRO C 48 41.46 31.24 -2.85
C PRO C 48 41.90 30.11 -1.93
N GLY C 49 43.10 29.58 -2.17
CA GLY C 49 43.62 28.47 -1.38
C GLY C 49 43.61 28.73 0.10
N GLN C 50 43.19 27.72 0.88
CA GLN C 50 42.96 27.86 2.30
C GLN C 50 44.09 27.22 3.10
N PHE C 51 44.62 27.97 4.06
CA PHE C 51 45.61 27.45 4.99
C PHE C 51 45.15 27.44 6.44
N ALA C 52 44.19 28.31 6.80
CA ALA C 52 43.50 28.35 8.10
C ALA C 52 44.40 28.72 9.27
N GLU C 53 45.70 28.94 9.05
CA GLU C 53 46.56 29.37 10.15
C GLU C 53 46.28 30.80 10.55
N ASN C 54 46.14 31.69 9.56
CA ASN C 54 45.77 33.08 9.77
C ASN C 54 44.72 33.51 8.76
N GLU C 55 43.90 32.58 8.32
CA GLU C 55 42.91 32.79 7.27
C GLU C 55 41.51 32.81 7.87
N THR C 56 40.50 32.89 6.99
CA THR C 56 39.07 32.88 7.30
C THR C 56 38.70 33.84 8.44
N ASN C 57 39.55 34.84 8.70
CA ASN C 57 39.36 35.79 9.78
C ASN C 57 39.64 37.21 9.26
N GLU C 58 39.43 38.19 10.14
CA GLU C 58 39.47 39.62 9.79
C GLU C 58 38.88 39.89 8.41
N VAL C 59 37.60 39.59 8.25
CA VAL C 59 36.91 39.95 7.01
C VAL C 59 36.63 41.45 7.06
N ASN C 60 37.24 42.20 6.15
CA ASN C 60 37.19 43.66 6.17
C ASN C 60 36.14 44.15 5.20
N PHE C 61 35.25 45.02 5.70
CA PHE C 61 34.26 45.71 4.88
C PHE C 61 34.61 47.19 4.84
N ARG C 62 34.95 47.68 3.66
CA ARG C 62 35.43 49.05 3.53
C ARG C 62 34.31 50.07 3.65
N GLU C 63 33.08 49.72 3.27
CA GLU C 63 32.01 50.70 3.26
C GLU C 63 30.80 50.18 4.05
N ILE C 64 31.04 49.68 5.25
CA ILE C 64 29.97 49.26 6.15
C ILE C 64 30.17 49.95 7.50
N PRO C 65 29.31 50.88 7.88
CA PRO C 65 29.47 51.57 9.16
C PRO C 65 29.20 50.63 10.34
N SER C 66 29.67 51.08 11.51
CA SER C 66 29.65 50.23 12.69
C SER C 66 28.23 49.89 13.12
N HIS C 67 27.32 50.88 13.14
CA HIS C 67 25.96 50.62 13.58
C HIS C 67 25.25 49.67 12.64
N VAL C 68 25.42 49.85 11.33
CA VAL C 68 24.78 48.96 10.37
C VAL C 68 25.35 47.55 10.47
N LEU C 69 26.67 47.43 10.68
CA LEU C 69 27.26 46.11 10.86
C LEU C 69 26.73 45.43 12.12
N SER C 70 26.55 46.21 13.19
CA SER C 70 25.97 45.65 14.41
C SER C 70 24.55 45.19 14.17
N LYS C 71 23.77 45.95 13.41
CA LYS C 71 22.40 45.54 13.08
C LYS C 71 22.41 44.25 12.27
N VAL C 72 23.37 44.12 11.34
CA VAL C 72 23.48 42.89 10.55
C VAL C 72 23.81 41.71 11.45
N CYS C 73 24.71 41.92 12.42
CA CYS C 73 25.04 40.85 13.36
C CYS C 73 23.82 40.45 14.20
N MET C 74 23.03 41.44 14.63
CA MET C 74 21.80 41.13 15.36
C MET C 74 20.83 40.34 14.48
N TYR C 75 20.72 40.70 13.20
CA TYR C 75 19.98 39.85 12.26
C TYR C 75 20.50 38.42 12.32
N PHE C 76 21.81 38.24 12.17
CA PHE C 76 22.34 36.89 12.04
C PHE C 76 22.00 36.06 13.27
N THR C 77 22.16 36.66 14.45
CA THR C 77 21.81 35.97 15.68
C THR C 77 20.31 35.64 15.73
N TYR C 78 19.46 36.61 15.40
CA TYR C 78 18.02 36.39 15.48
C TYR C 78 17.56 35.32 14.49
N LYS C 79 18.11 35.33 13.28
CA LYS C 79 17.74 34.35 12.27
C LYS C 79 18.22 32.96 12.64
N VAL C 80 19.44 32.85 13.17
CA VAL C 80 19.92 31.55 13.60
C VAL C 80 19.07 31.00 14.74
N ARG C 81 18.71 31.86 15.70
CA ARG C 81 17.95 31.40 16.86
C ARG C 81 16.51 31.04 16.48
N TYR C 82 15.87 31.86 15.65
CA TYR C 82 14.45 31.75 15.38
C TYR C 82 14.12 30.98 14.11
N THR C 83 15.10 30.29 13.52
CA THR C 83 14.80 29.48 12.35
C THR C 83 13.93 28.30 12.74
N ASN C 84 13.05 27.90 11.80
CA ASN C 84 12.15 26.74 11.88
C ASN C 84 11.59 26.50 13.29
N SER C 85 11.24 27.57 13.98
CA SER C 85 10.74 27.50 15.35
C SER C 85 9.23 27.55 15.36
N SER C 86 8.61 26.66 16.13
CA SER C 86 7.16 26.61 16.22
C SER C 86 6.58 27.69 17.13
N THR C 87 7.42 28.39 17.88
CA THR C 87 6.95 29.42 18.80
C THR C 87 6.67 30.73 18.03
N GLU C 88 6.25 31.75 18.77
CA GLU C 88 5.94 33.03 18.14
C GLU C 88 7.21 33.71 17.66
N ILE C 89 7.06 34.48 16.59
CA ILE C 89 8.17 35.20 15.96
C ILE C 89 7.89 36.70 16.07
N PRO C 90 8.41 37.36 17.09
CA PRO C 90 8.29 38.82 17.16
C PRO C 90 8.99 39.50 16.00
N GLU C 91 8.46 40.65 15.59
CA GLU C 91 8.99 41.36 14.45
C GLU C 91 10.37 41.94 14.75
N PHE C 92 11.20 42.05 13.72
CA PHE C 92 12.53 42.64 13.88
C PHE C 92 12.42 44.16 13.84
N PRO C 93 12.88 44.86 14.88
CA PRO C 93 12.73 46.32 14.89
C PRO C 93 13.84 47.03 14.14
N ILE C 94 13.47 47.93 13.22
CA ILE C 94 14.42 48.68 12.41
C ILE C 94 14.21 50.16 12.66
N ALA C 95 15.28 50.87 13.01
CA ALA C 95 15.18 52.30 13.25
C ALA C 95 14.96 53.03 11.93
N PRO C 96 14.05 54.01 11.88
CA PRO C 96 13.83 54.75 10.63
C PRO C 96 15.06 55.48 10.13
N GLU C 97 15.91 55.99 11.03
CA GLU C 97 17.09 56.74 10.61
C GLU C 97 18.17 55.85 10.02
N ILE C 98 18.17 54.55 10.35
CA ILE C 98 19.16 53.62 9.83
C ILE C 98 18.59 52.78 8.69
N ALA C 99 17.35 53.04 8.27
CA ALA C 99 16.66 52.17 7.33
C ALA C 99 17.37 52.14 5.97
N LEU C 100 17.72 53.32 5.44
CA LEU C 100 18.31 53.36 4.11
C LEU C 100 19.68 52.68 4.07
N GLU C 101 20.53 52.99 5.06
CA GLU C 101 21.85 52.38 5.10
C GLU C 101 21.76 50.88 5.32
N LEU C 102 20.83 50.44 6.18
CA LEU C 102 20.67 49.01 6.42
C LEU C 102 20.17 48.31 5.16
N LEU C 103 19.27 48.94 4.42
CA LEU C 103 18.79 48.37 3.16
C LEU C 103 19.93 48.25 2.15
N MET C 104 20.76 49.29 2.05
CA MET C 104 21.89 49.25 1.14
C MET C 104 22.86 48.13 1.51
N ALA C 105 23.15 47.99 2.81
CA ALA C 105 24.04 46.93 3.27
C ALA C 105 23.45 45.55 3.00
N ALA C 106 22.13 45.40 3.19
CA ALA C 106 21.50 44.12 2.90
C ALA C 106 21.57 43.79 1.43
N ASN C 107 21.36 44.79 0.56
CA ASN C 107 21.48 44.56 -0.87
C ASN C 107 22.91 44.19 -1.25
N PHE C 108 23.89 44.85 -0.65
CA PHE C 108 25.29 44.55 -0.95
C PHE C 108 25.68 43.16 -0.48
N LEU C 109 25.22 42.76 0.70
CA LEU C 109 25.63 41.48 1.29
C LEU C 109 24.81 40.30 0.79
N ASP C 110 23.72 40.54 0.06
CA ASP C 110 22.84 39.48 -0.44
C ASP C 110 22.33 38.61 0.71
N CYS C 111 21.61 39.24 1.62
CA CYS C 111 21.06 38.56 2.79
C CYS C 111 20.04 37.51 2.40
N SER D 1 28.63 54.50 3.40
CA SER D 1 27.82 55.21 2.42
C SER D 1 27.89 54.52 1.07
N LEU D 2 26.98 53.57 0.84
CA LEU D 2 26.94 52.79 -0.39
C LEU D 2 26.21 53.51 -1.51
N LYS D 3 26.10 54.84 -1.42
CA LYS D 3 25.44 55.62 -2.45
C LYS D 3 26.22 55.53 -3.77
N PRO D 4 25.53 55.68 -4.90
CA PRO D 4 26.23 55.62 -6.19
C PRO D 4 27.30 56.69 -6.32
N ARG D 5 28.40 56.33 -6.96
CA ARG D 5 29.52 57.22 -7.19
C ARG D 5 29.85 57.26 -8.69
N VAL D 6 30.96 57.91 -9.02
CA VAL D 6 31.43 58.02 -10.39
C VAL D 6 32.73 57.25 -10.52
N VAL D 7 32.80 56.36 -11.51
CA VAL D 7 33.97 55.52 -11.75
C VAL D 7 34.37 55.66 -13.21
N ASP D 8 35.67 55.83 -13.45
CA ASP D 8 36.16 55.98 -14.82
C ASP D 8 36.16 54.65 -15.57
N PHE D 9 36.24 53.54 -14.84
CA PHE D 9 36.16 52.18 -15.39
C PHE D 9 37.42 51.82 -16.17
N ASP D 10 38.32 52.78 -16.35
CA ASP D 10 39.58 52.53 -17.03
C ASP D 10 40.72 52.23 -16.08
N GLU D 11 40.49 52.31 -14.77
CA GLU D 11 41.51 52.02 -13.77
C GLU D 11 41.14 50.84 -12.89
N THR D 12 39.87 50.73 -12.48
CA THR D 12 39.45 49.60 -11.66
C THR D 12 39.56 48.29 -12.43
N TRP D 13 39.17 48.30 -13.71
CA TRP D 13 39.24 47.08 -14.51
C TRP D 13 40.68 46.62 -14.69
N ASN D 14 41.60 47.56 -14.92
CA ASN D 14 43.01 47.21 -15.07
C ASN D 14 43.55 46.57 -13.79
N LYS D 15 43.19 47.13 -12.64
CA LYS D 15 43.56 46.52 -11.37
C LYS D 15 42.87 45.17 -11.18
N LEU D 16 41.60 45.08 -11.56
CA LEU D 16 40.85 43.84 -11.40
C LEU D 16 41.34 42.75 -12.34
N LEU D 17 41.83 43.12 -13.52
CA LEU D 17 42.28 42.12 -14.49
C LEU D 17 43.46 41.32 -13.94
N THR D 18 44.39 41.98 -13.24
CA THR D 18 45.52 41.28 -12.66
C THR D 18 45.07 40.26 -11.62
N THR D 19 44.11 40.64 -10.76
CA THR D 19 43.61 39.72 -9.76
C THR D 19 42.87 38.54 -10.40
N ILE D 20 42.06 38.82 -11.42
CA ILE D 20 41.29 37.77 -12.08
C ILE D 20 42.23 36.76 -12.73
N LYS D 21 43.27 37.25 -13.41
CA LYS D 21 44.24 36.36 -14.04
C LYS D 21 44.94 35.48 -13.01
N ALA D 22 45.18 36.01 -11.81
CA ALA D 22 45.78 35.20 -10.75
C ALA D 22 44.81 34.15 -10.22
N VAL D 23 43.51 34.48 -10.19
CA VAL D 23 42.51 33.50 -9.74
C VAL D 23 42.50 32.30 -10.67
N VAL D 24 42.52 32.55 -11.98
CA VAL D 24 42.64 31.47 -12.95
C VAL D 24 44.04 30.85 -12.83
N MET D 25 44.16 29.61 -13.33
CA MET D 25 45.35 28.77 -13.33
C MET D 25 46.00 28.64 -11.95
N LEU D 26 45.27 28.95 -10.88
CA LEU D 26 45.68 28.67 -9.51
C LEU D 26 47.03 29.31 -9.18
N GLU D 27 47.06 30.65 -9.23
CA GLU D 27 48.22 31.41 -8.82
C GLU D 27 47.93 32.11 -7.49
N TYR D 28 48.99 32.34 -6.71
CA TYR D 28 48.84 32.92 -5.39
C TYR D 28 48.30 34.34 -5.49
N VAL D 29 47.30 34.64 -4.66
CA VAL D 29 46.70 35.96 -4.60
C VAL D 29 46.54 36.33 -3.12
N GLU D 30 46.83 37.60 -2.79
CA GLU D 30 46.75 38.05 -1.42
C GLU D 30 45.32 37.97 -0.90
N ARG D 31 45.17 37.55 0.35
CA ARG D 31 43.84 37.43 0.94
C ARG D 31 43.16 38.78 1.05
N ALA D 32 43.91 39.82 1.43
CA ALA D 32 43.33 41.15 1.54
C ALA D 32 42.84 41.66 0.19
N THR D 33 43.60 41.40 -0.88
CA THR D 33 43.18 41.83 -2.21
C THR D 33 41.93 41.09 -2.67
N TRP D 34 41.75 39.83 -2.26
CA TRP D 34 40.57 39.07 -2.65
C TRP D 34 39.30 39.71 -2.11
N ASN D 35 39.33 40.15 -0.85
CA ASN D 35 38.16 40.81 -0.27
C ASN D 35 37.94 42.19 -0.87
N ASP D 36 39.01 42.88 -1.24
CA ASP D 36 38.88 44.24 -1.77
C ASP D 36 38.20 44.26 -3.13
N ARG D 37 38.44 43.24 -3.97
CA ARG D 37 37.87 43.24 -5.31
C ARG D 37 36.35 43.09 -5.30
N PHE D 38 35.77 42.59 -4.21
CA PHE D 38 34.32 42.49 -4.14
C PHE D 38 33.66 43.86 -4.19
N SER D 39 34.23 44.85 -3.51
CA SER D 39 33.67 46.19 -3.51
C SER D 39 33.81 46.86 -4.87
N ASP D 40 34.90 46.57 -5.60
CA ASP D 40 35.09 47.17 -6.91
C ASP D 40 34.02 46.74 -7.89
N ILE D 41 33.66 45.45 -7.87
CA ILE D 41 32.61 44.97 -8.75
C ILE D 41 31.27 45.61 -8.41
N TYR D 42 30.97 45.75 -7.12
CA TYR D 42 29.73 46.38 -6.71
C TYR D 42 29.68 47.84 -7.15
N ALA D 43 30.81 48.55 -7.03
CA ALA D 43 30.82 49.96 -7.39
C ALA D 43 30.54 50.17 -8.87
N LEU D 44 31.07 49.29 -9.73
CA LEU D 44 30.85 49.44 -11.17
C LEU D 44 29.39 49.23 -11.54
N CYS D 45 28.67 48.34 -10.85
CA CYS D 45 27.30 48.06 -11.18
C CYS D 45 26.33 49.16 -10.75
N VAL D 46 26.76 50.08 -9.89
CA VAL D 46 25.89 51.13 -9.39
C VAL D 46 26.47 52.50 -9.72
N ALA D 47 27.18 52.61 -10.84
CA ALA D 47 27.74 53.89 -11.26
C ALA D 47 26.65 54.93 -11.46
N TYR D 48 26.90 56.14 -10.96
CA TYR D 48 25.87 57.18 -11.00
C TYR D 48 25.47 57.57 -12.42
N PRO D 49 26.38 57.91 -13.34
CA PRO D 49 25.91 58.36 -14.66
C PRO D 49 25.14 57.30 -15.43
N GLU D 50 25.69 56.09 -15.54
CA GLU D 50 24.95 54.96 -16.10
C GLU D 50 25.55 53.66 -15.59
N PRO D 51 24.77 52.61 -15.43
CA PRO D 51 25.32 51.33 -14.96
C PRO D 51 26.37 50.80 -15.94
N LEU D 52 27.41 50.18 -15.38
CA LEU D 52 28.52 49.65 -16.15
C LEU D 52 28.52 48.12 -16.18
N GLY D 53 27.37 47.50 -15.91
CA GLY D 53 27.31 46.05 -15.95
C GLY D 53 27.57 45.48 -17.33
N GLU D 54 27.04 46.15 -18.37
CA GLU D 54 27.26 45.69 -19.73
C GLU D 54 28.73 45.78 -20.12
N ARG D 55 29.40 46.88 -19.72
CA ARG D 55 30.81 47.03 -20.02
C ARG D 55 31.65 45.99 -19.29
N LEU D 56 31.32 45.71 -18.02
CA LEU D 56 32.07 44.73 -17.27
C LEU D 56 31.90 43.33 -17.84
N TYR D 57 30.68 42.97 -18.24
CA TYR D 57 30.44 41.63 -18.78
C TYR D 57 31.17 41.42 -20.10
N THR D 58 31.14 42.41 -20.99
CA THR D 58 31.82 42.27 -22.27
C THR D 58 33.33 42.17 -22.09
N GLU D 59 33.90 42.97 -21.19
CA GLU D 59 35.34 42.92 -20.95
C GLU D 59 35.76 41.57 -20.37
N THR D 60 34.96 41.03 -19.45
CA THR D 60 35.27 39.71 -18.89
C THR D 60 35.15 38.62 -19.95
N LYS D 61 34.16 38.75 -20.85
CA LYS D 61 33.99 37.76 -21.91
C LYS D 61 35.20 37.77 -22.85
N ILE D 62 35.74 38.95 -23.16
CA ILE D 62 36.90 39.03 -24.04
C ILE D 62 38.11 38.37 -23.40
N PHE D 63 38.30 38.57 -22.10
CA PHE D 63 39.46 37.99 -21.42
C PHE D 63 39.43 36.47 -21.48
N LEU D 64 38.25 35.87 -21.30
CA LEU D 64 38.15 34.41 -21.36
C LEU D 64 38.37 33.90 -22.79
N GLU D 65 38.00 34.71 -23.79
CA GLU D 65 38.25 34.31 -25.17
C GLU D 65 39.74 34.17 -25.46
N ASN D 66 40.53 35.15 -25.02
CA ASN D 66 41.97 35.13 -25.32
C ASN D 66 42.69 34.08 -24.47
N HIS D 67 42.26 33.87 -23.23
CA HIS D 67 42.92 32.90 -22.36
C HIS D 67 42.74 31.48 -22.88
N VAL D 68 41.54 31.13 -23.35
CA VAL D 68 41.30 29.80 -23.86
C VAL D 68 42.14 29.54 -25.11
N ARG D 69 42.21 30.52 -26.01
CA ARG D 69 43.02 30.36 -27.21
C ARG D 69 44.50 30.24 -26.86
N HIS D 70 44.95 30.92 -25.81
CA HIS D 70 46.34 30.81 -25.39
C HIS D 70 46.67 29.39 -24.96
N LEU D 71 45.76 28.76 -24.20
CA LEU D 71 45.96 27.36 -23.82
C LEU D 71 45.77 26.43 -25.00
N HIS D 72 44.90 26.79 -25.95
CA HIS D 72 44.68 25.96 -27.13
C HIS D 72 45.94 25.83 -27.97
N LYS D 73 46.68 26.92 -28.13
CA LYS D 73 47.90 26.88 -28.94
C LYS D 73 48.95 25.97 -28.33
N ARG D 74 49.12 26.03 -27.00
CA ARG D 74 50.12 25.21 -26.34
C ARG D 74 49.81 23.73 -26.46
N VAL D 75 48.54 23.36 -26.30
CA VAL D 75 48.16 21.94 -26.40
C VAL D 75 48.36 21.44 -27.83
N LEU D 76 47.93 22.22 -28.82
CA LEU D 76 48.06 21.79 -30.21
C LEU D 76 49.52 21.76 -30.66
N GLU D 77 50.35 22.65 -30.13
CA GLU D 77 51.76 22.68 -30.53
C GLU D 77 52.45 21.38 -30.14
N SER D 78 52.17 20.87 -28.95
CA SER D 78 52.78 19.63 -28.49
C SER D 78 52.02 18.43 -29.04
N GLU D 79 52.76 17.46 -29.56
CA GLU D 79 52.18 16.22 -30.06
C GLU D 79 52.68 15.05 -29.22
N GLU D 80 51.89 13.97 -29.24
CA GLU D 80 52.11 12.71 -28.52
C GLU D 80 51.85 12.88 -27.01
N GLN D 81 51.66 14.10 -26.53
CA GLN D 81 51.39 14.36 -25.12
C GLN D 81 50.13 15.21 -24.95
N VAL D 82 49.15 15.03 -25.85
CA VAL D 82 47.93 15.84 -25.78
C VAL D 82 47.13 15.51 -24.53
N LEU D 83 46.97 14.22 -24.23
CA LEU D 83 46.12 13.82 -23.10
C LEU D 83 46.65 14.35 -21.78
N VAL D 84 47.96 14.24 -21.55
CA VAL D 84 48.52 14.69 -20.27
C VAL D 84 48.46 16.21 -20.17
N MET D 85 48.74 16.91 -21.28
CA MET D 85 48.70 18.37 -21.25
C MET D 85 47.27 18.89 -21.11
N TYR D 86 46.31 18.21 -21.74
CA TYR D 86 44.91 18.64 -21.63
C TYR D 86 44.41 18.50 -20.20
N HIS D 87 44.77 17.42 -19.51
CA HIS D 87 44.30 17.21 -18.15
C HIS D 87 44.84 18.27 -17.19
N ARG D 88 46.13 18.63 -17.35
CA ARG D 88 46.72 19.61 -16.43
C ARG D 88 46.05 20.97 -16.56
N TYR D 89 45.79 21.41 -17.79
CA TYR D 89 45.16 22.72 -17.99
C TYR D 89 43.69 22.70 -17.61
N TRP D 90 43.01 21.58 -17.81
CA TRP D 90 41.59 21.51 -17.49
C TRP D 90 41.34 21.65 -15.99
N GLU D 91 42.18 21.02 -15.16
CA GLU D 91 41.99 21.10 -13.72
C GLU D 91 42.16 22.52 -13.21
N GLU D 92 43.17 23.24 -13.72
CA GLU D 92 43.36 24.62 -13.32
C GLU D 92 42.19 25.50 -13.77
N TYR D 93 41.70 25.28 -14.99
CA TYR D 93 40.60 26.09 -15.50
C TYR D 93 39.29 25.76 -14.79
N SER D 94 39.08 24.49 -14.46
CA SER D 94 37.84 24.10 -13.79
C SER D 94 37.69 24.76 -12.43
N LYS D 95 38.78 24.79 -11.64
CA LYS D 95 38.72 25.43 -10.34
C LYS D 95 38.72 26.94 -10.45
N GLY D 96 39.39 27.49 -11.47
CA GLY D 96 39.40 28.94 -11.65
C GLY D 96 38.04 29.49 -12.01
N ALA D 97 37.29 28.77 -12.84
CA ALA D 97 35.96 29.24 -13.23
C ALA D 97 35.02 29.27 -12.03
N ASP D 98 35.10 28.27 -11.15
CA ASP D 98 34.24 28.25 -9.97
C ASP D 98 34.53 29.42 -9.04
N TYR D 99 35.81 29.76 -8.86
CA TYR D 99 36.17 30.89 -8.00
C TYR D 99 35.70 32.21 -8.60
N MET D 100 35.75 32.33 -9.93
CA MET D 100 35.30 33.56 -10.57
C MET D 100 33.80 33.79 -10.39
N ASP D 101 33.02 32.71 -10.33
CA ASP D 101 31.58 32.85 -10.12
C ASP D 101 31.29 33.47 -8.75
N CYS D 102 32.02 33.06 -7.72
CA CYS D 102 31.84 33.63 -6.39
C CYS D 102 32.19 35.11 -6.38
N LEU D 103 33.27 35.49 -7.07
CA LEU D 103 33.66 36.90 -7.12
C LEU D 103 32.64 37.73 -7.89
N TYR D 104 32.03 37.15 -8.92
CA TYR D 104 31.02 37.83 -9.72
C TYR D 104 29.61 37.54 -9.26
N ARG D 105 29.41 37.29 -7.96
CA ARG D 105 28.08 36.92 -7.47
C ARG D 105 27.08 38.06 -7.65
N TYR D 106 27.50 39.29 -7.39
CA TYR D 106 26.59 40.43 -7.51
C TYR D 106 26.14 40.63 -8.95
N LEU D 107 27.06 40.49 -9.90
CA LEU D 107 26.70 40.68 -11.30
C LEU D 107 25.75 39.59 -11.79
N ASN D 108 25.82 38.39 -11.21
CA ASN D 108 24.92 37.31 -11.62
C ASN D 108 23.47 37.65 -11.31
N THR D 109 23.22 38.29 -10.17
CA THR D 109 21.85 38.65 -9.79
C THR D 109 21.25 39.63 -10.79
N GLN D 110 22.05 40.59 -11.27
CA GLN D 110 21.57 41.53 -12.27
C GLN D 110 21.21 40.82 -13.57
N PHE D 111 22.00 39.83 -13.96
CA PHE D 111 21.71 39.10 -15.19
C PHE D 111 20.39 38.35 -15.10
N ILE D 112 20.10 37.77 -13.93
CA ILE D 112 18.87 36.99 -13.78
C ILE D 112 17.64 37.87 -13.97
N LYS D 113 17.65 39.06 -13.37
CA LYS D 113 16.53 39.99 -13.54
C LYS D 113 16.43 40.46 -14.98
N LYS D 114 17.57 40.75 -15.62
CA LYS D 114 17.56 41.15 -17.02
C LYS D 114 17.07 40.03 -17.92
N ASN D 115 17.51 38.79 -17.65
CA ASN D 115 17.12 37.67 -18.49
C ASN D 115 15.62 37.38 -18.38
N LYS D 116 15.06 37.49 -17.18
CA LYS D 116 13.64 37.16 -16.98
C LYS D 116 12.75 38.09 -17.80
N LEU D 117 13.08 39.39 -17.84
CA LEU D 117 12.30 40.33 -18.64
C LEU D 117 12.35 39.97 -20.11
N THR D 118 13.53 39.60 -20.62
CA THR D 118 13.66 39.23 -22.03
C THR D 118 13.13 37.82 -22.30
N GLU D 119 13.18 36.93 -21.31
CA GLU D 119 12.66 35.58 -21.51
C GLU D 119 11.16 35.59 -21.74
N ALA D 120 10.45 36.58 -21.22
CA ALA D 120 9.02 36.69 -21.44
C ALA D 120 8.68 37.31 -22.79
N ASP D 121 9.66 37.81 -23.53
CA ASP D 121 9.44 38.47 -24.80
C ASP D 121 10.01 37.69 -25.98
N LEU D 122 10.50 36.47 -25.77
CA LEU D 122 11.06 35.71 -26.89
C LEU D 122 9.99 35.31 -27.90
N GLN D 123 8.77 35.02 -27.43
CA GLN D 123 7.70 34.65 -28.35
C GLN D 123 7.34 35.80 -29.28
N TYR D 124 7.25 37.01 -28.74
CA TYR D 124 6.90 38.16 -29.57
C TYR D 124 8.05 38.55 -30.49
N GLY D 125 9.27 38.57 -29.97
CA GLY D 125 10.42 38.92 -30.77
C GLY D 125 11.71 38.29 -30.28
N TYR D 126 12.40 37.58 -31.19
CA TYR D 126 13.67 36.96 -30.80
C TYR D 126 14.74 37.99 -30.51
N GLY D 127 14.86 39.02 -31.37
CA GLY D 127 15.95 39.96 -31.25
C GLY D 127 17.30 39.28 -31.40
N GLY D 128 17.40 38.38 -32.37
CA GLY D 128 18.59 37.56 -32.48
C GLY D 128 18.76 36.61 -31.31
N VAL D 129 17.68 35.97 -30.89
CA VAL D 129 17.67 35.08 -29.73
C VAL D 129 18.20 35.83 -28.51
N ASP D 130 17.57 36.95 -28.18
CA ASP D 130 17.93 37.76 -27.01
C ASP D 130 19.40 38.16 -27.02
N MET D 131 19.88 38.50 -28.21
CA MET D 131 21.25 38.93 -28.45
C MET D 131 22.27 37.98 -27.81
N ASN D 132 22.10 36.70 -28.11
CA ASN D 132 22.98 35.64 -27.59
C ASN D 132 22.98 35.67 -26.05
N GLU D 133 21.82 35.30 -25.49
CA GLU D 133 21.42 35.45 -24.10
C GLU D 133 22.60 35.33 -23.13
N PRO D 134 22.85 36.33 -22.30
CA PRO D 134 23.94 36.23 -21.33
C PRO D 134 23.74 35.06 -20.39
N LEU D 135 24.85 34.41 -20.05
CA LEU D 135 24.78 33.26 -19.15
C LEU D 135 24.35 33.69 -17.76
N MET D 136 23.59 32.82 -17.08
CA MET D 136 23.08 33.14 -15.76
C MET D 136 24.20 33.41 -14.78
N GLU D 137 25.33 32.73 -14.93
CA GLU D 137 26.51 32.96 -14.10
C GLU D 137 27.74 33.07 -14.98
N ILE D 138 28.74 33.80 -14.48
CA ILE D 138 30.00 33.94 -15.21
C ILE D 138 30.72 32.59 -15.30
N GLY D 139 30.61 31.79 -14.24
CA GLY D 139 31.24 30.47 -14.27
C GLY D 139 30.68 29.59 -15.38
N GLU D 140 29.38 29.67 -15.62
CA GLU D 140 28.79 28.92 -16.73
C GLU D 140 29.29 29.43 -18.08
N LEU D 141 29.55 30.73 -18.19
CA LEU D 141 30.11 31.26 -19.42
C LEU D 141 31.51 30.71 -19.68
N ALA D 142 32.32 30.59 -18.62
CA ALA D 142 33.68 30.06 -18.78
C ALA D 142 33.66 28.63 -19.28
N LEU D 143 32.75 27.80 -18.77
CA LEU D 143 32.65 26.43 -19.23
C LEU D 143 32.22 26.37 -20.69
N ASP D 144 31.32 27.27 -21.11
CA ASP D 144 30.93 27.36 -22.51
C ASP D 144 32.12 27.67 -23.40
N MET D 145 33.01 28.55 -22.94
CA MET D 145 34.13 28.97 -23.78
C MET D 145 35.18 27.87 -23.87
N TRP D 146 35.37 27.11 -22.78
CA TRP D 146 36.22 25.92 -22.84
C TRP D 146 35.63 24.87 -23.75
N ARG D 147 34.31 24.85 -23.91
CA ARG D 147 33.67 23.90 -24.82
C ARG D 147 34.06 24.17 -26.27
N LYS D 148 34.24 25.45 -26.62
CA LYS D 148 34.67 25.78 -27.98
C LYS D 148 36.07 25.26 -28.25
N LEU D 149 36.92 25.17 -27.22
CA LEU D 149 38.21 24.50 -27.38
C LEU D 149 38.01 23.02 -27.69
N MET D 150 37.02 22.39 -27.05
CA MET D 150 36.71 21.00 -27.34
C MET D 150 36.15 20.84 -28.75
N VAL D 151 35.34 21.81 -29.19
CA VAL D 151 34.75 21.76 -30.52
C VAL D 151 35.83 21.83 -31.59
N GLU D 152 36.93 22.53 -31.32
CA GLU D 152 38.09 22.64 -32.20
C GLU D 152 38.59 21.25 -32.59
N PRO D 153 39.41 21.15 -33.66
CA PRO D 153 39.84 19.81 -34.13
C PRO D 153 40.53 18.95 -33.08
N LEU D 154 40.72 19.48 -31.87
CA LEU D 154 41.18 18.65 -30.76
C LEU D 154 40.21 17.51 -30.47
N GLN D 155 38.94 17.66 -30.84
CA GLN D 155 37.96 16.58 -30.63
C GLN D 155 38.35 15.33 -31.40
N ALA D 156 38.76 15.48 -32.66
CA ALA D 156 39.19 14.33 -33.45
C ALA D 156 40.44 13.69 -32.85
N ILE D 157 41.38 14.51 -32.37
CA ILE D 157 42.62 13.99 -31.81
C ILE D 157 42.35 13.28 -30.49
N LEU D 158 41.56 13.91 -29.60
CA LEU D 158 41.32 13.33 -28.28
C LEU D 158 40.59 11.99 -28.38
N ILE D 159 39.60 11.90 -29.26
CA ILE D 159 38.88 10.64 -29.45
C ILE D 159 39.83 9.56 -29.98
N ARG D 160 40.67 9.92 -30.94
CA ARG D 160 41.62 8.96 -31.49
C ARG D 160 42.61 8.49 -30.44
N MET D 161 43.13 9.42 -29.64
CA MET D 161 44.07 9.05 -28.59
C MET D 161 43.40 8.19 -27.52
N LEU D 162 42.17 8.54 -27.14
CA LEU D 162 41.49 7.80 -26.09
C LEU D 162 41.16 6.37 -26.54
N LEU D 163 40.61 6.22 -27.74
CA LEU D 163 40.22 4.89 -28.21
C LEU D 163 41.44 3.98 -28.36
N ARG D 164 42.54 4.51 -28.90
CA ARG D 164 43.75 3.71 -29.02
C ARG D 164 44.30 3.32 -27.67
N GLU D 165 44.31 4.26 -26.71
CA GLU D 165 44.89 3.98 -25.39
C GLU D 165 44.02 3.02 -24.60
N ILE D 166 42.69 3.19 -24.64
CA ILE D 166 41.79 2.25 -23.98
C ILE D 166 41.87 0.88 -24.62
N LYS D 167 42.23 0.80 -25.90
CA LYS D 167 42.31 -0.46 -26.61
C LYS D 167 43.50 -1.32 -26.21
N ASN D 168 44.18 -0.97 -25.11
CA ASN D 168 45.33 -1.74 -24.62
C ASN D 168 44.91 -2.96 -23.80
N ASP D 169 43.65 -3.38 -23.91
CA ASP D 169 43.21 -4.58 -23.21
C ASP D 169 43.91 -5.83 -23.75
N ARG D 170 44.44 -5.79 -24.97
CA ARG D 170 45.18 -6.93 -25.51
C ARG D 170 46.43 -7.21 -24.68
N GLY D 171 47.14 -6.15 -24.28
CA GLY D 171 48.33 -6.27 -23.48
C GLY D 171 48.12 -5.83 -22.05
N GLY D 172 49.23 -5.59 -21.37
CA GLY D 172 49.20 -5.17 -19.98
C GLY D 172 49.93 -3.86 -19.74
N GLU D 173 49.77 -2.91 -20.68
CA GLU D 173 50.47 -1.64 -20.56
C GLU D 173 50.01 -0.85 -19.35
N ASP D 174 48.76 -1.02 -18.92
CA ASP D 174 48.20 -0.38 -17.74
C ASP D 174 48.29 1.14 -17.84
N PRO D 175 47.50 1.77 -18.70
CA PRO D 175 47.53 3.23 -18.79
C PRO D 175 47.02 3.87 -17.50
N ASN D 176 47.54 5.07 -17.24
CA ASN D 176 47.18 5.79 -16.01
C ASN D 176 45.68 6.11 -15.98
N GLN D 177 45.05 5.83 -14.85
CA GLN D 177 43.61 6.00 -14.73
C GLN D 177 43.21 7.46 -14.56
N LYS D 178 44.04 8.25 -13.86
CA LYS D 178 43.67 9.63 -13.56
C LYS D 178 43.51 10.46 -14.83
N VAL D 179 44.44 10.30 -15.78
CA VAL D 179 44.34 11.04 -17.04
C VAL D 179 43.11 10.61 -17.81
N ILE D 180 42.83 9.30 -17.85
CA ILE D 180 41.67 8.80 -18.58
C ILE D 180 40.38 9.33 -17.97
N HIS D 181 40.24 9.21 -16.64
CA HIS D 181 39.01 9.62 -15.98
C HIS D 181 38.80 11.12 -16.07
N GLY D 182 39.86 11.91 -15.91
CA GLY D 182 39.71 13.35 -15.94
C GLY D 182 39.27 13.87 -17.29
N VAL D 183 39.86 13.34 -18.37
CA VAL D 183 39.50 13.80 -19.71
C VAL D 183 38.07 13.39 -20.05
N ILE D 184 37.71 12.14 -19.75
CA ILE D 184 36.37 11.66 -20.07
C ILE D 184 35.32 12.40 -19.26
N ASN D 185 35.58 12.62 -17.97
CA ASN D 185 34.64 13.35 -17.13
C ASN D 185 34.49 14.81 -17.55
N SER D 186 35.46 15.35 -18.29
CA SER D 186 35.37 16.74 -18.72
C SER D 186 34.27 16.93 -19.75
N PHE D 187 33.94 15.88 -20.51
CA PHE D 187 32.89 15.99 -21.52
C PHE D 187 31.53 16.26 -20.89
N VAL D 188 31.26 15.64 -19.74
CA VAL D 188 29.99 15.84 -19.05
C VAL D 188 30.05 16.99 -18.05
N HIS D 189 31.24 17.32 -17.53
CA HIS D 189 31.33 18.39 -16.55
C HIS D 189 31.12 19.77 -17.18
N VAL D 190 31.53 19.95 -18.43
CA VAL D 190 31.35 21.25 -19.07
C VAL D 190 29.87 21.55 -19.30
N GLU D 191 29.07 20.54 -19.59
CA GLU D 191 27.64 20.71 -19.82
C GLU D 191 26.89 20.57 -18.51
N GLN D 192 26.42 21.69 -17.97
CA GLN D 192 25.62 21.69 -16.75
C GLN D 192 24.33 22.49 -16.92
N TYR D 193 23.88 22.69 -18.16
CA TYR D 193 22.64 23.38 -18.43
C TYR D 193 21.47 22.40 -18.33
N LYS D 194 20.55 22.66 -17.41
CA LYS D 194 19.45 21.74 -17.18
C LYS D 194 18.31 21.88 -18.18
N LYS D 195 18.30 22.95 -18.97
CA LYS D 195 17.30 23.08 -20.02
C LYS D 195 17.46 21.97 -21.06
N LYS D 196 18.70 21.69 -21.45
CA LYS D 196 19.01 20.60 -22.35
C LYS D 196 19.36 19.34 -21.56
N PHE D 197 19.68 18.27 -22.26
CA PHE D 197 20.11 17.04 -21.61
C PHE D 197 21.56 17.18 -21.16
N PRO D 198 21.86 17.01 -19.87
CA PRO D 198 23.26 17.14 -19.42
C PRO D 198 24.20 16.13 -20.06
N LEU D 199 23.71 14.94 -20.40
CA LEU D 199 24.53 13.91 -21.01
C LEU D 199 24.47 13.92 -22.53
N LYS D 200 23.79 14.90 -23.13
CA LYS D 200 23.64 14.92 -24.57
C LYS D 200 24.98 15.06 -25.28
N PHE D 201 25.85 15.94 -24.78
CA PHE D 201 27.16 16.11 -25.41
C PHE D 201 28.02 14.87 -25.25
N TYR D 202 28.04 14.28 -24.05
CA TYR D 202 28.89 13.14 -23.79
C TYR D 202 28.50 11.95 -24.66
N GLN D 203 27.20 11.71 -24.81
CA GLN D 203 26.74 10.59 -25.63
C GLN D 203 27.11 10.76 -27.09
N GLU D 204 27.00 11.98 -27.61
CA GLU D 204 27.23 12.21 -29.03
C GLU D 204 28.70 12.19 -29.40
N ILE D 205 29.58 12.63 -28.50
CA ILE D 205 30.98 12.84 -28.84
C ILE D 205 31.83 11.62 -28.50
N PHE D 206 31.41 10.85 -27.50
CA PHE D 206 32.26 9.76 -27.04
C PHE D 206 31.55 8.42 -26.98
N GLU D 207 30.28 8.39 -26.59
CA GLU D 207 29.59 7.11 -26.40
C GLU D 207 29.38 6.39 -27.74
N SER D 208 28.94 7.13 -28.76
CA SER D 208 28.71 6.50 -30.06
C SER D 208 29.98 5.94 -30.69
N PRO D 209 31.09 6.67 -30.78
CA PRO D 209 32.32 6.06 -31.33
C PRO D 209 32.83 4.90 -30.49
N PHE D 210 32.66 4.96 -29.16
CA PHE D 210 33.19 3.91 -28.30
C PHE D 210 32.39 2.62 -28.43
N LEU D 211 31.06 2.72 -28.51
CA LEU D 211 30.24 1.53 -28.62
C LEU D 211 30.47 0.80 -29.93
N THR D 212 30.58 1.53 -31.04
CA THR D 212 30.84 0.90 -32.32
C THR D 212 32.22 0.25 -32.34
N GLU D 213 33.22 0.91 -31.78
CA GLU D 213 34.56 0.35 -31.73
C GLU D 213 34.62 -0.89 -30.83
N THR D 214 33.90 -0.85 -29.70
CA THR D 214 33.89 -1.99 -28.80
C THR D 214 33.26 -3.22 -29.44
N GLY D 215 32.17 -3.02 -30.17
CA GLY D 215 31.50 -4.14 -30.82
C GLY D 215 32.35 -4.79 -31.90
N GLU D 216 33.03 -3.97 -32.71
CA GLU D 216 33.87 -4.52 -33.77
C GLU D 216 35.05 -5.29 -33.21
N TYR D 217 35.66 -4.79 -32.13
CA TYR D 217 36.82 -5.48 -31.55
C TYR D 217 36.46 -6.87 -31.05
N TYR D 218 35.32 -7.00 -30.36
CA TYR D 218 34.93 -8.29 -29.82
C TYR D 218 34.34 -9.22 -30.88
N LYS D 219 33.93 -8.68 -32.02
CA LYS D 219 33.52 -9.54 -33.13
C LYS D 219 34.69 -10.37 -33.62
N GLN D 220 35.87 -9.75 -33.75
CA GLN D 220 37.06 -10.51 -34.14
C GLN D 220 37.52 -11.43 -33.02
N GLU D 221 37.40 -10.98 -31.76
CA GLU D 221 37.84 -11.80 -30.65
C GLU D 221 37.01 -13.07 -30.51
N ALA D 222 35.71 -12.98 -30.74
CA ALA D 222 34.84 -14.16 -30.62
C ALA D 222 35.20 -15.21 -31.66
N SER D 223 35.50 -14.78 -32.89
CA SER D 223 35.85 -15.73 -33.94
C SER D 223 37.15 -16.46 -33.63
N ASN D 224 38.13 -15.76 -33.06
CA ASN D 224 39.42 -16.38 -32.80
C ASN D 224 39.34 -17.43 -31.70
N LEU D 225 38.38 -17.30 -30.79
CA LEU D 225 38.27 -18.27 -29.70
C LEU D 225 37.71 -19.61 -30.18
N LEU D 226 36.81 -19.59 -31.16
CA LEU D 226 36.18 -20.81 -31.62
C LEU D 226 37.18 -21.72 -32.34
N GLN D 227 38.11 -21.13 -33.09
CA GLN D 227 39.01 -21.93 -33.92
C GLN D 227 39.98 -22.75 -33.09
N GLU D 228 40.19 -22.41 -31.82
CA GLU D 228 41.10 -23.15 -30.95
C GLU D 228 40.38 -23.81 -29.79
N SER D 229 39.56 -23.05 -29.05
CA SER D 229 38.88 -23.61 -27.89
C SER D 229 37.65 -24.41 -28.30
N ASN D 230 37.44 -25.53 -27.59
CA ASN D 230 36.26 -26.36 -27.73
C ASN D 230 35.13 -25.69 -26.94
N CYS D 231 33.90 -26.16 -27.15
CA CYS D 231 32.74 -25.48 -26.57
C CYS D 231 32.83 -25.45 -25.05
N SER D 232 33.45 -26.46 -24.45
CA SER D 232 33.55 -26.49 -22.99
C SER D 232 34.46 -25.37 -22.49
N GLN D 233 35.63 -25.20 -23.10
CA GLN D 233 36.55 -24.16 -22.64
C GLN D 233 36.15 -22.78 -23.14
N TYR D 234 35.24 -22.69 -24.11
CA TYR D 234 34.78 -21.39 -24.57
C TYR D 234 34.07 -20.63 -23.45
N MET D 235 33.34 -21.34 -22.59
CA MET D 235 32.62 -20.68 -21.49
C MET D 235 33.60 -20.04 -20.52
N GLU D 236 34.70 -20.72 -20.20
CA GLU D 236 35.66 -20.17 -19.25
C GLU D 236 36.27 -18.87 -19.77
N LYS D 237 36.55 -18.81 -21.07
CA LYS D 237 37.06 -17.57 -21.65
C LYS D 237 36.01 -16.46 -21.59
N VAL D 238 34.74 -16.80 -21.81
CA VAL D 238 33.68 -15.78 -21.79
C VAL D 238 33.56 -15.14 -20.42
N LEU D 239 33.60 -15.95 -19.36
CA LEU D 239 33.42 -15.41 -18.02
C LEU D 239 34.54 -14.43 -17.66
N GLY D 240 35.77 -14.76 -18.02
CA GLY D 240 36.88 -13.89 -17.68
C GLY D 240 36.81 -12.53 -18.35
N ARG D 241 36.46 -12.51 -19.63
CA ARG D 241 36.38 -11.24 -20.36
C ARG D 241 35.24 -10.38 -19.84
N LEU D 242 34.08 -11.01 -19.55
CA LEU D 242 32.94 -10.25 -19.04
C LEU D 242 33.24 -9.65 -17.66
N LYS D 243 33.90 -10.42 -16.80
CA LYS D 243 34.27 -9.91 -15.48
C LYS D 243 35.27 -8.77 -15.61
N ASP D 244 36.27 -8.92 -16.48
CA ASP D 244 37.26 -7.87 -16.67
C ASP D 244 36.66 -6.64 -17.34
N GLU D 245 35.63 -6.83 -18.18
CA GLU D 245 35.00 -5.70 -18.84
C GLU D 245 34.34 -4.77 -17.83
N GLU D 246 33.68 -5.34 -16.81
CA GLU D 246 33.06 -4.51 -15.77
C GLU D 246 34.11 -3.72 -15.00
N ILE D 247 35.23 -4.37 -14.67
CA ILE D 247 36.30 -3.66 -13.95
C ILE D 247 36.89 -2.56 -14.82
N ARG D 248 37.15 -2.87 -16.09
CA ARG D 248 37.72 -1.87 -16.99
C ARG D 248 36.78 -0.69 -17.20
N CYS D 249 35.49 -0.96 -17.38
CA CYS D 249 34.53 0.11 -17.59
C CYS D 249 34.26 0.89 -16.31
N ARG D 250 34.45 0.27 -15.14
CA ARG D 250 34.23 0.96 -13.88
C ARG D 250 35.24 2.09 -13.70
N LYS D 251 36.50 1.85 -14.04
CA LYS D 251 37.55 2.83 -13.77
C LYS D 251 37.52 3.98 -14.76
N TYR D 252 37.16 3.72 -16.01
CA TYR D 252 37.35 4.69 -17.09
C TYR D 252 36.08 5.40 -17.53
N LEU D 253 34.93 4.76 -17.44
CA LEU D 253 33.71 5.27 -18.04
C LEU D 253 32.80 5.91 -17.00
N HIS D 254 31.90 6.76 -17.48
CA HIS D 254 30.93 7.41 -16.62
C HIS D 254 29.93 6.38 -16.07
N PRO D 255 29.42 6.61 -14.86
CA PRO D 255 28.45 5.66 -14.28
C PRO D 255 27.20 5.46 -15.12
N SER D 256 26.80 6.47 -15.90
CA SER D 256 25.58 6.36 -16.70
C SER D 256 25.70 5.38 -17.85
N SER D 257 26.91 4.92 -18.17
CA SER D 257 27.13 4.03 -19.31
C SER D 257 27.57 2.64 -18.90
N TYR D 258 27.27 2.23 -17.65
CA TYR D 258 27.69 0.91 -17.20
C TYR D 258 26.90 -0.19 -17.89
N THR D 259 25.58 -0.05 -17.96
CA THR D 259 24.74 -1.11 -18.51
C THR D 259 24.86 -1.19 -20.03
N LYS D 260 24.99 -0.04 -20.70
CA LYS D 260 25.00 -0.03 -22.15
C LYS D 260 26.23 -0.74 -22.71
N VAL D 261 27.39 -0.53 -22.11
CA VAL D 261 28.61 -1.16 -22.62
C VAL D 261 28.58 -2.67 -22.38
N ILE D 262 27.99 -3.12 -21.27
CA ILE D 262 27.90 -4.54 -20.99
C ILE D 262 26.93 -5.22 -21.96
N HIS D 263 25.82 -4.55 -22.26
CA HIS D 263 24.83 -5.12 -23.18
C HIS D 263 25.42 -5.33 -24.56
N GLU D 264 26.22 -4.38 -25.05
CA GLU D 264 26.88 -4.55 -26.34
C GLU D 264 27.88 -5.69 -26.29
N CYS D 265 28.57 -5.86 -25.15
CA CYS D 265 29.53 -6.96 -25.01
C CYS D 265 28.84 -8.31 -25.11
N GLN D 266 27.68 -8.45 -24.46
CA GLN D 266 26.99 -9.73 -24.45
C GLN D 266 26.40 -10.07 -25.81
N GLN D 267 25.93 -9.06 -26.54
CA GLN D 267 25.27 -9.31 -27.82
C GLN D 267 26.25 -9.72 -28.92
N ARG D 268 27.56 -9.61 -28.70
CA ARG D 268 28.55 -9.99 -29.70
C ARG D 268 29.04 -11.41 -29.50
N MET D 269 29.58 -11.72 -28.32
CA MET D 269 30.09 -13.06 -28.06
C MET D 269 28.95 -14.04 -27.81
N VAL D 270 27.80 -13.56 -27.38
CA VAL D 270 26.61 -14.38 -27.20
C VAL D 270 25.52 -13.83 -28.10
N ALA D 271 24.55 -14.69 -28.44
CA ALA D 271 23.42 -14.42 -29.32
C ALA D 271 23.84 -14.25 -30.77
N ASP D 272 25.14 -14.29 -31.08
CA ASP D 272 25.62 -14.37 -32.45
C ASP D 272 26.22 -15.73 -32.78
N HIS D 273 26.68 -16.48 -31.78
CA HIS D 273 27.12 -17.84 -31.93
C HIS D 273 26.22 -18.81 -31.15
N LEU D 274 24.93 -18.48 -31.07
CA LEU D 274 24.00 -19.30 -30.29
C LEU D 274 23.81 -20.68 -30.90
N GLN D 275 24.00 -20.81 -32.21
CA GLN D 275 23.88 -22.12 -32.84
C GLN D 275 24.98 -23.06 -32.34
N PHE D 276 26.20 -22.53 -32.16
CA PHE D 276 27.29 -23.36 -31.66
C PHE D 276 27.02 -23.85 -30.24
N LEU D 277 26.47 -22.98 -29.38
CA LEU D 277 26.18 -23.38 -28.01
C LEU D 277 25.05 -24.39 -27.96
N HIS D 278 24.02 -24.22 -28.80
CA HIS D 278 22.88 -25.12 -28.80
C HIS D 278 23.25 -26.52 -29.28
N ALA D 279 24.33 -26.66 -30.04
CA ALA D 279 24.75 -27.99 -30.48
C ALA D 279 25.16 -28.86 -29.31
N GLU D 280 25.88 -28.29 -28.34
CA GLU D 280 26.31 -29.01 -27.16
C GLU D 280 25.27 -29.01 -26.04
N CYS D 281 24.12 -28.36 -26.26
CA CYS D 281 23.09 -28.31 -25.23
C CYS D 281 22.57 -29.69 -24.90
N HIS D 282 22.35 -30.54 -25.91
CA HIS D 282 21.84 -31.88 -25.65
C HIS D 282 22.89 -32.76 -25.00
N ASN D 283 24.17 -32.56 -25.33
CA ASN D 283 25.21 -33.43 -24.79
C ASN D 283 25.45 -33.18 -23.31
N ILE D 284 25.47 -31.91 -22.90
CA ILE D 284 25.77 -31.60 -21.50
C ILE D 284 24.65 -32.06 -20.58
N ILE D 285 23.40 -31.95 -21.03
CA ILE D 285 22.27 -32.36 -20.21
C ILE D 285 22.30 -33.86 -19.97
N ARG D 286 22.55 -34.65 -21.03
CA ARG D 286 22.63 -36.09 -20.88
C ARG D 286 23.79 -36.50 -19.97
N GLN D 287 24.93 -35.81 -20.10
CA GLN D 287 26.06 -36.08 -19.23
C GLN D 287 25.78 -35.56 -17.82
N GLU D 288 26.62 -36.00 -16.87
CA GLU D 288 26.46 -35.67 -15.47
C GLU D 288 27.32 -34.48 -15.05
N LYS D 289 27.96 -33.80 -15.99
CA LYS D 289 28.85 -32.68 -15.68
C LYS D 289 28.01 -31.46 -15.33
N LYS D 290 27.69 -31.34 -14.03
CA LYS D 290 26.89 -30.21 -13.56
C LYS D 290 27.67 -28.90 -13.54
N ASN D 291 29.00 -28.97 -13.47
CA ASN D 291 29.81 -27.76 -13.40
C ASN D 291 29.69 -26.93 -14.68
N ASP D 292 29.73 -27.58 -15.83
CA ASP D 292 29.61 -26.85 -17.09
C ASP D 292 28.20 -26.35 -17.34
N MET D 293 27.19 -26.95 -16.71
CA MET D 293 25.82 -26.49 -16.90
C MET D 293 25.59 -25.12 -16.27
N ALA D 294 26.36 -24.78 -15.22
CA ALA D 294 26.23 -23.46 -14.62
C ALA D 294 26.62 -22.36 -15.59
N ASN D 295 27.68 -22.58 -16.36
CA ASN D 295 28.09 -21.59 -17.36
C ASN D 295 27.07 -21.46 -18.47
N MET D 296 26.30 -22.52 -18.74
CA MET D 296 25.19 -22.42 -19.68
C MET D 296 24.17 -21.39 -19.20
N TYR D 297 23.84 -21.41 -17.91
CA TYR D 297 22.74 -20.59 -17.40
C TYR D 297 23.14 -19.12 -17.28
N VAL D 298 24.39 -18.85 -16.89
CA VAL D 298 24.79 -17.47 -16.64
C VAL D 298 24.77 -16.66 -17.92
N LEU D 299 25.36 -17.20 -19.00
CA LEU D 299 25.34 -16.50 -20.28
C LEU D 299 23.94 -16.38 -20.83
N LEU D 300 23.15 -17.45 -20.72
CA LEU D 300 21.84 -17.49 -21.37
C LEU D 300 20.78 -16.70 -20.60
N ARG D 301 21.07 -16.30 -19.35
CA ARG D 301 20.13 -15.48 -18.60
C ARG D 301 19.95 -14.11 -19.23
N ALA D 302 21.05 -13.49 -19.68
CA ALA D 302 20.96 -12.15 -20.25
C ALA D 302 20.16 -12.14 -21.55
N VAL D 303 20.38 -13.13 -22.41
CA VAL D 303 19.68 -13.19 -23.69
C VAL D 303 18.28 -13.72 -23.46
N SER D 304 17.28 -13.01 -23.97
CA SER D 304 15.89 -13.37 -23.72
C SER D 304 15.48 -14.64 -24.45
N THR D 305 15.91 -14.78 -25.71
CA THR D 305 15.44 -15.86 -26.57
C THR D 305 16.15 -17.19 -26.31
N GLY D 306 17.23 -17.20 -25.54
CA GLY D 306 18.00 -18.43 -25.38
C GLY D 306 17.43 -19.36 -24.34
N LEU D 307 16.79 -18.80 -23.31
CA LEU D 307 16.22 -19.64 -22.24
C LEU D 307 15.20 -20.65 -22.73
N PRO D 308 14.27 -20.32 -23.64
CA PRO D 308 13.28 -21.33 -24.05
C PRO D 308 13.88 -22.59 -24.64
N HIS D 309 15.04 -22.50 -25.30
CA HIS D 309 15.64 -23.70 -25.88
C HIS D 309 16.02 -24.72 -24.82
N MET D 310 16.61 -24.26 -23.71
CA MET D 310 17.01 -25.19 -22.66
C MET D 310 15.86 -25.61 -21.76
N ILE D 311 14.69 -24.97 -21.92
CA ILE D 311 13.49 -25.45 -21.21
C ILE D 311 13.09 -26.82 -21.72
N GLN D 312 13.07 -27.00 -23.05
CA GLN D 312 12.61 -28.25 -23.62
C GLN D 312 13.62 -29.38 -23.40
N GLU D 313 14.91 -29.08 -23.51
CA GLU D 313 15.91 -30.13 -23.39
C GLU D 313 15.93 -30.74 -22.00
N LEU D 314 15.80 -29.90 -20.96
CA LEU D 314 15.74 -30.43 -19.59
C LEU D 314 14.48 -31.26 -19.38
N GLN D 315 13.36 -30.84 -20.00
CA GLN D 315 12.13 -31.59 -19.88
C GLN D 315 12.25 -32.98 -20.50
N ASN D 316 12.92 -33.07 -21.66
CA ASN D 316 13.06 -34.35 -22.34
C ASN D 316 13.87 -35.34 -21.51
N HIS D 317 14.94 -34.88 -20.87
CA HIS D 317 15.75 -35.77 -20.05
C HIS D 317 14.96 -36.32 -18.87
N ILE D 318 14.14 -35.47 -18.23
CA ILE D 318 13.31 -35.92 -17.13
C ILE D 318 12.28 -36.94 -17.61
N HIS D 319 11.66 -36.67 -18.77
CA HIS D 319 10.63 -37.56 -19.28
C HIS D 319 11.20 -38.95 -19.58
N ASP D 320 12.39 -39.00 -20.21
CA ASP D 320 12.98 -40.29 -20.55
C ASP D 320 13.46 -41.02 -19.30
N GLU D 321 14.03 -40.30 -18.33
CA GLU D 321 14.52 -40.94 -17.12
C GLU D 321 13.37 -41.54 -16.31
N GLY D 322 12.26 -40.82 -16.20
CA GLY D 322 11.13 -41.32 -15.42
C GLY D 322 10.50 -42.56 -16.03
N LEU D 323 10.36 -42.59 -17.35
CA LEU D 323 9.73 -43.74 -18.01
C LEU D 323 10.57 -45.00 -17.86
N ARG D 324 11.89 -44.88 -17.92
CA ARG D 324 12.75 -46.05 -17.83
C ARG D 324 12.60 -46.74 -16.48
N ALA D 325 12.54 -45.97 -15.39
CA ALA D 325 12.37 -46.57 -14.07
C ALA D 325 10.97 -47.14 -13.89
N THR D 326 9.95 -46.46 -14.41
CA THR D 326 8.58 -46.93 -14.24
C THR D 326 8.30 -48.16 -15.10
N SER D 327 8.73 -48.13 -16.37
CA SER D 327 8.44 -49.25 -17.27
C SER D 327 9.12 -50.53 -16.80
N ASN D 328 10.36 -50.43 -16.32
CA ASN D 328 11.08 -51.62 -15.87
C ASN D 328 10.47 -52.22 -14.61
N LEU D 329 9.61 -51.49 -13.92
CA LEU D 329 8.97 -51.95 -12.70
C LEU D 329 7.71 -52.75 -12.95
N THR D 330 7.31 -52.92 -14.21
CA THR D 330 6.09 -53.65 -14.53
C THR D 330 6.21 -55.12 -14.17
N GLN D 331 5.06 -55.74 -13.91
CA GLN D 331 4.94 -57.15 -13.58
C GLN D 331 5.65 -57.50 -12.28
N GLU D 332 5.93 -56.51 -11.43
CA GLU D 332 6.53 -56.75 -10.13
C GLU D 332 5.50 -56.90 -9.02
N ASN D 333 4.22 -56.71 -9.32
CA ASN D 333 3.11 -56.81 -8.36
C ASN D 333 3.46 -56.18 -7.02
N MET D 334 3.99 -54.95 -7.07
CA MET D 334 4.37 -54.23 -5.87
C MET D 334 3.99 -52.77 -6.01
N PRO D 335 3.03 -52.28 -5.22
CA PRO D 335 2.60 -50.88 -5.34
C PRO D 335 3.48 -49.90 -4.59
N THR D 336 4.23 -50.34 -3.58
CA THR D 336 5.04 -49.41 -2.79
C THR D 336 6.31 -48.98 -3.50
N LEU D 337 6.70 -49.65 -4.58
CA LEU D 337 7.88 -49.25 -5.34
C LEU D 337 7.59 -48.19 -6.38
N PHE D 338 6.32 -47.97 -6.72
CA PHE D 338 5.99 -46.94 -7.70
C PHE D 338 6.20 -45.54 -7.12
N VAL D 339 5.81 -45.34 -5.86
CA VAL D 339 5.96 -44.02 -5.23
C VAL D 339 7.44 -43.71 -5.01
N GLU D 340 8.23 -44.72 -4.66
CA GLU D 340 9.65 -44.49 -4.41
C GLU D 340 10.37 -44.03 -5.67
N SER D 341 10.02 -44.61 -6.82
CA SER D 341 10.69 -44.23 -8.07
C SER D 341 10.41 -42.78 -8.43
N VAL D 342 9.16 -42.32 -8.25
CA VAL D 342 8.81 -40.95 -8.62
C VAL D 342 9.50 -39.96 -7.69
N LEU D 343 9.50 -40.23 -6.39
CA LEU D 343 10.11 -39.30 -5.43
C LEU D 343 11.62 -39.24 -5.60
N GLU D 344 12.26 -40.35 -5.97
CA GLU D 344 13.71 -40.33 -6.18
C GLU D 344 14.08 -39.42 -7.34
N VAL D 345 13.32 -39.48 -8.44
CA VAL D 345 13.57 -38.58 -9.56
C VAL D 345 13.34 -37.13 -9.16
N HIS D 346 12.26 -36.86 -8.44
CA HIS D 346 11.98 -35.51 -7.97
C HIS D 346 13.04 -35.06 -6.97
N GLY D 347 13.45 -35.94 -6.06
CA GLY D 347 14.43 -35.55 -5.06
C GLY D 347 15.80 -35.27 -5.64
N LYS D 348 16.21 -36.07 -6.63
CA LYS D 348 17.52 -35.87 -7.23
C LYS D 348 17.56 -34.59 -8.07
N PHE D 349 16.51 -34.32 -8.83
CA PHE D 349 16.51 -33.19 -9.74
C PHE D 349 16.21 -31.86 -9.06
N VAL D 350 15.51 -31.88 -7.92
CA VAL D 350 15.23 -30.63 -7.23
C VAL D 350 16.52 -30.01 -6.71
N GLN D 351 17.50 -30.83 -6.33
CA GLN D 351 18.79 -30.31 -5.92
C GLN D 351 19.50 -29.62 -7.09
N LEU D 352 19.41 -30.21 -8.28
CA LEU D 352 20.09 -29.64 -9.45
C LEU D 352 19.55 -28.26 -9.78
N ILE D 353 18.23 -28.06 -9.65
CA ILE D 353 17.64 -26.76 -9.93
C ILE D 353 18.12 -25.70 -8.95
N ASN D 354 18.63 -26.11 -7.78
CA ASN D 354 19.05 -25.18 -6.75
C ASN D 354 20.56 -24.93 -6.74
N THR D 355 21.35 -26.00 -6.64
CA THR D 355 22.79 -25.82 -6.42
C THR D 355 23.51 -25.37 -7.68
N VAL D 356 23.07 -25.79 -8.86
CA VAL D 356 23.75 -25.46 -10.11
C VAL D 356 22.82 -24.77 -11.10
N LEU D 357 21.68 -24.27 -10.64
CA LEU D 357 20.79 -23.48 -11.50
C LEU D 357 20.26 -22.23 -10.83
N ASN D 358 20.44 -22.07 -9.51
CA ASN D 358 20.13 -20.85 -8.79
C ASN D 358 18.65 -20.46 -8.94
N GLY D 359 17.79 -21.33 -8.41
CA GLY D 359 16.38 -21.05 -8.39
C GLY D 359 15.72 -21.19 -9.75
N ASP D 360 15.37 -20.07 -10.37
CA ASP D 360 14.76 -20.04 -11.70
C ASP D 360 13.46 -20.83 -11.73
N GLN D 361 12.47 -20.28 -11.02
CA GLN D 361 11.12 -20.87 -10.99
C GLN D 361 10.62 -21.19 -12.39
N HIS D 362 11.07 -20.45 -13.41
CA HIS D 362 10.74 -20.81 -14.78
C HIS D 362 11.34 -22.17 -15.15
N PHE D 363 12.58 -22.43 -14.71
CA PHE D 363 13.17 -23.75 -14.90
C PHE D 363 12.56 -24.77 -13.96
N MET D 364 12.11 -24.34 -12.78
CA MET D 364 11.39 -25.25 -11.89
C MET D 364 10.08 -25.71 -12.49
N SER D 365 9.52 -24.92 -13.41
CA SER D 365 8.31 -25.33 -14.10
C SER D 365 8.53 -26.58 -14.95
N ALA D 366 9.75 -26.75 -15.47
CA ALA D 366 10.03 -27.93 -16.29
C ALA D 366 9.89 -29.21 -15.47
N LEU D 367 10.32 -29.19 -14.21
CA LEU D 367 10.19 -30.37 -13.37
C LEU D 367 8.73 -30.74 -13.14
N ASP D 368 7.87 -29.74 -12.89
CA ASP D 368 6.48 -30.02 -12.59
C ASP D 368 5.71 -30.46 -13.83
N LYS D 369 5.92 -29.78 -14.96
CA LYS D 369 5.18 -30.11 -16.18
C LYS D 369 5.68 -31.38 -16.85
N ALA D 370 6.82 -31.93 -16.41
CA ALA D 370 7.32 -33.16 -16.98
C ALA D 370 7.01 -34.38 -16.11
N LEU D 371 7.12 -34.23 -14.79
CA LEU D 371 6.88 -35.37 -13.90
C LEU D 371 5.41 -35.78 -13.88
N THR D 372 4.50 -34.84 -14.15
CA THR D 372 3.08 -35.15 -14.11
C THR D 372 2.70 -36.15 -15.19
N SER D 373 3.39 -36.12 -16.35
CA SER D 373 3.09 -37.07 -17.41
C SER D 373 3.63 -38.46 -17.08
N VAL D 374 4.66 -38.54 -16.24
CA VAL D 374 5.24 -39.83 -15.89
C VAL D 374 4.26 -40.65 -15.05
N VAL D 375 3.51 -39.99 -14.17
CA VAL D 375 2.63 -40.71 -13.25
C VAL D 375 1.54 -41.45 -14.01
N ASN D 376 0.85 -40.75 -14.91
CA ASN D 376 -0.23 -41.34 -15.71
C ASN D 376 0.36 -41.79 -17.05
N TYR D 377 0.71 -43.07 -17.12
CA TYR D 377 1.33 -43.60 -18.34
C TYR D 377 0.26 -43.97 -19.36
N ARG D 378 -0.63 -44.89 -19.01
CA ARG D 378 -1.84 -45.28 -19.73
C ARG D 378 -1.51 -46.11 -20.98
N GLU D 379 -0.27 -46.14 -21.43
CA GLU D 379 0.08 -46.90 -22.63
C GLU D 379 -0.08 -48.40 -22.42
N PRO D 380 0.44 -48.98 -21.34
CA PRO D 380 0.15 -50.39 -21.07
C PRO D 380 -1.20 -50.56 -20.39
N LYS D 381 -1.93 -51.61 -20.79
CA LYS D 381 -3.26 -51.88 -20.24
C LYS D 381 -3.15 -52.92 -19.14
N SER D 382 -2.62 -52.48 -17.99
CA SER D 382 -2.45 -53.35 -16.85
C SER D 382 -2.68 -52.57 -15.57
N VAL D 383 -3.57 -53.09 -14.71
CA VAL D 383 -3.89 -52.60 -13.37
C VAL D 383 -4.09 -51.09 -13.29
N CYS D 384 -4.19 -50.43 -14.44
CA CYS D 384 -4.53 -49.00 -14.54
C CYS D 384 -3.44 -48.10 -13.97
N LYS D 385 -2.42 -48.70 -13.36
CA LYS D 385 -1.27 -47.99 -12.81
C LYS D 385 -1.65 -46.87 -11.85
N ALA D 386 -1.64 -45.62 -12.34
CA ALA D 386 -1.58 -44.46 -11.45
C ALA D 386 -2.73 -44.37 -10.45
N PRO D 387 -4.02 -44.51 -10.83
CA PRO D 387 -5.08 -44.37 -9.82
C PRO D 387 -5.01 -45.44 -8.73
N GLU D 388 -4.86 -46.70 -9.13
CA GLU D 388 -4.92 -47.79 -8.16
C GLU D 388 -3.65 -47.87 -7.33
N LEU D 389 -2.48 -47.67 -7.96
CA LEU D 389 -1.21 -47.84 -7.24
C LEU D 389 -1.07 -46.83 -6.11
N LEU D 390 -1.45 -45.58 -6.36
CA LEU D 390 -1.40 -44.58 -5.29
C LEU D 390 -2.37 -44.91 -4.16
N ALA D 391 -3.56 -45.37 -4.51
CA ALA D 391 -4.54 -45.75 -3.49
C ALA D 391 -4.08 -46.96 -2.69
N LYS D 392 -3.44 -47.92 -3.34
CA LYS D 392 -3.00 -49.15 -2.68
C LYS D 392 -1.68 -48.98 -1.95
N TYR D 393 -1.11 -47.78 -1.91
CA TYR D 393 0.14 -47.51 -1.24
C TYR D 393 -0.04 -46.99 0.18
N CYS D 394 -1.07 -46.18 0.43
CA CYS D 394 -1.26 -45.63 1.76
C CYS D 394 -1.78 -46.67 2.75
N ASP D 395 -2.52 -47.66 2.26
CA ASP D 395 -3.10 -48.66 3.16
C ASP D 395 -2.03 -49.53 3.81
N ASN D 396 -0.96 -49.85 3.07
CA ASN D 396 0.11 -50.68 3.63
C ASN D 396 0.77 -50.02 4.83
N LEU D 397 0.78 -48.69 4.87
CA LEU D 397 1.33 -47.94 6.00
C LEU D 397 0.28 -47.58 7.04
N LEU D 398 -0.96 -48.01 6.87
CA LEU D 398 -2.03 -47.68 7.80
C LEU D 398 -2.78 -48.89 8.33
N LYS D 399 -2.63 -50.07 7.73
CA LYS D 399 -3.26 -51.27 8.23
C LYS D 399 -2.44 -51.84 9.39
N LYS D 400 -2.76 -53.07 9.80
CA LYS D 400 -2.02 -53.71 10.87
C LYS D 400 -0.54 -53.83 10.53
N SER D 401 -0.21 -54.56 9.47
CA SER D 401 1.16 -54.81 9.03
C SER D 401 2.03 -55.26 10.21
N ALA D 402 1.69 -56.43 10.75
CA ALA D 402 2.40 -56.95 11.91
C ALA D 402 3.87 -57.18 11.61
N LYS D 403 4.18 -57.74 10.45
CA LYS D 403 5.58 -57.99 10.09
C LYS D 403 6.32 -56.69 9.81
N GLY D 404 5.70 -55.80 9.01
CA GLY D 404 6.32 -54.53 8.69
C GLY D 404 5.87 -53.42 9.63
N MET D 405 6.68 -53.13 10.64
CA MET D 405 6.33 -52.16 11.67
C MET D 405 7.43 -51.10 11.72
N THR D 406 7.05 -49.85 11.45
CA THR D 406 7.96 -48.70 11.55
C THR D 406 7.22 -47.61 12.32
N GLU D 407 7.32 -47.65 13.65
CA GLU D 407 6.65 -46.65 14.47
C GLU D 407 7.40 -45.33 14.42
N ASN D 408 6.63 -44.23 14.53
CA ASN D 408 7.15 -42.87 14.40
C ASN D 408 7.83 -42.63 13.05
N GLU D 409 7.44 -43.40 12.03
CA GLU D 409 8.00 -43.23 10.69
C GLU D 409 6.87 -43.11 9.68
N VAL D 410 5.70 -43.67 10.02
CA VAL D 410 4.55 -43.59 9.12
C VAL D 410 4.11 -42.15 8.95
N GLU D 411 4.22 -41.33 9.99
CA GLU D 411 3.91 -39.92 9.87
C GLU D 411 4.85 -39.23 8.87
N ASP D 412 6.14 -39.56 8.93
CA ASP D 412 7.09 -38.97 7.99
C ASP D 412 6.85 -39.47 6.57
N ARG D 413 6.63 -40.78 6.41
CA ARG D 413 6.43 -41.34 5.08
C ARG D 413 5.15 -40.81 4.43
N LEU D 414 4.07 -40.69 5.22
CA LEU D 414 2.82 -40.20 4.67
C LEU D 414 2.92 -38.74 4.25
N THR D 415 3.68 -37.94 4.99
CA THR D 415 3.90 -36.55 4.58
C THR D 415 4.66 -36.50 3.25
N SER D 416 5.66 -37.37 3.09
CA SER D 416 6.39 -37.43 1.84
C SER D 416 5.55 -37.99 0.69
N PHE D 417 4.44 -38.65 1.00
CA PHE D 417 3.58 -39.19 -0.06
C PHE D 417 2.90 -38.08 -0.84
N ILE D 418 2.72 -36.91 -0.23
CA ILE D 418 2.01 -35.82 -0.90
C ILE D 418 2.80 -35.26 -2.07
N THR D 419 4.10 -35.57 -2.18
CA THR D 419 4.89 -35.07 -3.30
C THR D 419 4.51 -35.71 -4.63
N VAL D 420 3.74 -36.80 -4.60
CA VAL D 420 3.25 -37.43 -5.82
C VAL D 420 1.74 -37.29 -5.99
N PHE D 421 1.00 -37.00 -4.91
CA PHE D 421 -0.46 -37.02 -4.99
C PHE D 421 -0.99 -35.94 -5.92
N LYS D 422 -0.47 -34.72 -5.81
CA LYS D 422 -1.02 -33.63 -6.61
C LYS D 422 -0.59 -33.69 -8.07
N TYR D 423 0.35 -34.58 -8.41
CA TYR D 423 0.75 -34.73 -9.81
C TYR D 423 -0.21 -35.57 -10.62
N ILE D 424 -1.17 -36.23 -9.97
CA ILE D 424 -2.14 -37.07 -10.66
C ILE D 424 -3.30 -36.20 -11.14
N ASP D 425 -4.00 -36.69 -12.17
CA ASP D 425 -5.14 -35.99 -12.73
C ASP D 425 -6.48 -36.65 -12.42
N ASP D 426 -6.50 -37.96 -12.21
CA ASP D 426 -7.74 -38.68 -11.90
C ASP D 426 -7.95 -38.75 -10.39
N LYS D 427 -8.14 -37.57 -9.79
CA LYS D 427 -8.31 -37.50 -8.34
C LYS D 427 -9.68 -38.02 -7.90
N ASP D 428 -10.69 -37.92 -8.78
CA ASP D 428 -11.99 -38.50 -8.46
C ASP D 428 -11.90 -40.01 -8.31
N VAL D 429 -11.14 -40.66 -9.17
CA VAL D 429 -10.96 -42.11 -9.07
C VAL D 429 -10.29 -42.47 -7.75
N PHE D 430 -9.25 -41.72 -7.37
CA PHE D 430 -8.55 -42.00 -6.13
C PHE D 430 -9.42 -41.73 -4.91
N GLN D 431 -10.28 -40.70 -4.98
CA GLN D 431 -11.08 -40.33 -3.81
C GLN D 431 -12.04 -41.45 -3.42
N LYS D 432 -12.80 -41.97 -4.38
CA LYS D 432 -13.76 -43.02 -4.07
C LYS D 432 -13.10 -44.37 -3.87
N PHE D 433 -12.00 -44.64 -4.59
CA PHE D 433 -11.28 -45.89 -4.38
C PHE D 433 -10.70 -45.94 -2.98
N TYR D 434 -10.16 -44.83 -2.48
CA TYR D 434 -9.67 -44.79 -1.11
C TYR D 434 -10.81 -44.87 -0.10
N ALA D 435 -11.96 -44.27 -0.42
CA ALA D 435 -13.08 -44.28 0.51
C ALA D 435 -13.58 -45.70 0.76
N ARG D 436 -13.77 -46.47 -0.31
CA ARG D 436 -14.22 -47.86 -0.14
C ARG D 436 -13.17 -48.68 0.59
N MET D 437 -11.90 -48.51 0.26
CA MET D 437 -10.83 -49.21 0.96
C MET D 437 -10.77 -48.80 2.43
N LEU D 438 -10.93 -47.50 2.71
CA LEU D 438 -10.93 -47.03 4.08
C LEU D 438 -12.10 -47.61 4.87
N ALA D 439 -13.29 -47.62 4.26
CA ALA D 439 -14.47 -48.09 4.97
C ALA D 439 -14.35 -49.56 5.37
N LYS D 440 -13.63 -50.35 4.58
CA LYS D 440 -13.41 -51.75 4.92
C LYS D 440 -12.58 -51.91 6.19
N ARG D 441 -11.83 -50.87 6.58
CA ARG D 441 -10.91 -51.01 7.71
C ARG D 441 -11.62 -50.81 9.04
N LEU D 442 -12.33 -49.69 9.20
CA LEU D 442 -12.95 -49.40 10.49
C LEU D 442 -14.07 -50.39 10.83
N ILE D 443 -14.72 -50.95 9.81
CA ILE D 443 -15.82 -51.88 10.07
C ILE D 443 -15.31 -53.13 10.79
N HIS D 444 -14.21 -53.71 10.29
CA HIS D 444 -13.62 -54.87 10.92
C HIS D 444 -12.65 -54.51 12.05
N GLY D 445 -12.29 -53.23 12.17
CA GLY D 445 -11.42 -52.81 13.25
C GLY D 445 -10.02 -53.39 13.20
N LEU D 446 -9.43 -53.47 12.01
CA LEU D 446 -8.06 -53.95 11.84
C LEU D 446 -7.07 -52.81 11.65
N SER D 447 -7.48 -51.56 11.89
CA SER D 447 -6.54 -50.45 11.87
C SER D 447 -5.62 -50.53 13.08
N MET D 448 -4.35 -50.14 12.87
CA MET D 448 -3.37 -50.28 13.93
C MET D 448 -3.53 -49.21 15.01
N SER D 449 -4.13 -48.07 14.68
CA SER D 449 -4.42 -47.06 15.69
C SER D 449 -5.59 -46.21 15.23
N MET D 450 -6.22 -45.55 16.19
CA MET D 450 -7.37 -44.70 15.88
C MET D 450 -6.95 -43.28 15.55
N ASP D 451 -5.78 -42.84 16.04
CA ASP D 451 -5.26 -41.52 15.77
C ASP D 451 -4.28 -41.50 14.60
N SER D 452 -3.90 -42.66 14.05
CA SER D 452 -2.90 -42.69 12.99
C SER D 452 -3.43 -42.06 11.71
N GLU D 453 -4.62 -42.47 11.27
CA GLU D 453 -5.18 -41.95 10.04
C GLU D 453 -5.68 -40.51 10.18
N GLU D 454 -5.77 -39.98 11.41
CA GLU D 454 -6.16 -38.59 11.59
C GLU D 454 -5.26 -37.65 10.80
N ALA D 455 -3.99 -38.03 10.64
CA ALA D 455 -3.08 -37.21 9.84
C ALA D 455 -3.46 -37.23 8.37
N MET D 456 -4.07 -38.32 7.90
CA MET D 456 -4.36 -38.47 6.48
C MET D 456 -5.40 -37.45 6.03
N ILE D 457 -6.53 -37.36 6.74
CA ILE D 457 -7.54 -36.35 6.40
C ILE D 457 -6.98 -34.95 6.59
N ASN D 458 -6.14 -34.77 7.62
CA ASN D 458 -5.48 -33.49 7.81
C ASN D 458 -4.54 -33.15 6.67
N LYS D 459 -3.81 -34.15 6.16
CA LYS D 459 -2.95 -33.91 5.00
C LYS D 459 -3.76 -33.59 3.76
N LEU D 460 -4.93 -34.22 3.61
CA LEU D 460 -5.81 -33.91 2.49
C LEU D 460 -6.70 -32.70 2.75
N LYS D 461 -6.61 -32.10 3.93
CA LYS D 461 -7.47 -30.96 4.27
C LYS D 461 -7.19 -29.77 3.35
N GLN D 462 -5.92 -29.48 3.09
CA GLN D 462 -5.56 -28.31 2.28
C GLN D 462 -5.27 -28.69 0.83
N ALA D 463 -4.71 -29.87 0.58
CA ALA D 463 -4.41 -30.28 -0.78
C ALA D 463 -5.68 -30.52 -1.58
N CYS D 464 -6.65 -31.21 -0.99
CA CYS D 464 -7.90 -31.52 -1.67
C CYS D 464 -9.00 -30.49 -1.37
N GLY D 465 -8.93 -29.82 -0.23
CA GLY D 465 -9.95 -28.86 0.14
C GLY D 465 -11.11 -29.50 0.91
N TYR D 466 -11.95 -28.62 1.47
CA TYR D 466 -13.10 -29.11 2.22
C TYR D 466 -14.13 -29.78 1.32
N GLU D 467 -14.28 -29.30 0.09
CA GLU D 467 -15.26 -29.88 -0.81
C GLU D 467 -14.94 -31.34 -1.12
N PHE D 468 -13.67 -31.65 -1.38
CA PHE D 468 -13.27 -33.04 -1.59
C PHE D 468 -13.36 -33.84 -0.30
N THR D 469 -12.99 -33.23 0.82
CA THR D 469 -12.96 -33.92 2.10
C THR D 469 -14.23 -33.74 2.92
N SER D 470 -15.28 -33.16 2.33
CA SER D 470 -16.55 -33.03 3.05
C SER D 470 -17.10 -34.39 3.41
N LYS D 471 -17.06 -35.35 2.48
CA LYS D 471 -17.44 -36.72 2.81
C LYS D 471 -16.39 -37.39 3.68
N LEU D 472 -15.11 -37.23 3.32
CA LEU D 472 -14.06 -37.96 4.02
C LEU D 472 -13.93 -37.54 5.48
N HIS D 473 -14.36 -36.32 5.81
CA HIS D 473 -14.40 -35.92 7.21
C HIS D 473 -15.47 -36.68 8.00
N ARG D 474 -16.44 -37.28 7.31
CA ARG D 474 -17.53 -37.97 7.98
C ARG D 474 -17.15 -39.38 8.38
N MET D 475 -16.18 -40.00 7.69
CA MET D 475 -15.69 -41.31 8.11
C MET D 475 -15.12 -41.26 9.52
N TYR D 476 -14.26 -40.27 9.80
CA TYR D 476 -13.62 -40.17 11.11
C TYR D 476 -14.64 -39.90 12.22
N THR D 477 -15.58 -38.99 11.96
CA THR D 477 -16.50 -38.57 13.02
C THR D 477 -17.42 -39.72 13.44
N ASP D 478 -17.89 -40.51 12.48
CA ASP D 478 -18.84 -41.57 12.80
C ASP D 478 -18.23 -42.60 13.76
N MET D 479 -16.99 -43.04 13.49
CA MET D 479 -16.36 -44.02 14.36
C MET D 479 -16.16 -43.46 15.76
N SER D 480 -15.75 -42.19 15.86
CA SER D 480 -15.63 -41.56 17.18
C SER D 480 -16.99 -41.41 17.83
N VAL D 481 -18.01 -40.99 17.06
CA VAL D 481 -19.35 -40.82 17.61
C VAL D 481 -19.96 -42.16 17.97
N SER D 482 -19.73 -43.19 17.14
CA SER D 482 -20.29 -44.51 17.40
C SER D 482 -19.83 -45.07 18.75
N ALA D 483 -18.71 -44.59 19.27
CA ALA D 483 -18.26 -44.96 20.60
C ALA D 483 -19.07 -44.33 21.72
N ASP D 484 -20.06 -43.50 21.38
CA ASP D 484 -20.92 -42.86 22.36
C ASP D 484 -22.31 -43.48 22.44
N LEU D 485 -22.81 -44.02 21.32
CA LEU D 485 -24.16 -44.58 21.30
C LEU D 485 -24.21 -45.96 21.93
N ASN D 486 -23.15 -46.77 21.74
CA ASN D 486 -23.14 -48.13 22.26
C ASN D 486 -23.20 -48.16 23.78
N ASN D 487 -22.41 -47.31 24.44
CA ASN D 487 -22.46 -47.26 25.90
C ASN D 487 -23.67 -46.50 26.41
N LYS D 488 -24.30 -45.67 25.57
CA LYS D 488 -25.55 -45.02 25.98
C LYS D 488 -26.64 -46.05 26.22
N PHE D 489 -26.72 -47.07 25.36
CA PHE D 489 -27.68 -48.15 25.60
C PHE D 489 -27.25 -48.98 26.80
N ASN D 490 -25.94 -49.10 27.04
CA ASN D 490 -25.46 -49.83 28.20
C ASN D 490 -25.94 -49.17 29.49
N ASN D 491 -25.91 -47.84 29.55
CA ASN D 491 -26.48 -47.14 30.69
C ASN D 491 -28.00 -47.27 30.71
N PHE D 492 -28.62 -47.31 29.53
CA PHE D 492 -30.08 -47.37 29.47
C PHE D 492 -30.60 -48.77 29.80
N ILE D 493 -29.85 -49.81 29.40
CA ILE D 493 -30.27 -51.18 29.70
C ILE D 493 -30.25 -51.47 31.19
N LYS D 494 -29.47 -50.72 31.96
CA LYS D 494 -29.44 -50.88 33.41
C LYS D 494 -30.53 -50.07 34.11
N ASN D 495 -31.27 -49.23 33.38
CA ASN D 495 -32.31 -48.39 33.93
C ASN D 495 -33.66 -48.71 33.32
N GLN D 496 -33.93 -49.99 33.11
CA GLN D 496 -35.21 -50.42 32.55
C GLN D 496 -36.29 -50.40 33.62
N ASP D 497 -37.49 -49.96 33.22
CA ASP D 497 -38.63 -49.96 34.14
C ASP D 497 -39.01 -51.39 34.53
N THR D 498 -38.99 -52.31 33.56
CA THR D 498 -39.32 -53.71 33.85
C THR D 498 -38.21 -54.43 34.60
N VAL D 499 -36.97 -53.93 34.52
CA VAL D 499 -35.81 -54.52 35.18
C VAL D 499 -35.68 -55.99 34.78
N ILE D 500 -35.48 -56.24 33.49
CA ILE D 500 -35.26 -57.58 32.96
C ILE D 500 -34.01 -57.55 32.10
N ASP D 501 -33.13 -58.54 32.30
CA ASP D 501 -31.85 -58.56 31.58
C ASP D 501 -32.05 -58.74 30.08
N LEU D 502 -33.02 -59.56 29.68
CA LEU D 502 -33.33 -59.93 28.29
C LEU D 502 -32.20 -60.69 27.62
N GLY D 503 -31.09 -60.97 28.31
CA GLY D 503 -29.98 -61.69 27.72
C GLY D 503 -29.42 -61.04 26.48
N ILE D 504 -28.88 -59.83 26.62
CA ILE D 504 -28.41 -59.03 25.49
C ILE D 504 -26.92 -58.78 25.65
N SER D 505 -26.15 -59.11 24.62
CA SER D 505 -24.74 -58.76 24.50
C SER D 505 -24.58 -58.21 23.08
N PHE D 506 -24.80 -56.91 22.92
CA PHE D 506 -24.96 -56.31 21.61
C PHE D 506 -24.09 -55.07 21.47
N GLN D 507 -23.65 -54.82 20.23
CA GLN D 507 -22.88 -53.63 19.90
C GLN D 507 -23.26 -53.22 18.48
N ILE D 508 -23.28 -51.91 18.23
CA ILE D 508 -23.76 -51.36 16.97
C ILE D 508 -22.79 -50.29 16.50
N TYR D 509 -22.44 -50.34 15.21
CA TYR D 509 -21.70 -49.28 14.54
C TYR D 509 -22.67 -48.57 13.60
N VAL D 510 -23.14 -47.40 14.01
CA VAL D 510 -24.11 -46.65 13.21
C VAL D 510 -23.41 -46.01 12.02
N LEU D 511 -23.98 -46.20 10.84
CA LEU D 511 -23.42 -45.66 9.61
C LEU D 511 -24.13 -44.37 9.24
N GLN D 512 -23.85 -43.85 8.05
CA GLN D 512 -24.31 -42.54 7.64
C GLN D 512 -25.36 -42.59 6.52
N ALA D 513 -25.19 -43.48 5.54
CA ALA D 513 -26.02 -43.62 4.35
C ALA D 513 -25.88 -42.46 3.38
N GLY D 514 -25.04 -41.46 3.69
CA GLY D 514 -24.82 -40.36 2.78
C GLY D 514 -23.40 -40.33 2.26
N ALA D 515 -22.46 -40.89 3.03
CA ALA D 515 -21.06 -40.96 2.65
C ALA D 515 -20.48 -42.36 2.67
N TRP D 516 -21.11 -43.30 3.35
CA TRP D 516 -20.61 -44.67 3.38
C TRP D 516 -20.79 -45.32 2.01
N PRO D 517 -19.74 -45.82 1.37
CA PRO D 517 -19.87 -46.32 0.00
C PRO D 517 -20.33 -47.76 -0.11
N LEU D 518 -20.48 -48.48 1.00
CA LEU D 518 -20.89 -49.88 0.92
C LEU D 518 -22.33 -50.00 0.42
N THR D 519 -22.55 -50.97 -0.46
CA THR D 519 -23.89 -51.20 -1.00
C THR D 519 -24.81 -51.75 0.08
N GLN D 520 -26.08 -51.37 0.00
CA GLN D 520 -27.09 -51.77 0.97
C GLN D 520 -28.24 -52.48 0.27
N ALA D 521 -28.68 -53.59 0.86
CA ALA D 521 -29.81 -54.39 0.40
C ALA D 521 -29.70 -54.76 -1.08
N PRO D 522 -28.76 -55.64 -1.46
CA PRO D 522 -28.74 -56.11 -2.85
C PRO D 522 -30.02 -56.83 -3.25
N SER D 523 -30.66 -57.54 -2.32
CA SER D 523 -31.90 -58.25 -2.58
C SER D 523 -32.80 -58.06 -1.36
N SER D 524 -33.88 -58.85 -1.30
CA SER D 524 -34.80 -58.75 -0.18
C SER D 524 -34.21 -59.39 1.06
N THR D 525 -33.98 -60.71 1.02
CA THR D 525 -33.41 -61.47 2.13
C THR D 525 -34.08 -61.13 3.45
N PHE D 526 -33.41 -60.34 4.28
CA PHE D 526 -33.94 -59.89 5.57
C PHE D 526 -34.39 -61.06 6.43
N ALA D 527 -33.58 -62.12 6.44
CA ALA D 527 -33.84 -63.31 7.23
C ALA D 527 -32.95 -63.29 8.46
N ILE D 528 -33.55 -63.36 9.64
CA ILE D 528 -32.83 -63.20 10.91
C ILE D 528 -33.40 -64.25 11.86
N PRO D 529 -32.57 -65.01 12.57
CA PRO D 529 -33.12 -65.99 13.52
C PRO D 529 -34.03 -65.35 14.56
N GLN D 530 -35.14 -66.04 14.84
CA GLN D 530 -36.17 -65.48 15.71
C GLN D 530 -35.73 -65.40 17.16
N GLU D 531 -34.94 -66.37 17.63
CA GLU D 531 -34.55 -66.40 19.03
C GLU D 531 -33.54 -65.31 19.39
N LEU D 532 -32.97 -64.62 18.41
CA LEU D 532 -32.01 -63.56 18.65
C LEU D 532 -32.54 -62.17 18.38
N GLU D 533 -33.31 -62.01 17.28
CA GLU D 533 -33.79 -60.68 16.90
C GLU D 533 -34.77 -60.09 17.91
N LYS D 534 -35.42 -60.93 18.71
CA LYS D 534 -36.37 -60.40 19.69
C LYS D 534 -35.68 -59.43 20.65
N SER D 535 -34.48 -59.78 21.12
CA SER D 535 -33.71 -58.84 21.91
C SER D 535 -33.26 -57.64 21.08
N VAL D 536 -32.87 -57.88 19.83
CA VAL D 536 -32.41 -56.79 18.96
C VAL D 536 -33.57 -55.85 18.62
N GLN D 537 -34.78 -56.41 18.44
CA GLN D 537 -35.93 -55.57 18.15
C GLN D 537 -36.21 -54.61 19.31
N MET D 538 -36.00 -55.07 20.54
CA MET D 538 -36.14 -54.17 21.69
C MET D 538 -35.14 -53.03 21.63
N PHE D 539 -33.93 -53.30 21.12
CA PHE D 539 -32.94 -52.25 20.92
C PHE D 539 -33.42 -51.20 19.93
N GLU D 540 -34.04 -51.64 18.83
CA GLU D 540 -34.46 -50.70 17.79
C GLU D 540 -35.54 -49.75 18.31
N LEU D 541 -36.53 -50.27 19.01
CA LEU D 541 -37.64 -49.44 19.44
C LEU D 541 -37.28 -48.54 20.62
N PHE D 542 -36.40 -49.01 21.50
CA PHE D 542 -36.01 -48.24 22.68
C PHE D 542 -34.87 -47.28 22.41
N TYR D 543 -34.35 -47.24 21.18
CA TYR D 543 -33.32 -46.28 20.80
C TYR D 543 -33.81 -45.21 19.83
N SER D 544 -34.79 -45.53 18.99
CA SER D 544 -35.26 -44.57 18.01
C SER D 544 -35.89 -43.35 18.67
N GLN D 545 -36.70 -43.57 19.71
CA GLN D 545 -37.36 -42.45 20.38
C GLN D 545 -36.37 -41.55 21.11
N HIS D 546 -35.16 -42.03 21.38
CA HIS D 546 -34.13 -41.15 21.95
C HIS D 546 -33.80 -40.02 20.98
N PHE D 547 -33.71 -40.33 19.69
CA PHE D 547 -33.57 -39.32 18.66
C PHE D 547 -34.91 -38.89 18.07
N SER D 548 -35.93 -39.75 18.14
CA SER D 548 -37.30 -39.47 17.74
C SER D 548 -37.45 -39.12 16.26
N GLY D 549 -36.39 -39.32 15.46
CA GLY D 549 -36.49 -39.01 14.05
C GLY D 549 -35.84 -40.04 13.15
N ARG D 550 -35.18 -41.04 13.73
CA ARG D 550 -34.41 -42.01 12.97
C ARG D 550 -34.95 -43.42 13.19
N LYS D 551 -35.11 -44.15 12.10
CA LYS D 551 -35.49 -45.56 12.12
C LYS D 551 -34.42 -46.33 11.36
N LEU D 552 -33.49 -46.95 12.09
CA LEU D 552 -32.38 -47.65 11.45
C LEU D 552 -32.88 -48.86 10.69
N THR D 553 -32.28 -49.10 9.52
CA THR D 553 -32.60 -50.25 8.69
C THR D 553 -31.54 -51.32 8.93
N TRP D 554 -31.97 -52.47 9.44
CA TRP D 554 -31.03 -53.53 9.79
C TRP D 554 -30.49 -54.20 8.52
N LEU D 555 -29.19 -54.50 8.54
CA LEU D 555 -28.51 -55.15 7.43
C LEU D 555 -27.69 -56.32 7.95
N HIS D 556 -27.32 -57.20 7.02
CA HIS D 556 -26.50 -58.36 7.36
C HIS D 556 -25.34 -58.54 6.39
N TYR D 557 -24.90 -57.47 5.73
CA TYR D 557 -23.77 -57.57 4.80
C TYR D 557 -22.50 -57.95 5.55
N LEU D 558 -22.17 -57.21 6.61
CA LEU D 558 -20.93 -57.42 7.36
C LEU D 558 -21.21 -57.80 8.80
N CYS D 559 -22.25 -58.61 9.00
CA CYS D 559 -22.56 -59.10 10.34
C CYS D 559 -21.48 -60.05 10.83
N THR D 560 -21.22 -60.01 12.14
CA THR D 560 -20.20 -60.86 12.74
C THR D 560 -20.55 -61.11 14.19
N GLY D 561 -19.91 -62.12 14.76
CA GLY D 561 -20.13 -62.48 16.15
C GLY D 561 -20.37 -63.96 16.37
N VAL D 576 -16.79 -65.93 11.21
CA VAL D 576 -17.51 -64.66 11.06
C VAL D 576 -18.97 -64.87 11.42
N THR D 577 -19.43 -66.11 11.29
CA THR D 577 -20.80 -66.51 11.64
C THR D 577 -21.83 -65.65 10.91
N THR D 578 -21.81 -65.76 9.58
CA THR D 578 -22.77 -65.08 8.72
C THR D 578 -23.82 -66.07 8.25
N TYR D 579 -25.09 -65.73 8.47
CA TYR D 579 -26.22 -66.58 8.08
C TYR D 579 -26.11 -67.95 8.76
N GLN D 580 -26.22 -67.93 10.09
CA GLN D 580 -25.99 -69.13 10.88
C GLN D 580 -27.01 -70.21 10.55
N MET D 581 -26.55 -71.46 10.56
CA MET D 581 -27.40 -72.60 10.23
C MET D 581 -28.38 -72.96 11.36
N ALA D 582 -28.17 -72.43 12.56
CA ALA D 582 -29.04 -72.67 13.71
C ALA D 582 -29.10 -74.15 14.11
N VAL D 583 -28.14 -74.94 13.64
CA VAL D 583 -27.95 -76.33 14.04
C VAL D 583 -29.15 -77.20 13.66
N LEU D 584 -30.29 -76.97 14.34
CA LEU D 584 -31.48 -77.81 14.20
C LEU D 584 -31.17 -79.25 14.56
N LEU D 585 -32.07 -80.17 14.18
CA LEU D 585 -31.95 -81.58 14.51
C LEU D 585 -32.22 -82.47 13.30
N ALA D 586 -31.77 -82.06 12.13
CA ALA D 586 -32.01 -82.81 10.90
C ALA D 586 -30.69 -83.22 10.27
N PHE D 587 -30.75 -84.26 9.43
CA PHE D 587 -29.59 -84.79 8.73
C PHE D 587 -29.83 -84.75 7.22
N ASN D 588 -28.74 -84.66 6.46
CA ASN D 588 -28.80 -84.65 5.01
C ASN D 588 -27.68 -85.53 4.47
N ASN D 589 -27.46 -85.45 3.15
CA ASN D 589 -26.43 -86.23 2.48
C ASN D 589 -25.57 -85.29 1.64
N SER D 590 -24.27 -85.61 1.55
CA SER D 590 -23.34 -84.80 0.77
C SER D 590 -22.21 -85.72 0.32
N GLU D 591 -22.24 -86.15 -0.94
CA GLU D 591 -21.24 -87.05 -1.49
C GLU D 591 -20.21 -86.32 -2.34
N THR D 592 -20.66 -85.60 -3.37
CA THR D 592 -19.79 -84.96 -4.33
C THR D 592 -20.43 -83.63 -4.74
N VAL D 593 -19.63 -82.79 -5.42
CA VAL D 593 -19.98 -81.44 -5.87
C VAL D 593 -20.91 -80.75 -4.87
N SER D 594 -22.04 -80.25 -5.34
CA SER D 594 -22.96 -79.50 -4.48
C SER D 594 -24.38 -79.77 -4.98
N TYR D 595 -25.34 -78.94 -4.53
CA TYR D 595 -26.75 -79.08 -4.86
C TYR D 595 -27.27 -80.47 -4.47
N LYS D 596 -27.07 -80.82 -3.21
CA LYS D 596 -27.51 -82.12 -2.69
C LYS D 596 -28.91 -82.05 -2.12
N GLU D 597 -29.85 -81.52 -2.89
CA GLU D 597 -31.26 -81.43 -2.51
C GLU D 597 -31.42 -80.74 -1.15
N LEU D 598 -31.02 -79.48 -1.10
CA LEU D 598 -31.12 -78.70 0.13
C LEU D 598 -32.58 -78.60 0.57
N GLN D 599 -32.82 -78.85 1.86
CA GLN D 599 -34.16 -78.90 2.40
C GLN D 599 -34.25 -78.06 3.66
N ASP D 600 -35.49 -77.81 4.09
CA ASP D 600 -35.78 -77.05 5.30
C ASP D 600 -35.19 -75.64 5.25
N SER D 601 -35.10 -75.07 4.06
CA SER D 601 -34.63 -73.70 3.92
C SER D 601 -35.78 -72.74 4.23
N THR D 602 -35.55 -71.85 5.19
CA THR D 602 -36.56 -70.88 5.59
C THR D 602 -36.58 -69.72 4.59
N GLN D 603 -37.17 -68.61 4.99
CA GLN D 603 -37.55 -67.52 4.08
C GLN D 603 -36.38 -66.65 3.60
N MET D 604 -35.08 -66.96 3.70
CA MET D 604 -34.08 -66.09 3.10
C MET D 604 -34.21 -66.08 1.59
N ASN D 605 -33.85 -64.96 0.97
CA ASN D 605 -33.75 -64.87 -0.49
C ASN D 605 -32.33 -65.28 -0.89
N GLU D 606 -32.11 -66.60 -0.87
CA GLU D 606 -30.79 -67.19 -1.08
C GLU D 606 -30.81 -68.12 -2.30
N LYS D 607 -31.56 -67.74 -3.32
CA LYS D 607 -31.63 -68.57 -4.52
C LYS D 607 -30.29 -68.62 -5.24
N GLU D 608 -29.71 -67.45 -5.50
CA GLU D 608 -28.43 -67.36 -6.21
C GLU D 608 -27.24 -67.28 -5.26
N LEU D 609 -27.48 -67.19 -3.95
CA LEU D 609 -26.41 -67.05 -2.97
C LEU D 609 -26.03 -68.37 -2.31
N THR D 610 -26.51 -69.49 -2.84
CA THR D 610 -26.16 -70.79 -2.26
C THR D 610 -24.66 -71.05 -2.36
N LYS D 611 -24.10 -70.91 -3.56
CA LYS D 611 -22.68 -71.22 -3.75
C LYS D 611 -21.79 -70.27 -2.94
N THR D 612 -22.21 -69.03 -2.76
CA THR D 612 -21.41 -68.09 -1.97
C THR D 612 -21.47 -68.38 -0.48
N ILE D 613 -22.59 -68.90 0.00
CA ILE D 613 -22.77 -69.12 1.43
C ILE D 613 -22.48 -70.56 1.82
N LYS D 614 -22.93 -71.54 1.03
CA LYS D 614 -22.73 -72.94 1.36
C LYS D 614 -21.26 -73.32 1.43
N SER D 615 -20.39 -72.61 0.70
CA SER D 615 -18.97 -72.91 0.64
C SER D 615 -18.23 -72.56 1.92
N LEU D 616 -18.89 -71.90 2.89
CA LEU D 616 -18.20 -71.48 4.10
C LEU D 616 -17.79 -72.66 4.96
N LEU D 617 -18.60 -73.71 5.02
CA LEU D 617 -18.38 -74.78 5.98
C LEU D 617 -17.60 -75.97 5.43
N ASP D 618 -17.40 -76.05 4.10
CA ASP D 618 -16.73 -77.22 3.54
C ASP D 618 -15.31 -77.38 4.08
N VAL D 619 -14.69 -76.29 4.52
CA VAL D 619 -13.41 -76.38 5.20
C VAL D 619 -13.55 -77.12 6.53
N LYS D 620 -14.68 -76.93 7.21
CA LYS D 620 -14.92 -77.53 8.53
C LYS D 620 -15.77 -78.80 8.43
N MET D 621 -16.92 -78.72 7.76
CA MET D 621 -17.91 -79.79 7.77
C MET D 621 -18.41 -80.01 6.34
N ILE D 622 -18.71 -81.26 6.01
CA ILE D 622 -19.12 -81.65 4.66
C ILE D 622 -20.48 -82.35 4.66
N ASN D 623 -20.59 -83.50 5.31
CA ASN D 623 -21.77 -84.34 5.19
C ASN D 623 -22.88 -83.98 6.18
N HIS D 624 -22.58 -83.16 7.19
CA HIS D 624 -23.55 -82.77 8.20
C HIS D 624 -24.12 -84.03 8.88
N ASP D 625 -23.21 -84.83 9.41
CA ASP D 625 -23.55 -86.08 10.09
C ASP D 625 -22.78 -86.29 11.38
N SER D 626 -21.91 -85.36 11.77
CA SER D 626 -21.11 -85.50 12.97
C SER D 626 -21.88 -84.98 14.18
N GLU D 627 -21.25 -85.07 15.34
CA GLU D 627 -21.82 -84.62 16.62
C GLU D 627 -23.12 -85.41 16.86
N LYS D 628 -24.18 -84.77 17.35
CA LYS D 628 -25.47 -85.42 17.59
C LYS D 628 -25.32 -86.64 18.50
N GLU D 629 -24.50 -86.50 19.55
CA GLU D 629 -24.30 -87.54 20.54
C GLU D 629 -25.11 -87.27 21.82
N ASP D 630 -24.88 -86.12 22.44
CA ASP D 630 -25.55 -85.78 23.69
C ASP D 630 -26.97 -85.29 23.45
N ILE D 631 -27.87 -85.64 24.36
CA ILE D 631 -29.27 -85.21 24.30
C ILE D 631 -29.63 -84.58 25.64
N ASP D 632 -30.18 -83.37 25.59
CA ASP D 632 -30.60 -82.67 26.79
C ASP D 632 -31.63 -81.62 26.40
N ALA D 633 -32.22 -80.99 27.42
CA ALA D 633 -33.21 -79.94 27.16
C ALA D 633 -32.59 -78.77 26.41
N GLU D 634 -31.40 -78.33 26.82
CA GLU D 634 -30.65 -77.31 26.11
C GLU D 634 -29.34 -77.85 25.54
N SER D 635 -28.49 -78.40 26.40
CA SER D 635 -27.19 -78.96 26.01
C SER D 635 -26.57 -79.59 27.24
N SER D 636 -25.47 -80.31 27.02
CA SER D 636 -24.76 -80.97 28.12
C SER D 636 -23.68 -80.09 28.72
N PHE D 637 -22.80 -79.53 27.88
CA PHE D 637 -21.68 -78.71 28.34
C PHE D 637 -20.84 -79.44 29.37
N SER D 638 -20.57 -80.73 29.12
CA SER D 638 -19.81 -81.53 30.08
C SER D 638 -18.39 -81.02 30.23
N LEU D 639 -17.74 -80.68 29.11
CA LEU D 639 -16.33 -80.29 29.14
C LEU D 639 -16.01 -79.49 27.89
N ASN D 640 -14.89 -78.77 27.95
CA ASN D 640 -14.42 -77.92 26.85
C ASN D 640 -13.23 -78.53 26.12
N MET D 641 -12.21 -78.96 26.86
CA MET D 641 -11.05 -79.66 26.31
C MET D 641 -10.33 -78.79 25.28
N ASN D 642 -10.63 -78.96 23.99
CA ASN D 642 -10.00 -78.16 22.95
C ASN D 642 -10.66 -76.80 22.84
N PHE D 643 -10.32 -76.07 21.77
CA PHE D 643 -10.79 -74.71 21.59
C PHE D 643 -12.32 -74.65 21.49
N SER D 644 -12.89 -73.58 22.04
CA SER D 644 -14.33 -73.38 22.07
C SER D 644 -14.65 -71.95 21.63
N SER D 645 -15.95 -71.65 21.56
CA SER D 645 -16.47 -70.33 21.20
C SER D 645 -15.98 -69.98 19.81
N LYS D 646 -15.21 -68.91 19.62
CA LYS D 646 -14.77 -68.51 18.28
C LYS D 646 -13.79 -69.53 17.68
N ARG D 647 -13.17 -70.37 18.52
CA ARG D 647 -12.19 -71.38 18.14
C ARG D 647 -11.26 -70.93 17.02
N THR D 648 -11.30 -71.64 15.89
CA THR D 648 -10.31 -71.42 14.83
C THR D 648 -10.45 -70.03 14.20
N LYS D 649 -11.68 -69.65 13.84
CA LYS D 649 -12.02 -68.32 13.31
C LYS D 649 -11.48 -68.25 11.87
N PHE D 650 -10.70 -69.24 11.47
CA PHE D 650 -10.05 -69.26 10.15
C PHE D 650 -11.02 -69.57 9.00
N LYS D 651 -12.32 -69.56 9.22
CA LYS D 651 -13.29 -69.87 8.18
C LYS D 651 -13.83 -68.64 7.47
N ILE D 652 -13.18 -67.48 7.62
CA ILE D 652 -13.64 -66.27 6.97
C ILE D 652 -13.58 -66.44 5.46
N THR D 653 -14.52 -65.80 4.76
CA THR D 653 -14.58 -65.86 3.30
C THR D 653 -14.66 -64.47 2.68
N THR D 654 -14.44 -63.41 3.49
CA THR D 654 -14.42 -62.07 2.93
C THR D 654 -13.22 -61.86 2.00
N SER D 655 -12.14 -62.60 2.23
CA SER D 655 -10.94 -62.59 1.39
C SER D 655 -10.25 -61.24 1.38
N MET D 656 -9.06 -61.19 0.77
CA MET D 656 -8.29 -59.95 0.64
C MET D 656 -8.49 -59.37 -0.76
N GLN D 657 -8.67 -58.07 -0.83
CA GLN D 657 -8.90 -57.31 -2.06
C GLN D 657 -10.20 -57.69 -2.75
N LYS D 658 -11.03 -58.51 -2.10
CA LYS D 658 -12.38 -58.86 -2.55
C LYS D 658 -12.36 -59.77 -3.78
N ASP D 659 -11.16 -60.01 -4.33
CA ASP D 659 -11.00 -60.83 -5.53
C ASP D 659 -11.99 -60.42 -6.61
N THR D 660 -12.58 -61.41 -7.30
CA THR D 660 -13.66 -61.21 -8.26
C THR D 660 -13.29 -60.14 -9.29
N PRO D 661 -12.41 -60.44 -10.26
CA PRO D 661 -11.89 -59.41 -11.16
C PRO D 661 -12.94 -58.66 -11.95
N GLN D 662 -14.21 -59.04 -11.80
CA GLN D 662 -15.32 -58.34 -12.43
C GLN D 662 -15.94 -57.27 -11.55
N GLU D 663 -15.92 -57.45 -10.23
CA GLU D 663 -16.75 -56.64 -9.34
C GLU D 663 -16.26 -55.19 -9.27
N MET D 664 -14.94 -54.98 -9.22
CA MET D 664 -14.45 -53.61 -9.10
C MET D 664 -14.62 -52.81 -10.38
N GLU D 665 -14.98 -53.48 -11.48
CA GLU D 665 -15.24 -52.75 -12.73
C GLU D 665 -16.48 -51.85 -12.60
N GLN D 666 -17.46 -52.26 -11.80
CA GLN D 666 -18.63 -51.42 -11.58
C GLN D 666 -18.26 -50.16 -10.80
N THR D 667 -17.33 -50.26 -9.86
CA THR D 667 -16.91 -49.08 -9.11
C THR D 667 -16.29 -48.04 -10.04
N ARG D 668 -15.43 -48.48 -10.97
CA ARG D 668 -14.87 -47.55 -11.95
C ARG D 668 -15.96 -47.00 -12.85
N SER D 669 -16.93 -47.83 -13.23
CA SER D 669 -18.09 -47.33 -13.96
C SER D 669 -18.89 -46.36 -13.12
N ALA D 670 -19.02 -46.64 -11.81
CA ALA D 670 -19.67 -45.70 -10.92
C ALA D 670 -18.90 -44.39 -10.84
N VAL D 671 -17.58 -44.44 -10.95
CA VAL D 671 -16.79 -43.20 -11.06
C VAL D 671 -17.18 -42.45 -12.32
N ASP D 672 -17.30 -43.16 -13.45
CA ASP D 672 -17.74 -42.52 -14.69
C ASP D 672 -19.16 -41.97 -14.55
N GLU D 673 -20.04 -42.73 -13.89
CA GLU D 673 -21.39 -42.23 -13.63
C GLU D 673 -21.34 -41.00 -12.74
N ASP D 674 -20.49 -41.03 -11.70
CA ASP D 674 -20.28 -39.83 -10.90
C ASP D 674 -19.55 -38.75 -11.69
N ARG D 675 -18.62 -39.15 -12.57
CA ARG D 675 -18.01 -38.17 -13.47
C ARG D 675 -19.05 -37.55 -14.38
N LYS D 676 -19.98 -38.37 -14.87
CA LYS D 676 -21.07 -37.84 -15.70
C LYS D 676 -21.95 -36.88 -14.92
N MET D 677 -22.05 -37.05 -13.59
CA MET D 677 -22.87 -36.13 -12.81
C MET D 677 -22.29 -34.73 -12.82
N TYR D 678 -20.96 -34.61 -12.72
CA TYR D 678 -20.34 -33.29 -12.70
C TYR D 678 -20.29 -32.66 -14.09
N LEU D 679 -20.29 -33.49 -15.14
CA LEU D 679 -20.26 -32.95 -16.50
C LEU D 679 -21.50 -32.13 -16.81
N GLN D 680 -22.66 -32.59 -16.34
CA GLN D 680 -23.92 -31.86 -16.51
C GLN D 680 -24.24 -30.97 -15.33
N ALA D 681 -23.41 -30.93 -14.30
CA ALA D 681 -23.64 -30.08 -13.13
C ALA D 681 -22.65 -28.93 -13.01
N ALA D 682 -21.40 -29.10 -13.44
CA ALA D 682 -20.46 -27.99 -13.42
C ALA D 682 -20.90 -26.89 -14.37
N ILE D 683 -21.66 -27.23 -15.41
CA ILE D 683 -22.18 -26.24 -16.34
C ILE D 683 -23.19 -25.31 -15.68
N VAL D 684 -23.83 -25.76 -14.58
CA VAL D 684 -24.86 -24.95 -13.94
C VAL D 684 -24.27 -23.64 -13.45
N ARG D 685 -23.10 -23.70 -12.81
CA ARG D 685 -22.42 -22.46 -12.41
C ARG D 685 -21.93 -21.67 -13.60
N ILE D 686 -21.55 -22.35 -14.68
CA ILE D 686 -21.03 -21.65 -15.86
C ILE D 686 -22.11 -20.78 -16.50
N MET D 687 -23.30 -21.34 -16.68
CA MET D 687 -24.40 -20.55 -17.25
C MET D 687 -25.09 -19.67 -16.22
N LYS D 688 -24.84 -19.89 -14.93
CA LYS D 688 -25.43 -19.00 -13.92
C LYS D 688 -24.81 -17.61 -13.98
N ALA D 689 -23.52 -17.53 -14.25
CA ALA D 689 -22.83 -16.25 -14.36
C ALA D 689 -22.74 -15.77 -15.81
N ARG D 690 -22.32 -16.66 -16.71
CA ARG D 690 -22.19 -16.31 -18.14
C ARG D 690 -23.45 -16.75 -18.89
N LYS D 691 -24.44 -15.85 -18.87
CA LYS D 691 -25.67 -16.12 -19.61
C LYS D 691 -25.43 -16.22 -21.11
N VAL D 692 -24.69 -15.27 -21.67
CA VAL D 692 -24.32 -15.28 -23.08
C VAL D 692 -22.99 -16.01 -23.20
N LEU D 693 -22.94 -17.01 -24.08
CA LEU D 693 -21.79 -17.89 -24.18
C LEU D 693 -21.17 -17.83 -25.57
N ARG D 694 -19.87 -18.04 -25.61
CA ARG D 694 -19.08 -18.01 -26.83
C ARG D 694 -18.37 -19.34 -27.03
N HIS D 695 -18.20 -19.75 -28.28
CA HIS D 695 -17.67 -21.07 -28.58
C HIS D 695 -16.35 -21.33 -27.86
N ASN D 696 -15.47 -20.32 -27.80
CA ASN D 696 -14.22 -20.47 -27.07
C ASN D 696 -14.42 -20.35 -25.57
N ALA D 697 -15.54 -19.76 -25.13
CA ALA D 697 -15.74 -19.52 -23.70
C ALA D 697 -16.02 -20.81 -22.94
N LEU D 698 -16.89 -21.67 -23.48
CA LEU D 698 -17.20 -22.92 -22.78
C LEU D 698 -15.97 -23.81 -22.66
N ILE D 699 -15.17 -23.89 -23.73
CA ILE D 699 -13.96 -24.69 -23.68
C ILE D 699 -12.97 -24.06 -22.71
N GLN D 700 -12.32 -24.90 -21.91
CA GLN D 700 -11.30 -24.52 -20.93
C GLN D 700 -11.91 -23.80 -19.74
N GLU D 701 -13.22 -23.51 -19.79
CA GLU D 701 -13.89 -22.94 -18.63
C GLU D 701 -13.95 -23.95 -17.48
N VAL D 702 -14.25 -25.21 -17.81
CA VAL D 702 -14.21 -26.26 -16.80
C VAL D 702 -12.78 -26.49 -16.33
N ILE D 703 -11.80 -26.31 -17.21
CA ILE D 703 -10.40 -26.42 -16.82
C ILE D 703 -10.05 -25.35 -15.79
N SER D 704 -10.54 -24.13 -15.98
CA SER D 704 -10.24 -23.05 -15.07
C SER D 704 -10.81 -23.27 -13.67
N GLN D 705 -11.76 -24.19 -13.52
CA GLN D 705 -12.39 -24.44 -12.24
C GLN D 705 -12.31 -25.88 -11.76
N SER D 706 -12.02 -26.85 -12.65
CA SER D 706 -11.98 -28.25 -12.25
C SER D 706 -10.81 -29.00 -12.87
N ARG D 707 -9.70 -28.30 -13.15
CA ARG D 707 -8.51 -28.99 -13.65
C ARG D 707 -7.94 -29.94 -12.60
N ALA D 708 -7.91 -29.50 -11.34
CA ALA D 708 -7.42 -30.37 -10.27
C ALA D 708 -8.34 -31.56 -10.06
N ARG D 709 -9.65 -31.34 -10.14
CA ARG D 709 -10.59 -32.43 -9.88
C ARG D 709 -10.45 -33.55 -10.90
N PHE D 710 -10.45 -33.23 -12.19
CA PHE D 710 -10.34 -34.24 -13.24
C PHE D 710 -9.74 -33.57 -14.46
N ASN D 711 -9.58 -34.37 -15.52
CA ASN D 711 -9.02 -33.86 -16.77
C ASN D 711 -10.11 -33.60 -17.81
N PRO D 712 -10.46 -32.34 -18.07
CA PRO D 712 -11.50 -32.04 -19.08
C PRO D 712 -10.94 -31.99 -20.49
N SER D 713 -10.52 -33.16 -20.98
CA SER D 713 -9.99 -33.27 -22.32
C SER D 713 -11.07 -32.99 -23.36
N ILE D 714 -10.65 -32.34 -24.46
CA ILE D 714 -11.60 -31.99 -25.52
C ILE D 714 -12.20 -33.23 -26.15
N SER D 715 -11.50 -34.37 -26.08
CA SER D 715 -12.02 -35.60 -26.65
C SER D 715 -13.30 -36.04 -25.97
N MET D 716 -13.34 -35.98 -24.64
CA MET D 716 -14.54 -36.37 -23.90
C MET D 716 -15.52 -35.22 -23.70
N ILE D 717 -15.09 -33.98 -23.96
CA ILE D 717 -16.01 -32.85 -23.87
C ILE D 717 -17.10 -32.96 -24.94
N LYS D 718 -16.73 -33.50 -26.11
CA LYS D 718 -17.72 -33.69 -27.18
C LYS D 718 -18.85 -34.61 -26.75
N LYS D 719 -18.59 -35.50 -25.78
CA LYS D 719 -19.67 -36.34 -25.27
C LYS D 719 -20.59 -35.56 -24.32
N CYS D 720 -20.04 -34.62 -23.55
CA CYS D 720 -20.85 -33.87 -22.60
C CYS D 720 -21.87 -32.99 -23.32
N ILE D 721 -21.45 -32.31 -24.39
CA ILE D 721 -22.35 -31.42 -25.11
C ILE D 721 -23.50 -32.17 -25.76
N GLU D 722 -23.33 -33.45 -26.04
CA GLU D 722 -24.44 -34.25 -26.56
C GLU D 722 -25.57 -34.35 -25.54
N VAL D 723 -25.21 -34.51 -24.26
CA VAL D 723 -26.22 -34.53 -23.21
C VAL D 723 -26.90 -33.16 -23.10
N LEU D 724 -26.15 -32.09 -23.33
CA LEU D 724 -26.71 -30.74 -23.26
C LEU D 724 -27.76 -30.50 -24.34
N ILE D 725 -27.76 -31.29 -25.41
CA ILE D 725 -28.76 -31.12 -26.46
C ILE D 725 -30.16 -31.38 -25.92
N ASP D 726 -30.32 -32.43 -25.12
CA ASP D 726 -31.61 -32.76 -24.54
C ASP D 726 -31.91 -31.85 -23.35
N LYS D 727 -33.07 -32.07 -22.72
CA LYS D 727 -33.52 -31.30 -21.57
C LYS D 727 -33.61 -29.81 -21.88
N GLN D 728 -33.97 -29.47 -23.11
CA GLN D 728 -34.11 -28.07 -23.51
C GLN D 728 -35.10 -27.99 -24.66
N TYR D 729 -35.81 -26.86 -24.72
CA TYR D 729 -36.81 -26.64 -25.76
C TYR D 729 -36.71 -25.27 -26.42
N ILE D 730 -35.85 -24.37 -25.93
CA ILE D 730 -35.71 -23.06 -26.53
C ILE D 730 -34.85 -23.18 -27.78
N GLU D 731 -35.37 -22.68 -28.90
CA GLU D 731 -34.67 -22.79 -30.17
C GLU D 731 -33.53 -21.77 -30.24
N ARG D 732 -32.40 -22.22 -30.77
CA ARG D 732 -31.21 -21.38 -30.93
C ARG D 732 -31.17 -20.89 -32.38
N SER D 733 -31.71 -19.69 -32.60
CA SER D 733 -31.80 -19.16 -33.95
C SER D 733 -30.43 -18.80 -34.52
N GLN D 734 -29.63 -18.08 -33.75
CA GLN D 734 -28.35 -17.60 -34.24
C GLN D 734 -27.30 -18.71 -34.24
N ALA D 735 -26.20 -18.47 -34.95
CA ALA D 735 -25.10 -19.43 -35.01
C ALA D 735 -23.75 -18.75 -34.91
N SER D 736 -23.69 -17.50 -34.46
CA SER D 736 -22.43 -16.79 -34.34
C SER D 736 -21.52 -17.44 -33.29
N ALA D 737 -22.11 -17.88 -32.18
CA ALA D 737 -21.38 -18.52 -31.10
C ALA D 737 -21.89 -19.96 -30.94
N ASP D 738 -21.44 -20.62 -29.87
CA ASP D 738 -21.88 -21.98 -29.60
C ASP D 738 -23.36 -21.99 -29.21
N GLU D 739 -24.08 -23.00 -29.70
CA GLU D 739 -25.52 -23.10 -29.49
C GLU D 739 -25.90 -24.00 -28.32
N TYR D 740 -24.93 -24.52 -27.57
CA TYR D 740 -25.23 -25.42 -26.47
C TYR D 740 -25.70 -24.69 -25.22
N SER D 741 -25.63 -23.37 -25.19
CA SER D 741 -26.14 -22.59 -24.06
C SER D 741 -27.66 -22.64 -24.03
N TYR D 742 -28.21 -22.80 -22.84
CA TYR D 742 -29.66 -22.80 -22.65
C TYR D 742 -30.16 -21.38 -22.43
N VAL D 743 -31.29 -21.05 -23.06
CA VAL D 743 -31.89 -19.72 -22.99
C VAL D 743 -30.90 -18.65 -23.42
N SER E 14 -17.08 -87.46 16.36
CA SER E 14 -16.62 -86.19 15.82
C SER E 14 -15.12 -86.26 15.60
N GLY E 15 -14.68 -85.87 14.40
CA GLY E 15 -13.26 -85.81 14.11
C GLY E 15 -12.58 -84.65 14.80
N ALA E 16 -13.13 -83.45 14.61
CA ALA E 16 -12.63 -82.25 15.29
C ALA E 16 -13.81 -81.31 15.49
N GLY E 17 -14.43 -81.37 16.66
CA GLY E 17 -15.61 -80.55 16.92
C GLY E 17 -16.12 -80.76 18.33
N LYS E 18 -17.30 -80.21 18.58
CA LYS E 18 -17.91 -80.26 19.91
C LYS E 18 -19.42 -80.11 19.74
N LYS E 19 -20.15 -80.32 20.84
CA LYS E 19 -21.60 -80.14 20.84
C LYS E 19 -22.03 -78.77 20.33
N ARG E 20 -21.28 -77.73 20.70
CA ARG E 20 -21.55 -76.36 20.23
C ARG E 20 -22.93 -75.95 20.75
N PHE E 21 -23.81 -75.41 19.91
CA PHE E 21 -25.11 -74.90 20.34
C PHE E 21 -24.94 -73.88 21.45
N GLU E 22 -24.16 -72.84 21.17
CA GLU E 22 -23.92 -71.76 22.10
C GLU E 22 -24.20 -70.43 21.42
N VAL E 23 -24.59 -69.44 22.21
CA VAL E 23 -24.92 -68.12 21.73
C VAL E 23 -23.87 -67.14 22.23
N LYS E 24 -23.30 -66.35 21.31
CA LYS E 24 -22.28 -65.38 21.62
C LYS E 24 -22.79 -63.97 21.32
N LYS E 25 -21.95 -62.98 21.58
CA LYS E 25 -22.30 -61.61 21.27
C LYS E 25 -22.39 -61.40 19.76
N TRP E 26 -23.35 -60.59 19.34
CA TRP E 26 -23.58 -60.31 17.92
C TRP E 26 -23.53 -58.81 17.69
N ASN E 27 -22.68 -58.39 16.76
CA ASN E 27 -22.54 -56.99 16.40
C ASN E 27 -22.51 -56.85 14.89
N ALA E 28 -23.10 -55.77 14.39
CA ALA E 28 -23.15 -55.51 12.96
C ALA E 28 -23.36 -54.02 12.76
N VAL E 29 -23.68 -53.63 11.52
CA VAL E 29 -23.88 -52.23 11.17
C VAL E 29 -25.34 -52.03 10.76
N ALA E 30 -25.78 -50.79 10.91
CA ALA E 30 -27.15 -50.41 10.58
C ALA E 30 -27.15 -49.08 9.83
N LEU E 31 -28.18 -48.87 9.04
CA LEU E 31 -28.33 -47.65 8.24
C LEU E 31 -29.59 -46.92 8.67
N TRP E 32 -29.46 -45.64 9.02
CA TRP E 32 -30.58 -44.84 9.45
C TRP E 32 -30.99 -43.87 8.34
N ALA E 33 -32.28 -43.54 8.31
CA ALA E 33 -32.83 -42.66 7.30
C ALA E 33 -33.96 -41.84 7.91
N TRP E 34 -34.28 -40.74 7.24
CA TRP E 34 -35.35 -39.86 7.70
C TRP E 34 -36.74 -40.37 7.35
N ASP E 35 -36.83 -41.46 6.59
CA ASP E 35 -38.05 -42.18 6.25
C ASP E 35 -38.97 -41.41 5.32
N ILE E 36 -38.64 -40.17 4.97
CA ILE E 36 -39.44 -39.36 4.05
C ILE E 36 -38.50 -38.86 2.96
N VAL E 37 -38.43 -39.60 1.85
CA VAL E 37 -37.51 -39.23 0.77
C VAL E 37 -37.99 -37.97 0.06
N VAL E 38 -39.31 -37.74 0.02
CA VAL E 38 -39.93 -36.63 -0.72
C VAL E 38 -39.57 -36.75 -2.19
N ASP E 39 -39.26 -37.98 -2.64
CA ASP E 39 -38.96 -38.28 -4.03
C ASP E 39 -37.88 -37.34 -4.58
N ASN E 40 -36.80 -37.19 -3.81
CA ASN E 40 -35.61 -36.40 -4.18
C ASN E 40 -35.98 -35.01 -4.69
N CYS E 41 -37.11 -34.48 -4.21
CA CYS E 41 -37.60 -33.13 -4.54
C CYS E 41 -37.78 -33.07 -6.06
N ALA E 42 -37.38 -31.99 -6.72
CA ALA E 42 -37.57 -31.84 -8.15
C ALA E 42 -36.26 -31.71 -8.92
N ILE E 43 -35.40 -30.77 -8.54
CA ILE E 43 -34.18 -30.51 -9.28
C ILE E 43 -32.92 -30.88 -8.52
N CYS E 44 -32.94 -30.84 -7.18
CA CYS E 44 -31.76 -31.19 -6.42
C CYS E 44 -31.41 -32.67 -6.61
N ARG E 45 -32.42 -33.54 -6.64
CA ARG E 45 -32.29 -34.99 -6.80
C ARG E 45 -31.07 -35.54 -6.06
N ASN E 46 -30.96 -35.16 -4.79
CA ASN E 46 -29.88 -35.60 -3.92
C ASN E 46 -30.50 -36.16 -2.63
N HIS E 47 -29.64 -36.73 -1.79
CA HIS E 47 -30.10 -37.24 -0.50
C HIS E 47 -30.62 -36.09 0.36
N ILE E 48 -31.74 -36.34 1.04
CA ILE E 48 -32.39 -35.27 1.81
C ILE E 48 -31.53 -34.81 2.98
N MET E 49 -30.60 -35.64 3.44
CA MET E 49 -29.72 -35.22 4.53
C MET E 49 -28.74 -34.14 4.06
N ASP E 50 -28.18 -34.31 2.87
CA ASP E 50 -27.16 -33.40 2.38
C ASP E 50 -27.74 -32.03 2.06
N LEU E 51 -26.88 -31.02 2.09
CA LEU E 51 -27.29 -29.66 1.76
C LEU E 51 -27.78 -29.58 0.32
N CYS E 52 -28.93 -28.94 0.14
CA CYS E 52 -29.52 -28.81 -1.18
C CYS E 52 -28.83 -27.72 -1.99
N ILE E 53 -28.79 -27.91 -3.30
CA ILE E 53 -28.25 -26.89 -4.19
C ILE E 53 -29.20 -25.71 -4.28
N GLU E 54 -30.48 -25.92 -3.98
CA GLU E 54 -31.49 -24.89 -4.16
C GLU E 54 -31.37 -23.76 -3.15
N CYS E 55 -30.82 -24.01 -1.97
CA CYS E 55 -30.83 -23.02 -0.89
C CYS E 55 -29.94 -21.81 -1.15
N GLN E 56 -29.34 -21.70 -2.33
CA GLN E 56 -28.48 -20.57 -2.65
C GLN E 56 -29.22 -19.40 -3.27
N ALA E 57 -30.54 -19.50 -3.46
CA ALA E 57 -31.32 -18.45 -4.10
C ALA E 57 -32.31 -17.79 -3.16
N ASN E 58 -33.16 -18.57 -2.49
CA ASN E 58 -34.15 -17.99 -1.58
C ASN E 58 -33.47 -17.31 -0.39
N GLN E 59 -32.37 -17.88 0.11
CA GLN E 59 -31.59 -17.32 1.21
C GLN E 59 -32.44 -17.18 2.47
N ALA E 60 -32.94 -18.32 2.94
CA ALA E 60 -33.72 -18.40 4.17
C ALA E 60 -32.86 -19.14 5.19
N SER E 61 -32.05 -18.39 5.92
CA SER E 61 -31.12 -18.98 6.89
C SER E 61 -31.89 -19.45 8.12
N ALA E 62 -32.09 -20.76 8.22
CA ALA E 62 -32.80 -21.35 9.36
C ALA E 62 -32.49 -22.83 9.40
N THR E 63 -32.08 -23.32 10.57
CA THR E 63 -31.79 -24.74 10.80
C THR E 63 -30.72 -25.23 9.81
N SER E 64 -29.52 -24.67 10.00
CA SER E 64 -28.41 -25.01 9.11
C SER E 64 -28.08 -26.50 9.13
N GLU E 65 -28.28 -27.16 10.28
CA GLU E 65 -28.02 -28.60 10.35
C GLU E 65 -28.98 -29.38 9.45
N GLU E 66 -30.25 -29.01 9.46
CA GLU E 66 -31.29 -29.71 8.68
C GLU E 66 -31.80 -28.74 7.61
N CYS E 67 -31.21 -28.82 6.42
CA CYS E 67 -31.55 -27.87 5.36
C CYS E 67 -32.96 -28.09 4.83
N THR E 68 -33.33 -29.34 4.54
CA THR E 68 -34.58 -29.63 3.88
C THR E 68 -35.57 -30.45 4.70
N VAL E 69 -35.10 -31.22 5.69
CA VAL E 69 -36.01 -32.08 6.44
C VAL E 69 -36.82 -31.24 7.44
N ALA E 70 -38.07 -30.98 7.09
CA ALA E 70 -38.99 -30.19 7.92
C ALA E 70 -40.36 -30.28 7.26
N TRP E 71 -41.31 -29.52 7.80
CA TRP E 71 -42.64 -29.43 7.21
C TRP E 71 -42.63 -28.52 5.99
N GLY E 72 -43.39 -28.92 4.96
CA GLY E 72 -43.43 -28.20 3.72
C GLY E 72 -44.47 -27.08 3.71
N VAL E 73 -44.48 -26.34 2.60
CA VAL E 73 -45.43 -25.24 2.45
C VAL E 73 -46.84 -25.77 2.28
N CYS E 74 -47.00 -26.94 1.68
CA CYS E 74 -48.31 -27.51 1.38
C CYS E 74 -48.90 -28.28 2.56
N ASN E 75 -48.46 -27.98 3.78
CA ASN E 75 -48.92 -28.68 4.99
C ASN E 75 -48.66 -30.18 4.89
N HIS E 76 -47.52 -30.53 4.29
CA HIS E 76 -47.14 -31.92 4.11
C HIS E 76 -45.62 -32.00 4.10
N ALA E 77 -45.10 -33.21 4.34
CA ALA E 77 -43.66 -33.41 4.40
C ALA E 77 -43.00 -33.08 3.06
N PHE E 78 -42.22 -32.00 3.04
CA PHE E 78 -41.55 -31.55 1.83
C PHE E 78 -40.21 -30.92 2.21
N HIS E 79 -39.42 -30.60 1.19
CA HIS E 79 -38.19 -29.85 1.41
C HIS E 79 -38.49 -28.45 1.93
N PHE E 80 -37.65 -27.97 2.82
CA PHE E 80 -37.90 -26.68 3.46
C PHE E 80 -37.86 -25.54 2.47
N HIS E 81 -36.89 -25.55 1.55
CA HIS E 81 -36.72 -24.46 0.60
C HIS E 81 -36.77 -24.88 -0.86
N CYS E 82 -36.55 -26.15 -1.17
CA CYS E 82 -36.61 -26.58 -2.57
C CYS E 82 -38.00 -26.35 -3.16
N ILE E 83 -39.05 -26.64 -2.39
CA ILE E 83 -40.42 -26.38 -2.83
C ILE E 83 -40.84 -24.94 -2.61
N SER E 84 -40.08 -24.16 -1.85
CA SER E 84 -40.40 -22.75 -1.66
C SER E 84 -40.32 -21.99 -2.98
N ARG E 85 -39.29 -22.27 -3.78
CA ARG E 85 -39.19 -21.66 -5.10
C ARG E 85 -40.31 -22.13 -6.01
N TRP E 86 -40.84 -23.32 -5.76
CA TRP E 86 -41.85 -23.90 -6.66
C TRP E 86 -43.08 -23.02 -6.75
N LEU E 87 -43.54 -22.46 -5.63
CA LEU E 87 -44.71 -21.59 -5.66
C LEU E 87 -44.45 -20.34 -6.50
N LYS E 88 -43.18 -19.92 -6.61
CA LYS E 88 -42.86 -18.71 -7.34
C LYS E 88 -42.94 -18.90 -8.86
N THR E 89 -42.63 -20.09 -9.35
CA THR E 89 -42.50 -20.31 -10.79
C THR E 89 -43.50 -21.33 -11.35
N ARG E 90 -43.67 -22.47 -10.69
CA ARG E 90 -44.47 -23.57 -11.23
C ARG E 90 -45.62 -23.91 -10.30
N GLN E 91 -46.38 -24.95 -10.66
CA GLN E 91 -47.54 -25.37 -9.89
C GLN E 91 -47.62 -26.88 -9.64
N VAL E 92 -46.91 -27.71 -10.40
CA VAL E 92 -47.06 -29.15 -10.25
C VAL E 92 -46.45 -29.62 -8.93
N CYS E 93 -46.80 -30.85 -8.56
CA CYS E 93 -46.30 -31.45 -7.32
C CYS E 93 -45.09 -32.31 -7.62
N PRO E 94 -43.91 -31.99 -7.09
CA PRO E 94 -42.71 -32.78 -7.37
C PRO E 94 -42.60 -34.08 -6.58
N LEU E 95 -43.66 -34.52 -5.91
CA LEU E 95 -43.60 -35.69 -5.06
C LEU E 95 -44.27 -36.93 -5.63
N ASP E 96 -45.32 -36.77 -6.42
CA ASP E 96 -46.13 -37.89 -6.88
C ASP E 96 -46.03 -38.05 -8.40
N ASN E 97 -45.95 -39.30 -8.85
CA ASN E 97 -46.02 -39.70 -10.25
C ASN E 97 -44.87 -39.15 -11.09
N ARG E 98 -43.77 -38.73 -10.47
CA ARG E 98 -42.62 -38.21 -11.19
C ARG E 98 -41.36 -38.83 -10.61
N GLU E 99 -40.65 -39.60 -11.44
CA GLU E 99 -39.40 -40.23 -11.03
C GLU E 99 -38.34 -39.97 -12.09
N TRP E 100 -37.09 -39.89 -11.64
CA TRP E 100 -35.93 -39.64 -12.50
C TRP E 100 -36.16 -38.32 -13.24
N GLU E 101 -36.18 -38.29 -14.57
CA GLU E 101 -36.40 -37.06 -15.34
C GLU E 101 -35.39 -35.98 -14.98
N GLY F 1 -45.50 56.76 6.38
CA GLY F 1 -46.64 55.98 6.81
C GLY F 1 -46.41 55.23 8.11
N MET F 2 -47.28 54.28 8.40
CA MET F 2 -47.15 53.50 9.63
C MET F 2 -46.00 52.51 9.52
N THR F 3 -45.48 52.10 10.68
CA THR F 3 -44.25 51.31 10.73
C THR F 3 -44.41 49.98 10.01
N GLU F 4 -43.39 49.62 9.23
CA GLU F 4 -43.34 48.36 8.51
C GLU F 4 -42.22 47.49 9.06
N TYR F 5 -42.48 46.18 9.11
CA TYR F 5 -41.50 45.21 9.58
C TYR F 5 -41.30 44.15 8.50
N LYS F 6 -40.07 44.06 7.99
CA LYS F 6 -39.71 43.07 6.98
C LYS F 6 -39.12 41.85 7.68
N LEU F 7 -39.90 40.78 7.77
CA LEU F 7 -39.46 39.54 8.40
C LEU F 7 -39.40 38.43 7.36
N VAL F 8 -38.53 37.45 7.61
CA VAL F 8 -38.24 36.39 6.65
C VAL F 8 -38.48 35.05 7.33
N VAL F 9 -39.16 34.14 6.63
CA VAL F 9 -39.42 32.80 7.12
C VAL F 9 -38.54 31.84 6.33
N VAL F 10 -37.64 31.14 7.03
CA VAL F 10 -36.70 30.21 6.41
C VAL F 10 -36.79 28.87 7.12
N GLY F 11 -36.31 27.84 6.45
CA GLY F 11 -36.31 26.49 6.96
C GLY F 11 -36.19 25.47 5.84
N ALA F 12 -36.16 24.21 6.21
CA ALA F 12 -36.09 23.13 5.23
C ALA F 12 -37.39 23.03 4.45
N VAL F 13 -37.31 22.45 3.25
CA VAL F 13 -38.48 22.30 2.42
C VAL F 13 -39.41 21.25 3.04
N GLY F 14 -40.69 21.61 3.17
CA GLY F 14 -41.68 20.72 3.73
C GLY F 14 -41.95 20.89 5.22
N VAL F 15 -41.32 21.86 5.87
CA VAL F 15 -41.58 22.06 7.29
C VAL F 15 -42.87 22.85 7.53
N GLY F 16 -43.31 23.62 6.56
CA GLY F 16 -44.53 24.39 6.68
C GLY F 16 -44.38 25.90 6.66
N LYS F 17 -43.37 26.44 5.96
CA LYS F 17 -43.22 27.88 5.88
C LYS F 17 -44.40 28.53 5.18
N SER F 18 -44.84 27.94 4.06
CA SER F 18 -45.97 28.49 3.32
C SER F 18 -47.27 28.35 4.11
N ALA F 19 -47.46 27.19 4.76
CA ALA F 19 -48.69 26.97 5.52
C ALA F 19 -48.80 27.95 6.68
N LEU F 20 -47.69 28.21 7.38
CA LEU F 20 -47.72 29.18 8.47
C LEU F 20 -47.99 30.59 7.95
N THR F 21 -47.41 30.95 6.81
CA THR F 21 -47.61 32.27 6.25
C THR F 21 -49.07 32.49 5.84
N ILE F 22 -49.65 31.51 5.14
CA ILE F 22 -51.02 31.63 4.68
C ILE F 22 -51.98 31.64 5.86
N GLN F 23 -51.70 30.82 6.87
CA GLN F 23 -52.57 30.74 8.04
C GLN F 23 -52.60 32.08 8.79
N LEU F 24 -51.46 32.76 8.86
CA LEU F 24 -51.39 34.02 9.59
C LEU F 24 -52.18 35.12 8.88
N ILE F 25 -52.06 35.20 7.57
CA ILE F 25 -52.65 36.32 6.82
C ILE F 25 -54.07 36.00 6.37
N GLN F 26 -54.33 34.78 5.91
CA GLN F 26 -55.63 34.43 5.34
C GLN F 26 -56.52 33.66 6.32
N ASN F 27 -56.00 33.27 7.48
CA ASN F 27 -56.78 32.63 8.54
C ASN F 27 -57.40 31.31 8.11
N HIS F 28 -56.72 30.54 7.26
CA HIS F 28 -57.13 29.18 6.94
C HIS F 28 -55.90 28.35 6.58
N PHE F 29 -56.04 27.04 6.73
CA PHE F 29 -54.94 26.11 6.51
C PHE F 29 -54.98 25.59 5.07
N VAL F 30 -53.88 25.78 4.35
CA VAL F 30 -53.73 25.28 2.98
C VAL F 30 -52.66 24.20 3.02
N ASP F 31 -53.04 22.97 2.69
CA ASP F 31 -52.11 21.86 2.67
C ASP F 31 -51.59 21.61 1.26
N GLU F 32 -50.35 21.12 1.19
CA GLU F 32 -49.68 20.81 -0.08
C GLU F 32 -49.63 22.03 -0.99
N TYR F 33 -49.34 23.20 -0.42
CA TYR F 33 -49.12 24.39 -1.22
C TYR F 33 -47.86 24.20 -2.07
N ASP F 34 -47.86 24.78 -3.26
CA ASP F 34 -46.78 24.61 -4.23
C ASP F 34 -45.44 24.98 -3.59
N PRO F 35 -44.53 24.02 -3.44
CA PRO F 35 -43.29 24.29 -2.71
C PRO F 35 -42.33 25.21 -3.43
N THR F 36 -42.51 25.45 -4.73
CA THR F 36 -41.57 26.24 -5.50
C THR F 36 -41.89 27.74 -5.49
N ILE F 37 -43.03 28.14 -4.94
CA ILE F 37 -43.41 29.55 -4.96
C ILE F 37 -42.72 30.28 -3.82
N GLU F 38 -41.96 31.31 -4.14
CA GLU F 38 -41.37 32.22 -3.16
C GLU F 38 -41.89 33.62 -3.45
N ASP F 39 -42.55 34.23 -2.46
CA ASP F 39 -43.20 35.51 -2.67
C ASP F 39 -43.29 36.24 -1.35
N SER F 40 -43.61 37.54 -1.44
CA SER F 40 -43.78 38.40 -0.29
C SER F 40 -45.26 38.70 -0.06
N TYR F 41 -45.68 38.65 1.20
CA TYR F 41 -47.08 38.87 1.55
C TYR F 41 -47.15 39.90 2.67
N ARG F 42 -48.19 40.72 2.65
CA ARG F 42 -48.35 41.83 3.59
C ARG F 42 -49.64 41.67 4.38
N LYS F 43 -49.61 42.14 5.63
CA LYS F 43 -50.78 42.10 6.51
C LYS F 43 -50.65 43.21 7.54
N GLN F 44 -51.78 43.85 7.84
CA GLN F 44 -51.83 44.90 8.86
C GLN F 44 -52.35 44.32 10.16
N VAL F 45 -51.55 44.42 11.23
CA VAL F 45 -51.87 43.83 12.52
C VAL F 45 -51.54 44.84 13.62
N VAL F 46 -52.04 44.54 14.81
CA VAL F 46 -51.79 45.36 16.00
C VAL F 46 -51.19 44.46 17.07
N ILE F 47 -50.01 44.82 17.58
CA ILE F 47 -49.35 44.10 18.65
C ILE F 47 -49.02 45.09 19.76
N ASP F 48 -49.46 44.76 20.98
CA ASP F 48 -49.17 45.58 22.17
C ASP F 48 -49.64 47.02 21.98
N GLY F 49 -50.78 47.17 21.31
CA GLY F 49 -51.38 48.48 21.12
C GLY F 49 -50.82 49.31 19.98
N GLU F 50 -49.82 48.80 19.26
CA GLU F 50 -49.22 49.53 18.15
C GLU F 50 -49.55 48.83 16.84
N THR F 51 -50.15 49.57 15.91
CA THR F 51 -50.46 49.01 14.60
C THR F 51 -49.26 49.13 13.67
N CYS F 52 -49.00 48.06 12.93
CA CYS F 52 -47.87 48.04 12.00
C CYS F 52 -48.17 47.08 10.86
N LEU F 53 -47.43 47.22 9.78
CA LEU F 53 -47.54 46.38 8.60
C LEU F 53 -46.42 45.35 8.61
N LEU F 54 -46.76 44.09 8.40
CA LEU F 54 -45.80 43.01 8.29
C LEU F 54 -45.59 42.65 6.83
N ASP F 55 -44.33 42.68 6.39
CA ASP F 55 -43.95 42.27 5.04
C ASP F 55 -43.31 40.90 5.18
N ILE F 56 -44.06 39.86 4.84
CA ILE F 56 -43.66 38.48 5.09
C ILE F 56 -43.15 37.86 3.80
N LEU F 57 -41.86 37.52 3.77
CA LEU F 57 -41.26 36.85 2.64
C LEU F 57 -41.22 35.35 2.92
N ASP F 58 -41.98 34.58 2.15
CA ASP F 58 -42.02 33.12 2.30
C ASP F 58 -41.00 32.54 1.33
N THR F 59 -39.87 32.09 1.87
CA THR F 59 -38.76 31.65 1.03
C THR F 59 -38.97 30.22 0.54
N ALA F 60 -38.37 29.92 -0.60
CA ALA F 60 -38.44 28.60 -1.21
C ALA F 60 -37.37 28.50 -2.28
N GLY F 61 -37.21 27.30 -2.82
CA GLY F 61 -36.30 27.09 -3.93
C GLY F 61 -34.97 26.48 -3.53
N GLN F 62 -34.08 26.44 -4.52
CA GLN F 62 -32.78 25.81 -4.33
C GLN F 62 -31.83 26.74 -3.58
N GLU F 63 -30.89 26.13 -2.85
CA GLU F 63 -29.83 26.89 -2.21
C GLU F 63 -28.92 27.50 -3.25
N GLU F 64 -28.59 28.78 -3.07
CA GLU F 64 -27.80 29.53 -4.04
C GLU F 64 -27.16 30.72 -3.32
N TYR F 65 -25.90 31.00 -3.64
CA TYR F 65 -25.13 32.05 -2.99
C TYR F 65 -24.61 33.04 -4.03
N SER F 66 -25.13 34.26 -3.97
CA SER F 66 -24.62 35.37 -4.76
C SER F 66 -25.02 36.67 -4.09
N ALA F 67 -24.64 37.79 -4.71
CA ALA F 67 -24.92 39.09 -4.13
C ALA F 67 -26.41 39.40 -4.13
N MET F 68 -27.13 38.95 -5.17
CA MET F 68 -28.53 39.34 -5.30
C MET F 68 -29.39 38.72 -4.20
N ARG F 69 -29.21 37.43 -3.93
CA ARG F 69 -29.98 36.79 -2.86
C ARG F 69 -29.49 37.25 -1.49
N ASP F 70 -28.18 37.49 -1.36
CA ASP F 70 -27.64 38.01 -0.10
C ASP F 70 -28.25 39.38 0.21
N GLN F 71 -28.29 40.26 -0.79
CA GLN F 71 -28.95 41.56 -0.61
C GLN F 71 -30.44 41.39 -0.38
N TYR F 72 -31.06 40.46 -1.10
CA TYR F 72 -32.49 40.19 -0.90
C TYR F 72 -32.76 39.70 0.52
N MET F 73 -31.86 38.86 1.05
CA MET F 73 -32.01 38.40 2.43
C MET F 73 -31.62 39.49 3.43
N ARG F 74 -30.74 40.41 3.03
CA ARG F 74 -30.26 41.44 3.95
C ARG F 74 -31.38 42.41 4.33
N THR F 75 -32.39 42.56 3.48
CA THR F 75 -33.49 43.46 3.77
C THR F 75 -34.31 43.02 4.97
N GLY F 76 -34.30 41.73 5.29
CA GLY F 76 -35.06 41.22 6.42
C GLY F 76 -34.63 41.77 7.76
N GLU F 77 -35.60 42.21 8.57
CA GLU F 77 -35.34 42.70 9.91
C GLU F 77 -35.45 41.61 10.97
N GLY F 78 -36.29 40.61 10.74
CA GLY F 78 -36.40 39.48 11.63
C GLY F 78 -36.48 38.21 10.82
N PHE F 79 -36.14 37.09 11.45
CA PHE F 79 -36.08 35.80 10.76
C PHE F 79 -36.78 34.73 11.58
N LEU F 80 -37.51 33.87 10.89
CA LEU F 80 -38.19 32.73 11.51
C LEU F 80 -37.60 31.44 10.96
N CYS F 81 -36.74 30.79 11.74
CA CYS F 81 -36.17 29.50 11.38
C CYS F 81 -37.11 28.43 11.93
N VAL F 82 -37.91 27.85 11.05
CA VAL F 82 -38.98 26.91 11.43
C VAL F 82 -38.56 25.51 11.03
N PHE F 83 -38.78 24.56 11.95
CA PHE F 83 -38.51 23.15 11.72
C PHE F 83 -39.74 22.34 12.11
N ALA F 84 -39.79 21.10 11.64
CA ALA F 84 -40.87 20.18 11.96
C ALA F 84 -40.43 19.27 13.09
N ILE F 85 -41.26 19.17 14.14
CA ILE F 85 -40.93 18.35 15.29
C ILE F 85 -40.89 16.87 14.96
N ASN F 86 -41.49 16.47 13.85
CA ASN F 86 -41.44 15.08 13.39
C ASN F 86 -40.36 14.86 12.33
N ASN F 87 -39.52 15.88 12.08
CA ASN F 87 -38.45 15.80 11.09
C ASN F 87 -37.16 16.17 11.81
N THR F 88 -36.37 15.16 12.19
CA THR F 88 -35.11 15.40 12.88
C THR F 88 -34.13 16.13 11.98
N LYS F 89 -34.11 15.81 10.69
CA LYS F 89 -33.18 16.45 9.75
C LYS F 89 -33.44 17.94 9.66
N SER F 90 -34.72 18.35 9.70
CA SER F 90 -35.04 19.77 9.65
C SER F 90 -34.51 20.51 10.88
N PHE F 91 -34.61 19.90 12.07
CA PHE F 91 -34.06 20.52 13.26
C PHE F 91 -32.54 20.61 13.18
N GLU F 92 -31.88 19.57 12.66
CA GLU F 92 -30.43 19.61 12.49
C GLU F 92 -30.00 20.69 11.50
N ASP F 93 -30.83 20.99 10.50
CA ASP F 93 -30.52 22.03 9.54
C ASP F 93 -30.71 23.43 10.09
N ILE F 94 -31.30 23.57 11.28
CA ILE F 94 -31.62 24.88 11.82
C ILE F 94 -30.35 25.71 12.01
N HIS F 95 -29.28 25.07 12.49
CA HIS F 95 -28.03 25.79 12.70
C HIS F 95 -27.49 26.35 11.40
N HIS F 96 -27.66 25.62 10.30
CA HIS F 96 -27.13 26.06 9.02
C HIS F 96 -27.79 27.36 8.56
N TYR F 97 -29.11 27.47 8.75
CA TYR F 97 -29.80 28.69 8.37
C TYR F 97 -29.39 29.87 9.25
N ARG F 98 -29.11 29.62 10.52
CA ARG F 98 -28.78 30.70 11.44
C ARG F 98 -27.49 31.40 11.05
N GLU F 99 -26.45 30.64 10.70
CA GLU F 99 -25.16 31.24 10.38
C GLU F 99 -25.27 32.19 9.20
N GLN F 100 -25.93 31.76 8.13
CA GLN F 100 -26.04 32.58 6.93
C GLN F 100 -26.75 33.89 7.21
N ILE F 101 -27.78 33.85 8.06
CA ILE F 101 -28.45 35.08 8.47
C ILE F 101 -27.46 36.01 9.16
N LYS F 102 -26.55 35.45 9.96
CA LYS F 102 -25.56 36.26 10.64
C LYS F 102 -24.54 36.84 9.65
N ARG F 103 -24.24 36.10 8.59
CA ARG F 103 -23.30 36.57 7.58
C ARG F 103 -23.89 37.72 6.78
N VAL F 104 -25.12 37.57 6.32
CA VAL F 104 -25.76 38.59 5.50
C VAL F 104 -26.08 39.85 6.32
N LYS F 105 -26.43 39.67 7.59
CA LYS F 105 -26.67 40.82 8.47
C LYS F 105 -25.39 41.34 9.11
N ASP F 106 -24.30 40.59 9.03
CA ASP F 106 -23.00 40.99 9.58
C ASP F 106 -23.12 41.35 11.06
N SER F 107 -23.83 40.51 11.81
CA SER F 107 -24.02 40.75 13.24
C SER F 107 -24.37 39.43 13.91
N GLU F 108 -23.90 39.29 15.16
CA GLU F 108 -24.26 38.15 15.99
C GLU F 108 -25.59 38.33 16.69
N ASP F 109 -26.15 39.54 16.69
CA ASP F 109 -27.42 39.85 17.35
C ASP F 109 -28.43 40.22 16.27
N VAL F 110 -29.20 39.23 15.83
CA VAL F 110 -30.23 39.41 14.82
C VAL F 110 -31.56 38.94 15.41
N PRO F 111 -32.63 39.74 15.33
CA PRO F 111 -33.93 39.26 15.81
C PRO F 111 -34.37 38.00 15.10
N MET F 112 -34.63 36.94 15.87
CA MET F 112 -34.83 35.62 15.31
C MET F 112 -35.51 34.74 16.35
N VAL F 113 -36.56 34.04 15.93
CA VAL F 113 -37.37 33.22 16.82
C VAL F 113 -37.46 31.81 16.26
N LEU F 114 -37.14 30.83 17.10
CA LEU F 114 -37.18 29.42 16.69
C LEU F 114 -38.61 28.92 16.73
N VAL F 115 -39.03 28.26 15.65
CA VAL F 115 -40.42 27.82 15.49
C VAL F 115 -40.43 26.31 15.26
N GLY F 116 -41.20 25.60 16.08
CA GLY F 116 -41.43 24.18 15.87
C GLY F 116 -42.82 23.92 15.35
N ASN F 117 -42.93 23.61 14.06
CA ASN F 117 -44.23 23.48 13.41
C ASN F 117 -44.75 22.04 13.53
N LYS F 118 -45.99 21.86 13.06
CA LYS F 118 -46.66 20.55 13.05
C LYS F 118 -46.79 19.97 14.45
N SER F 119 -47.19 20.79 15.42
CA SER F 119 -47.37 20.30 16.77
C SER F 119 -48.60 19.41 16.90
N ASP F 120 -49.53 19.47 15.95
CA ASP F 120 -50.73 18.65 16.01
C ASP F 120 -50.44 17.18 15.68
N LEU F 121 -49.34 16.89 14.99
CA LEU F 121 -49.02 15.53 14.61
C LEU F 121 -48.52 14.73 15.82
N PRO F 122 -48.82 13.44 15.88
CA PRO F 122 -48.36 12.61 17.00
C PRO F 122 -47.04 11.89 16.75
N SER F 123 -46.38 12.13 15.62
CA SER F 123 -45.13 11.47 15.27
C SER F 123 -43.90 12.28 15.66
N ARG F 124 -43.98 13.04 16.75
CA ARG F 124 -42.87 13.89 17.18
C ARG F 124 -41.59 13.10 17.36
N THR F 125 -40.50 13.60 16.76
CA THR F 125 -39.18 13.02 16.94
C THR F 125 -38.21 13.93 17.67
N VAL F 126 -38.53 15.21 17.81
CA VAL F 126 -37.71 16.18 18.53
C VAL F 126 -38.49 16.61 19.76
N ASP F 127 -37.98 16.26 20.94
CA ASP F 127 -38.64 16.62 22.18
C ASP F 127 -38.53 18.13 22.41
N THR F 128 -39.41 18.64 23.29
CA THR F 128 -39.46 20.07 23.55
C THR F 128 -38.17 20.57 24.18
N LYS F 129 -37.59 19.77 25.08
CA LYS F 129 -36.37 20.18 25.77
C LYS F 129 -35.23 20.40 24.79
N GLN F 130 -35.15 19.57 23.74
CA GLN F 130 -34.10 19.73 22.75
C GLN F 130 -34.17 21.08 22.05
N ALA F 131 -35.38 21.51 21.69
CA ALA F 131 -35.54 22.79 21.00
C ALA F 131 -35.36 23.97 21.95
N GLN F 132 -35.82 23.85 23.19
CA GLN F 132 -35.64 24.93 24.16
C GLN F 132 -34.17 25.18 24.44
N ASP F 133 -33.38 24.09 24.57
CA ASP F 133 -31.95 24.25 24.81
C ASP F 133 -31.26 24.91 23.63
N LEU F 134 -31.62 24.52 22.40
CA LEU F 134 -31.03 25.13 21.22
C LEU F 134 -31.38 26.62 21.14
N ALA F 135 -32.63 26.96 21.41
CA ALA F 135 -33.04 28.36 21.41
C ALA F 135 -32.33 29.15 22.49
N ARG F 136 -32.19 28.56 23.69
CA ARG F 136 -31.48 29.23 24.77
C ARG F 136 -30.02 29.46 24.42
N SER F 137 -29.39 28.47 23.77
CA SER F 137 -28.00 28.64 23.35
C SER F 137 -27.86 29.76 22.34
N TYR F 138 -28.90 30.02 21.55
CA TYR F 138 -28.90 31.10 20.59
C TYR F 138 -29.38 32.43 21.18
N GLY F 139 -29.84 32.42 22.42
CA GLY F 139 -30.44 33.62 22.99
C GLY F 139 -31.72 34.05 22.32
N ILE F 140 -32.57 33.10 21.94
CA ILE F 140 -33.77 33.39 21.16
C ILE F 140 -34.95 32.68 21.79
N PRO F 141 -36.16 33.20 21.62
CA PRO F 141 -37.35 32.48 22.08
C PRO F 141 -37.68 31.30 21.17
N PHE F 142 -38.36 30.32 21.75
CA PHE F 142 -38.83 29.14 21.03
C PHE F 142 -40.35 29.04 21.19
N ILE F 143 -41.04 28.85 20.07
N ILE F 143 -41.05 28.85 20.07
CA ILE F 143 -42.50 28.77 20.03
CA ILE F 143 -42.49 28.76 20.06
C ILE F 143 -42.88 27.51 19.25
C ILE F 143 -42.91 27.55 19.23
N GLU F 144 -43.81 26.73 19.78
CA GLU F 144 -44.35 25.57 19.08
C GLU F 144 -45.62 26.00 18.34
N THR F 145 -45.67 25.72 17.04
CA THR F 145 -46.75 26.18 16.19
C THR F 145 -47.39 25.01 15.46
N SER F 146 -48.62 25.24 15.01
CA SER F 146 -49.35 24.27 14.18
C SER F 146 -50.21 25.05 13.21
N ALA F 147 -49.77 25.13 11.95
CA ALA F 147 -50.52 25.89 10.94
C ALA F 147 -51.89 25.32 10.68
N LYS F 148 -52.10 24.02 10.94
CA LYS F 148 -53.41 23.42 10.76
C LYS F 148 -54.41 23.96 11.76
N THR F 149 -54.03 24.02 13.03
CA THR F 149 -54.92 24.47 14.10
C THR F 149 -54.69 25.92 14.53
N ARG F 150 -53.74 26.62 13.90
CA ARG F 150 -53.37 28.00 14.19
C ARG F 150 -52.82 28.14 15.60
N GLN F 151 -52.45 27.06 16.27
CA GLN F 151 -51.90 27.16 17.62
C GLN F 151 -50.52 27.81 17.58
N GLY F 152 -50.40 28.96 18.24
CA GLY F 152 -49.15 29.66 18.35
C GLY F 152 -48.64 30.29 17.08
N VAL F 153 -49.43 30.30 16.00
CA VAL F 153 -48.98 30.92 14.75
C VAL F 153 -48.85 32.43 14.93
N ASP F 154 -49.85 33.05 15.54
CA ASP F 154 -49.78 34.48 15.80
C ASP F 154 -48.72 34.79 16.85
N ASP F 155 -48.53 33.88 17.81
CA ASP F 155 -47.52 34.08 18.84
C ASP F 155 -46.12 34.14 18.25
N ALA F 156 -45.83 33.27 17.28
CA ALA F 156 -44.50 33.23 16.68
C ALA F 156 -44.17 34.54 15.96
N PHE F 157 -45.12 35.04 15.17
CA PHE F 157 -44.87 36.27 14.43
C PHE F 157 -44.86 37.48 15.35
N TYR F 158 -45.75 37.51 16.34
CA TYR F 158 -45.81 38.64 17.26
C TYR F 158 -44.54 38.74 18.10
N THR F 159 -44.01 37.58 18.54
CA THR F 159 -42.77 37.59 19.32
C THR F 159 -41.61 38.10 18.49
N LEU F 160 -41.53 37.71 17.21
CA LEU F 160 -40.46 38.18 16.34
C LEU F 160 -40.51 39.69 16.20
N VAL F 161 -41.71 40.26 16.06
CA VAL F 161 -41.84 41.71 16.01
C VAL F 161 -41.36 42.34 17.31
N ARG F 162 -41.71 41.72 18.44
CA ARG F 162 -41.21 42.19 19.73
C ARG F 162 -39.69 42.07 19.80
N GLU F 163 -39.14 40.99 19.24
CA GLU F 163 -37.69 40.86 19.18
C GLU F 163 -37.05 41.97 18.35
N ILE F 164 -37.69 42.32 17.24
CA ILE F 164 -37.19 43.44 16.43
C ILE F 164 -37.29 44.74 17.22
N ARG F 165 -38.42 44.96 17.90
CA ARG F 165 -38.60 46.18 18.69
C ARG F 165 -37.58 46.25 19.83
N LYS F 166 -37.35 45.11 20.51
CA LYS F 166 -36.37 45.10 21.60
C LYS F 166 -34.96 45.33 21.08
N HIS F 167 -34.67 44.88 19.86
CA HIS F 167 -33.38 45.15 19.25
C HIS F 167 -33.20 46.62 18.95
N LYS F 168 -34.28 47.29 18.49
CA LYS F 168 -34.17 48.67 18.05
C LYS F 168 -34.03 49.64 19.22
N GLU F 169 -34.60 49.32 20.38
CA GLU F 169 -34.45 50.19 21.54
C GLU F 169 -33.05 50.10 22.15
N LYS F 170 -32.28 49.08 21.79
CA LYS F 170 -30.91 48.96 22.27
C LYS F 170 -30.00 49.96 21.54
ZN ZN G . -35.13 -30.55 -3.11
ZN ZN H . -30.59 -25.42 1.25
PB GDP I . -42.62 24.66 2.96
O1B GDP I . -42.06 25.21 4.25
O2B GDP I . -41.48 24.20 2.10
O3B GDP I . -43.42 25.73 2.25
O3A GDP I . -43.57 23.41 3.32
PA GDP I . -45.16 23.48 3.11
O1A GDP I . -45.73 24.72 3.76
O2A GDP I . -45.50 23.45 1.64
O5' GDP I . -45.66 22.15 3.83
C5' GDP I . -45.76 20.94 3.10
C4' GDP I . -46.67 19.95 3.83
O4' GDP I . -46.53 20.10 5.24
C3' GDP I . -48.12 20.22 3.49
O3' GDP I . -48.63 19.16 2.66
C2' GDP I . -48.87 20.24 4.81
O2' GDP I . -49.88 19.24 4.82
C1' GDP I . -47.81 19.95 5.87
N9 GDP I . -47.96 20.89 7.01
C8 GDP I . -47.52 22.16 7.04
N7 GDP I . -47.82 22.75 8.23
C5 GDP I . -48.47 21.84 8.98
C6 GDP I . -49.08 21.80 10.33
O6 GDP I . -49.04 22.79 11.08
N1 GDP I . -49.67 20.66 10.73
C2 GDP I . -49.72 19.57 9.94
N2 GDP I . -50.33 18.46 10.41
N3 GDP I . -49.19 19.54 8.68
C4 GDP I . -48.57 20.61 8.16
N3 WYL J . -19.61 26.17 3.42
C5 WYL J . -21.35 26.39 2.06
C6 WYL J . -19.69 28.34 2.36
C7 WYL J . -19.21 28.86 3.72
C10 WYL J . -20.66 29.34 1.66
C15 WYL J . -24.04 23.51 0.89
C17 WYL J . -25.61 21.65 1.45
C20 WYL J . -27.72 21.85 2.62
C21 WYL J . -27.64 21.03 0.24
C22 WYL J . -28.89 22.81 2.85
C24 WYL J . -30.01 21.42 1.11
C26 WYL J . -30.65 23.78 1.38
C1 WYL J . -21.36 25.14 2.63
C11 WYL J . -20.58 29.19 0.15
C12 WYL J . -20.35 30.79 2.05
C14 WYL J . -23.26 24.70 1.38
C16 WYL J . -24.83 22.84 2.00
C18 WYL J . -29.48 22.65 4.23
C23 WYL J . -29.09 21.30 -0.10
C29 WYL J . -32.19 25.84 0.65
C30 WYL J . -32.40 24.57 0.16
C31 WYL J . -31.15 25.99 1.55
C34 WYL J . -30.83 27.31 2.11
C36 WYL J . -31.00 29.31 2.62
C37 WYL J . -32.80 30.88 2.29
C39 WYL J . -30.09 30.82 0.01
C41 WYL J . -28.72 32.67 0.93
C43 WYL J . -29.72 31.70 1.08
C44 WYL J . -31.39 30.71 2.88
C45 WYL J . -31.43 30.81 4.42
C46 WYL J . -31.40 32.23 4.93
C47 WYL J . -30.07 32.87 4.64
C48 WYL J . -29.71 32.60 3.21
C49 WYL J . -30.28 31.67 2.40
C50 WYL J . -17.27 29.47 5.11
C51 WYL J . -17.60 30.94 5.38
C52 WYL J . -15.77 29.25 4.87
C55 WYL J . -15.70 28.37 3.62
C56 WYL J . -16.90 28.82 2.81
C59 WYL J . -19.83 32.45 7.62
C60 WYL J . -18.46 32.58 6.98
C61 WYL J . -17.04 34.56 9.89
C62 WYL J . -17.92 33.87 9.08
C63 WYL J . -17.50 33.33 7.86
C64 WYL J . -16.17 33.54 7.48
C65 WYL J . -15.30 34.24 8.30
C66 WYL J . -15.72 34.77 9.50
C68 WYL J . -12.84 36.22 11.60
C70 WYL J . -14.79 35.52 10.37
C71 WYL J . -14.92 36.69 11.07
C72 WYL J . -16.13 37.57 11.16
N19 WYL J . -27.07 21.94 1.30
N2 WYL J . -20.28 25.04 3.46
N25 WYL J . -29.87 22.71 1.80
N27 WYL J . -30.38 24.97 1.94
N28 WYL J . -31.64 23.52 0.52
N33 WYL J . -29.68 27.57 2.69
N35 WYL J . -31.68 28.39 2.05
N38 WYL J . -30.44 30.16 -0.85
N4 WYL J . -20.26 27.00 2.57
N40 WYL J . -28.00 32.96 -0.16
N53 WYL J . -17.99 31.24 6.61
N67 WYL J . -13.79 37.08 11.77
N8 WYL J . -17.89 29.05 3.86
O13 WYL J . -22.30 24.22 2.35
O32 WYL J . -29.79 28.92 3.05
O54 WYL J . -17.53 31.76 4.47
O57 WYL J . -15.91 27.00 3.97
O58 WYL J . -20.76 31.89 6.71
O9 WYL J . -19.98 29.02 4.65
S42 WYL J . -28.50 33.54 2.41
S69 WYL J . -13.19 34.88 10.59
#